data_4MKV
#
_entry.id   4MKV
#
_cell.length_a   110.440
_cell.length_b   110.230
_cell.length_c   203.160
_cell.angle_alpha   90.00
_cell.angle_beta   90.00
_cell.angle_gamma   90.00
#
_symmetry.space_group_name_H-M   'P 21 2 21'
#
loop_
_entity.id
_entity.type
_entity.pdbx_description
1 polymer 'Ribulose bisphosphate carboxylase large chain'
2 polymer 'Ribulose bisphosphate carboxylase small chain 3A, chloroplastic'
3 non-polymer RIBULOSE-1,5-DIPHOSPHATE
4 non-polymer 'PHOSPHATE ION'
5 non-polymer '(2Z,4E)-5-[(1S)-1-hydroxy-2,6,6-trimethyl-4-oxocyclohex-2-en-1-yl]-3-methylpenta-2,4-dienoic acid'
6 water water
#
loop_
_entity_poly.entity_id
_entity_poly.type
_entity_poly.pdbx_seq_one_letter_code
_entity_poly.pdbx_strand_id
1 'polypeptide(L)'
;GFKAGVKDYKLTYYTPDYQTKDTDILAAFRVTPQPGVPPEEAGAAVAAESSTGTWTTVWTDGLTSLDRYKGRCYEIEPVP
GEDNQFIAYVAYPLDLFEEGSVTNMFTSIVGNVFGFKALRALRLEDLRIPYAYVKTFQGPPHGIQVERDKLNKYGRPLLG
CTIKPKLGLSAKNYGRAVYECLRGGLDFTKDDENVNSQPFMRWRDRFLFCAEAIYKSQAETGEIKGHYLNATAGTCEEML
KRAVFARELGVPIVMHDYLTGGFTANTTLSHYCRDNGLLLHIHRAMHAVIDRQKNHGMHFRVLAKALRLSGGDHIHAGTV
VGKLEGEREITLGFVDLLRDDYIKKDRSRGIYFTQDWVSLPGVIPVASGGIHVWHMPALTEIFGDDSVLQFGGGTLGHPW
GNAPGAVANRVALEACVQARNEGRDLAREGNAIIREACKWSPELAAACEVWKEIKFEF
;
A,B,C,D
2 'polypeptide(L)'
;MQVWPPIGKKKFETLSYLPPLTRDQLLKEVEYLLRKGWVPCLEFELKKGFVYREHNKSPGYYDGRYWTMWKLPMFGTTDA
SQVLKELDEVKKAYPRAFVRIIGFDNVRQVQCISFIAHTPAGY
;
S,T,U,V
#
loop_
_chem_comp.id
_chem_comp.type
_chem_comp.name
_chem_comp.formula
A8S non-polymer '(2Z,4E)-5-[(1S)-1-hydroxy-2,6,6-trimethyl-4-oxocyclohex-2-en-1-yl]-3-methylpenta-2,4-dienoic acid' 'C15 H20 O4'
PO4 non-polymer 'PHOSPHATE ION' 'O4 P -3'
RUB saccharide RIBULOSE-1,5-DIPHOSPHATE 'C5 H12 O11 P2'
#
# COMPACT_ATOMS: atom_id res chain seq x y z
N GLY A 1 -32.97 -47.16 36.27
CA GLY A 1 -32.11 -47.47 37.42
C GLY A 1 -30.65 -47.67 37.03
N PHE A 2 -29.71 -47.11 37.83
CA PHE A 2 -28.27 -47.28 37.53
C PHE A 2 -27.75 -48.59 38.09
N LYS A 3 -27.17 -49.42 37.21
CA LYS A 3 -26.58 -50.69 37.61
C LYS A 3 -25.15 -50.72 37.09
N ALA A 4 -24.16 -50.61 38.01
CA ALA A 4 -22.73 -50.66 37.67
C ALA A 4 -22.36 -52.04 37.07
N GLY A 5 -21.39 -52.06 36.16
CA GLY A 5 -20.93 -53.29 35.53
C GLY A 5 -20.97 -53.26 34.02
N VAL A 6 -20.33 -54.25 33.41
CA VAL A 6 -20.21 -54.37 31.96
C VAL A 6 -21.44 -55.08 31.39
N LYS A 7 -21.99 -54.55 30.29
CA LYS A 7 -23.09 -55.12 29.51
C LYS A 7 -22.60 -55.19 28.06
N ASP A 8 -23.27 -55.98 27.20
CA ASP A 8 -22.93 -56.04 25.79
C ASP A 8 -23.26 -54.71 25.13
N TYR A 9 -22.42 -54.28 24.17
CA TYR A 9 -22.62 -53.05 23.42
C TYR A 9 -23.90 -53.15 22.58
N LYS A 10 -24.21 -54.37 22.04
CA LYS A 10 -25.39 -54.67 21.20
C LYS A 10 -26.74 -54.33 21.83
N LEU A 11 -26.80 -54.27 23.17
CA LEU A 11 -27.99 -53.91 23.92
C LEU A 11 -28.43 -52.47 23.69
N THR A 12 -27.49 -51.53 23.57
CA THR A 12 -27.85 -50.12 23.36
C THR A 12 -27.51 -49.65 21.92
N TYR A 13 -26.40 -50.19 21.35
CA TYR A 13 -25.80 -49.73 20.10
C TYR A 13 -26.10 -50.48 18.79
N TYR A 14 -26.83 -51.59 18.86
CA TYR A 14 -27.24 -52.29 17.66
C TYR A 14 -28.76 -52.08 17.54
N THR A 15 -29.20 -51.32 16.52
CA THR A 15 -30.60 -50.97 16.30
C THR A 15 -30.98 -51.28 14.84
N PRO A 16 -31.25 -52.56 14.49
CA PRO A 16 -31.53 -52.89 13.08
C PRO A 16 -32.83 -52.34 12.50
N ASP A 17 -33.74 -51.80 13.34
CA ASP A 17 -35.01 -51.21 12.90
C ASP A 17 -34.92 -49.69 12.78
N TYR A 18 -33.73 -49.13 13.03
CA TYR A 18 -33.52 -47.69 12.96
C TYR A 18 -33.67 -47.14 11.56
N GLN A 19 -34.46 -46.06 11.45
CA GLN A 19 -34.70 -45.34 10.20
C GLN A 19 -33.77 -44.14 10.24
N THR A 20 -32.75 -44.15 9.35
CA THR A 20 -31.81 -43.03 9.30
C THR A 20 -32.54 -41.72 9.00
N LYS A 21 -32.04 -40.62 9.61
CA LYS A 21 -32.60 -39.30 9.37
C LYS A 21 -31.69 -38.63 8.35
N ASP A 22 -32.24 -37.65 7.59
CA ASP A 22 -31.48 -36.90 6.59
C ASP A 22 -30.40 -36.02 7.21
N THR A 23 -30.46 -35.85 8.55
CA THR A 23 -29.48 -35.06 9.31
C THR A 23 -28.35 -35.92 9.86
N ASP A 24 -28.50 -37.25 9.83
CA ASP A 24 -27.45 -38.15 10.33
C ASP A 24 -26.25 -38.23 9.42
N ILE A 25 -25.06 -38.37 10.04
CA ILE A 25 -23.84 -38.68 9.33
C ILE A 25 -23.90 -40.21 9.32
N LEU A 26 -23.75 -40.81 8.15
CA LEU A 26 -23.74 -42.29 8.03
C LEU A 26 -22.35 -42.75 7.66
N ALA A 27 -21.92 -43.88 8.24
CA ALA A 27 -20.61 -44.43 7.98
C ALA A 27 -20.69 -45.88 7.54
N ALA A 28 -19.93 -46.25 6.49
CA ALA A 28 -19.85 -47.61 5.99
C ALA A 28 -18.46 -48.14 6.38
N PHE A 29 -18.40 -48.94 7.44
CA PHE A 29 -17.14 -49.54 7.91
C PHE A 29 -17.02 -50.99 7.44
N ARG A 30 -15.89 -51.37 6.88
CA ARG A 30 -15.56 -52.75 6.54
C ARG A 30 -14.84 -53.33 7.79
N VAL A 31 -15.54 -54.15 8.56
CA VAL A 31 -15.11 -54.70 9.84
C VAL A 31 -14.62 -56.15 9.70
N THR A 32 -13.46 -56.45 10.27
CA THR A 32 -12.93 -57.81 10.34
C THR A 32 -12.82 -58.09 11.85
N PRO A 33 -13.80 -58.83 12.42
CA PRO A 33 -13.74 -59.08 13.86
C PRO A 33 -12.74 -60.18 14.24
N GLN A 34 -12.40 -60.27 15.53
CA GLN A 34 -11.57 -61.36 16.04
C GLN A 34 -12.49 -62.60 16.08
N PRO A 35 -11.97 -63.84 15.91
CA PRO A 35 -12.85 -65.03 15.99
C PRO A 35 -13.59 -65.09 17.31
N GLY A 36 -14.89 -65.41 17.25
CA GLY A 36 -15.73 -65.49 18.44
C GLY A 36 -16.45 -64.21 18.77
N VAL A 37 -16.15 -63.11 18.04
CA VAL A 37 -16.83 -61.83 18.24
C VAL A 37 -17.96 -61.76 17.20
N PRO A 38 -19.24 -61.79 17.64
CA PRO A 38 -20.35 -61.74 16.67
C PRO A 38 -20.42 -60.38 15.96
N PRO A 39 -20.83 -60.35 14.67
CA PRO A 39 -20.90 -59.05 13.95
C PRO A 39 -21.72 -57.96 14.62
N GLU A 40 -22.85 -58.33 15.28
CA GLU A 40 -23.76 -57.41 15.97
C GLU A 40 -23.05 -56.72 17.12
N GLU A 41 -22.17 -57.46 17.83
CA GLU A 41 -21.38 -56.92 18.91
C GLU A 41 -20.23 -56.06 18.41
N ALA A 42 -19.51 -56.51 17.37
CA ALA A 42 -18.38 -55.75 16.80
C ALA A 42 -18.88 -54.42 16.21
N GLY A 43 -20.02 -54.46 15.51
CA GLY A 43 -20.68 -53.31 14.91
C GLY A 43 -21.12 -52.31 15.96
N ALA A 44 -21.81 -52.83 17.01
CA ALA A 44 -22.27 -52.02 18.16
C ALA A 44 -21.08 -51.42 18.93
N ALA A 45 -19.96 -52.16 19.06
CA ALA A 45 -18.76 -51.63 19.74
C ALA A 45 -18.21 -50.44 18.94
N VAL A 46 -18.21 -50.54 17.58
CA VAL A 46 -17.77 -49.46 16.69
C VAL A 46 -18.65 -48.23 16.92
N ALA A 47 -20.01 -48.41 16.85
CA ALA A 47 -20.99 -47.33 17.06
C ALA A 47 -20.83 -46.67 18.45
N ALA A 48 -20.65 -47.46 19.51
CA ALA A 48 -20.51 -46.98 20.89
C ALA A 48 -19.27 -46.15 21.15
N GLU A 49 -18.09 -46.68 20.83
CA GLU A 49 -16.83 -45.99 21.11
C GLU A 49 -16.51 -44.79 20.20
N SER A 50 -17.23 -44.67 19.09
CA SER A 50 -17.09 -43.53 18.17
C SER A 50 -18.19 -42.48 18.46
N SER A 51 -19.01 -42.69 19.53
CA SER A 51 -20.07 -41.75 19.86
C SER A 51 -20.23 -41.38 21.34
N THR A 52 -20.95 -42.19 22.14
CA THR A 52 -21.26 -41.89 23.53
C THR A 52 -20.86 -42.96 24.54
N GLY A 53 -20.67 -44.19 24.08
CA GLY A 53 -20.39 -45.31 24.97
C GLY A 53 -18.99 -45.47 25.49
N THR A 54 -18.87 -46.26 26.57
CA THR A 54 -17.63 -46.73 27.16
C THR A 54 -17.77 -48.21 27.49
N TRP A 55 -16.70 -48.84 28.02
CA TRP A 55 -16.62 -50.26 28.32
C TRP A 55 -17.50 -50.76 29.49
N THR A 56 -17.92 -49.85 30.40
CA THR A 56 -18.79 -50.14 31.57
C THR A 56 -19.91 -49.14 31.65
N THR A 57 -20.96 -49.50 32.38
CA THR A 57 -22.10 -48.62 32.59
C THR A 57 -21.73 -47.42 33.47
N VAL A 58 -22.06 -46.21 32.99
CA VAL A 58 -21.84 -44.97 33.73
C VAL A 58 -23.19 -44.39 34.14
N TRP A 59 -23.31 -43.91 35.38
CA TRP A 59 -24.56 -43.33 35.90
C TRP A 59 -24.99 -42.07 35.17
N THR A 60 -23.99 -41.29 34.71
CA THR A 60 -24.16 -40.02 33.98
C THR A 60 -25.01 -40.14 32.73
N ASP A 61 -25.16 -41.34 32.15
CA ASP A 61 -26.00 -41.56 30.94
C ASP A 61 -27.45 -41.11 31.20
N GLY A 62 -27.91 -41.27 32.45
CA GLY A 62 -29.24 -40.90 32.89
C GLY A 62 -29.50 -39.41 32.98
N LEU A 63 -28.43 -38.59 33.03
CA LEU A 63 -28.58 -37.12 33.09
C LEU A 63 -28.92 -36.58 31.70
N THR A 64 -28.56 -37.35 30.67
CA THR A 64 -28.82 -37.01 29.27
C THR A 64 -29.75 -38.04 28.61
N SER A 65 -29.93 -37.91 27.28
CA SER A 65 -30.74 -38.84 26.52
C SER A 65 -29.88 -39.54 25.47
N LEU A 66 -29.47 -40.77 25.79
CA LEU A 66 -28.69 -41.57 24.84
C LEU A 66 -29.45 -41.79 23.54
N ASP A 67 -30.80 -41.91 23.60
CA ASP A 67 -31.63 -42.12 22.41
C ASP A 67 -31.37 -41.02 21.38
N ARG A 68 -31.20 -39.80 21.87
CA ARG A 68 -30.95 -38.60 21.07
C ARG A 68 -29.52 -38.52 20.55
N TYR A 69 -28.53 -38.93 21.37
CA TYR A 69 -27.11 -38.75 21.05
C TYR A 69 -26.31 -39.93 20.57
N LYS A 70 -26.69 -41.16 20.94
CA LYS A 70 -25.91 -42.35 20.55
C LYS A 70 -25.71 -42.57 19.04
N GLY A 71 -24.56 -43.11 18.71
CA GLY A 71 -24.23 -43.61 17.38
C GLY A 71 -24.92 -44.96 17.33
N ARG A 72 -25.37 -45.41 16.15
CA ARG A 72 -26.13 -46.67 16.11
C ARG A 72 -25.71 -47.50 14.95
N CYS A 73 -25.42 -48.80 15.17
CA CYS A 73 -25.19 -49.69 14.06
C CYS A 73 -26.58 -50.16 13.64
N TYR A 74 -27.04 -49.73 12.49
CA TYR A 74 -28.40 -49.99 12.03
C TYR A 74 -28.49 -51.08 10.95
N GLU A 75 -27.35 -51.49 10.41
CA GLU A 75 -27.29 -52.47 9.36
C GLU A 75 -25.95 -53.17 9.34
N ILE A 76 -25.98 -54.50 9.27
CA ILE A 76 -24.84 -55.39 9.13
C ILE A 76 -24.94 -56.12 7.80
N GLU A 77 -23.93 -55.98 6.97
CA GLU A 77 -23.96 -56.57 5.65
C GLU A 77 -22.80 -57.59 5.43
N PRO A 78 -23.05 -58.93 5.59
CA PRO A 78 -21.98 -59.92 5.33
C PRO A 78 -21.46 -59.82 3.89
N VAL A 79 -20.13 -59.81 3.76
CA VAL A 79 -19.35 -59.61 2.55
C VAL A 79 -18.60 -60.93 2.11
N PRO A 80 -18.32 -61.15 0.80
CA PRO A 80 -17.64 -62.40 0.41
C PRO A 80 -16.23 -62.56 0.98
N GLY A 81 -15.90 -63.81 1.25
CA GLY A 81 -14.64 -64.26 1.83
C GLY A 81 -14.94 -65.09 3.07
N GLU A 82 -14.03 -65.06 4.09
CA GLU A 82 -14.09 -65.69 5.44
C GLU A 82 -12.71 -65.88 6.11
N ASP A 83 -12.15 -64.87 6.86
CA ASP A 83 -12.57 -63.49 7.16
C ASP A 83 -13.67 -63.22 8.20
N ASN A 84 -14.94 -63.56 7.89
CA ASN A 84 -16.14 -63.22 8.66
C ASN A 84 -16.29 -61.68 8.66
N GLN A 85 -15.83 -61.06 7.54
CA GLN A 85 -15.86 -59.64 7.26
C GLN A 85 -17.29 -59.20 6.95
N PHE A 86 -17.61 -57.96 7.29
CA PHE A 86 -18.92 -57.40 7.00
C PHE A 86 -18.83 -55.89 6.88
N ILE A 87 -19.90 -55.29 6.38
CA ILE A 87 -20.02 -53.85 6.33
C ILE A 87 -21.01 -53.48 7.44
N ALA A 88 -20.54 -52.66 8.40
CA ALA A 88 -21.36 -52.16 9.51
C ALA A 88 -21.73 -50.72 9.17
N TYR A 89 -23.03 -50.46 9.04
CA TYR A 89 -23.53 -49.14 8.73
C TYR A 89 -23.86 -48.47 10.04
N VAL A 90 -23.22 -47.31 10.28
CA VAL A 90 -23.39 -46.58 11.55
C VAL A 90 -23.99 -45.21 11.30
N ALA A 91 -25.00 -44.83 12.08
CA ALA A 91 -25.65 -43.52 11.97
C ALA A 91 -25.31 -42.67 13.19
N TYR A 92 -24.82 -41.46 12.95
CA TYR A 92 -24.43 -40.53 14.04
C TYR A 92 -25.30 -39.32 13.98
N PRO A 93 -25.97 -38.94 15.09
CA PRO A 93 -26.83 -37.74 15.05
C PRO A 93 -26.04 -36.45 14.77
N LEU A 94 -26.69 -35.49 14.09
CA LEU A 94 -26.07 -34.20 13.73
C LEU A 94 -25.48 -33.45 14.94
N ASP A 95 -26.14 -33.54 16.12
CA ASP A 95 -25.72 -32.89 17.37
C ASP A 95 -24.36 -33.27 17.92
N LEU A 96 -23.81 -34.37 17.46
CA LEU A 96 -22.52 -34.83 17.93
C LEU A 96 -21.36 -34.04 17.35
N PHE A 97 -21.61 -33.31 16.25
CA PHE A 97 -20.52 -32.67 15.50
C PHE A 97 -20.36 -31.18 15.65
N GLU A 98 -19.10 -30.71 15.70
CA GLU A 98 -18.82 -29.28 15.75
C GLU A 98 -18.97 -28.76 14.32
N GLU A 99 -19.79 -27.73 14.13
CA GLU A 99 -20.05 -27.07 12.86
C GLU A 99 -18.75 -26.57 12.24
N GLY A 100 -18.57 -26.82 10.94
CA GLY A 100 -17.42 -26.39 10.17
C GLY A 100 -16.08 -26.98 10.56
N SER A 101 -16.09 -28.09 11.33
CA SER A 101 -14.85 -28.74 11.79
C SER A 101 -14.67 -30.19 11.28
N VAL A 102 -13.84 -30.39 10.22
CA VAL A 102 -13.53 -31.72 9.72
C VAL A 102 -12.77 -32.47 10.83
N THR A 103 -11.89 -31.76 11.56
CA THR A 103 -11.12 -32.28 12.68
C THR A 103 -12.04 -33.01 13.67
N ASN A 104 -13.15 -32.34 14.08
CA ASN A 104 -14.09 -32.92 15.03
C ASN A 104 -14.80 -34.14 14.47
N MET A 105 -15.20 -34.09 13.19
CA MET A 105 -15.88 -35.20 12.54
C MET A 105 -15.01 -36.44 12.55
N PHE A 106 -13.73 -36.31 12.13
CA PHE A 106 -12.74 -37.41 12.15
C PHE A 106 -12.43 -37.88 13.55
N THR A 107 -12.28 -36.95 14.51
CA THR A 107 -11.99 -37.33 15.90
C THR A 107 -13.00 -38.32 16.45
N SER A 108 -14.29 -38.07 16.23
CA SER A 108 -15.28 -39.00 16.73
C SER A 108 -15.36 -40.31 15.92
N ILE A 109 -15.59 -40.21 14.61
CA ILE A 109 -15.77 -41.36 13.75
C ILE A 109 -14.56 -42.32 13.66
N VAL A 110 -13.35 -41.78 13.53
CA VAL A 110 -12.15 -42.60 13.34
C VAL A 110 -11.10 -42.50 14.47
N GLY A 111 -11.48 -41.82 15.56
CA GLY A 111 -10.60 -41.56 16.68
C GLY A 111 -9.99 -42.74 17.42
N ASN A 112 -10.80 -43.70 17.87
CA ASN A 112 -10.33 -44.80 18.71
C ASN A 112 -10.68 -46.20 18.24
N VAL A 113 -11.79 -46.35 17.51
CA VAL A 113 -12.33 -47.65 17.09
C VAL A 113 -11.38 -48.57 16.29
N PHE A 114 -10.45 -47.99 15.52
CA PHE A 114 -9.49 -48.78 14.73
C PHE A 114 -8.48 -49.57 15.57
N GLY A 115 -8.35 -49.25 16.86
CA GLY A 115 -7.42 -49.91 17.76
C GLY A 115 -8.01 -50.97 18.67
N PHE A 116 -9.31 -51.27 18.50
CA PHE A 116 -10.04 -52.25 19.29
C PHE A 116 -9.41 -53.63 19.27
N LYS A 117 -9.09 -54.19 20.46
CA LYS A 117 -8.53 -55.55 20.57
C LYS A 117 -9.50 -56.58 19.96
N ALA A 118 -10.81 -56.37 20.12
CA ALA A 118 -11.92 -57.21 19.62
C ALA A 118 -12.05 -57.23 18.08
N LEU A 119 -11.20 -56.46 17.37
CA LEU A 119 -11.17 -56.43 15.89
C LEU A 119 -9.78 -56.81 15.41
N ARG A 120 -9.70 -57.38 14.22
CA ARG A 120 -8.44 -57.67 13.56
C ARG A 120 -8.08 -56.50 12.63
N ALA A 121 -9.11 -55.93 11.97
CA ALA A 121 -8.98 -54.85 10.99
C ALA A 121 -10.28 -54.06 10.87
N LEU A 122 -10.14 -52.81 10.40
CA LEU A 122 -11.25 -51.89 10.21
C LEU A 122 -10.90 -50.88 9.15
N ARG A 123 -11.81 -50.68 8.20
CA ARG A 123 -11.60 -49.67 7.18
C ARG A 123 -12.87 -48.86 7.00
N LEU A 124 -12.75 -47.52 7.06
CA LEU A 124 -13.89 -46.67 6.79
C LEU A 124 -13.95 -46.49 5.28
N GLU A 125 -15.01 -47.03 4.66
CA GLU A 125 -15.15 -46.97 3.21
C GLU A 125 -15.80 -45.72 2.68
N ASP A 126 -16.81 -45.18 3.40
CA ASP A 126 -17.55 -44.02 2.93
C ASP A 126 -18.23 -43.34 4.08
N LEU A 127 -18.59 -42.06 3.88
CA LEU A 127 -19.33 -41.24 4.85
C LEU A 127 -20.42 -40.49 4.12
N ARG A 128 -21.65 -40.54 4.61
CA ARG A 128 -22.71 -39.74 4.01
C ARG A 128 -22.70 -38.43 4.82
N ILE A 129 -22.23 -37.31 4.23
CA ILE A 129 -22.22 -36.01 4.95
C ILE A 129 -23.63 -35.44 4.78
N PRO A 130 -24.41 -35.27 5.85
CA PRO A 130 -25.76 -34.73 5.65
C PRO A 130 -25.68 -33.30 5.15
N TYR A 131 -26.60 -32.93 4.27
CA TYR A 131 -26.56 -31.60 3.67
C TYR A 131 -26.69 -30.48 4.70
N ALA A 132 -27.30 -30.74 5.87
CA ALA A 132 -27.43 -29.74 6.95
C ALA A 132 -26.04 -29.50 7.55
N TYR A 133 -25.15 -30.52 7.54
CA TYR A 133 -23.77 -30.39 8.03
C TYR A 133 -22.89 -29.71 6.97
N VAL A 134 -23.08 -30.05 5.70
CA VAL A 134 -22.38 -29.44 4.56
C VAL A 134 -22.46 -27.92 4.63
N LYS A 135 -23.66 -27.38 4.95
CA LYS A 135 -23.95 -25.95 5.06
C LYS A 135 -23.16 -25.19 6.11
N THR A 136 -22.54 -25.87 7.07
CA THR A 136 -21.74 -25.22 8.11
C THR A 136 -20.28 -25.01 7.65
N PHE A 137 -19.94 -25.46 6.44
CA PHE A 137 -18.59 -25.34 5.88
C PHE A 137 -18.55 -24.36 4.78
N GLN A 138 -17.42 -23.68 4.63
CA GLN A 138 -17.17 -22.77 3.52
C GLN A 138 -16.91 -23.63 2.26
N GLY A 139 -16.14 -24.70 2.41
CA GLY A 139 -15.78 -25.53 1.28
C GLY A 139 -14.73 -24.85 0.43
N PRO A 140 -14.62 -25.14 -0.89
CA PRO A 140 -13.52 -24.54 -1.67
C PRO A 140 -13.51 -23.03 -1.62
N PRO A 141 -12.33 -22.36 -1.49
CA PRO A 141 -12.33 -20.88 -1.55
C PRO A 141 -12.95 -20.36 -2.86
N HIS A 142 -12.84 -21.12 -3.99
CA HIS A 142 -13.43 -20.65 -5.25
C HIS A 142 -14.27 -21.70 -5.98
N GLY A 143 -13.66 -22.83 -6.26
CA GLY A 143 -14.36 -23.89 -6.97
C GLY A 143 -14.15 -23.79 -8.47
N ILE A 144 -14.57 -24.83 -9.20
CA ILE A 144 -14.37 -25.02 -10.66
C ILE A 144 -14.75 -23.80 -11.49
N GLN A 145 -16.03 -23.37 -11.45
CA GLN A 145 -16.53 -22.24 -12.24
C GLN A 145 -15.72 -20.97 -12.00
N VAL A 146 -15.55 -20.59 -10.72
CA VAL A 146 -14.85 -19.35 -10.37
C VAL A 146 -13.39 -19.40 -10.85
N GLU A 147 -12.71 -20.53 -10.63
CA GLU A 147 -11.34 -20.66 -11.06
C GLU A 147 -11.19 -20.43 -12.56
N ARG A 148 -12.03 -21.08 -13.41
CA ARG A 148 -12.02 -20.90 -14.88
C ARG A 148 -12.26 -19.51 -15.27
N ASP A 149 -13.20 -18.85 -14.57
CA ASP A 149 -13.56 -17.46 -14.81
C ASP A 149 -12.43 -16.53 -14.44
N LYS A 150 -11.75 -16.80 -13.34
CA LYS A 150 -10.62 -15.97 -12.94
C LYS A 150 -9.41 -16.07 -13.90
N LEU A 151 -9.12 -17.30 -14.36
CA LEU A 151 -7.98 -17.56 -15.22
C LEU A 151 -8.28 -17.41 -16.69
N ASN A 152 -9.57 -17.26 -17.07
CA ASN A 152 -10.03 -17.10 -18.44
C ASN A 152 -9.63 -18.33 -19.29
N LYS A 153 -9.76 -19.53 -18.72
CA LYS A 153 -9.39 -20.78 -19.36
C LYS A 153 -10.58 -21.69 -19.49
N TYR A 154 -10.96 -22.03 -20.73
CA TYR A 154 -12.13 -22.87 -20.98
C TYR A 154 -11.90 -23.90 -22.07
N GLY A 155 -12.63 -25.01 -21.97
CA GLY A 155 -12.71 -26.03 -22.99
C GLY A 155 -11.64 -27.08 -23.09
N ARG A 156 -10.88 -27.26 -22.04
CA ARG A 156 -9.83 -28.27 -22.01
C ARG A 156 -9.32 -28.45 -20.59
N PRO A 157 -8.69 -29.60 -20.28
CA PRO A 157 -8.05 -29.74 -18.97
C PRO A 157 -6.94 -28.70 -18.83
N LEU A 158 -6.62 -28.32 -17.59
CA LEU A 158 -5.52 -27.37 -17.36
C LEU A 158 -4.23 -28.16 -17.32
N LEU A 159 -3.10 -27.53 -17.64
CA LEU A 159 -1.82 -28.19 -17.68
C LEU A 159 -0.87 -27.63 -16.68
N GLY A 160 -0.30 -28.53 -15.91
CA GLY A 160 0.65 -28.22 -14.88
C GLY A 160 1.94 -29.02 -14.98
N CYS A 161 2.89 -28.66 -14.12
CA CYS A 161 4.20 -29.28 -14.09
C CYS A 161 4.87 -29.07 -12.75
N THR A 162 5.37 -30.15 -12.15
CA THR A 162 6.13 -30.03 -10.89
C THR A 162 7.61 -29.84 -11.18
N ILE A 163 8.23 -28.79 -10.59
CA ILE A 163 9.66 -28.55 -10.77
C ILE A 163 10.48 -29.67 -10.16
N LYS A 164 11.48 -30.18 -10.92
CA LYS A 164 12.34 -31.30 -10.51
C LYS A 164 13.81 -30.92 -10.58
N PRO A 165 14.75 -31.49 -9.76
CA PRO A 165 14.58 -32.47 -8.68
C PRO A 165 13.68 -31.93 -7.58
N LYS A 166 12.99 -32.84 -6.86
CA LYS A 166 12.07 -32.46 -5.79
C LYS A 166 12.73 -31.44 -4.84
N LEU A 167 13.98 -31.72 -4.44
CA LEU A 167 14.75 -30.89 -3.53
C LEU A 167 16.13 -30.65 -4.12
N GLY A 168 16.82 -29.62 -3.64
CA GLY A 168 18.17 -29.32 -4.11
C GLY A 168 18.37 -28.11 -5.00
N LEU A 169 17.30 -27.61 -5.63
CA LEU A 169 17.44 -26.42 -6.50
C LEU A 169 17.46 -25.13 -5.70
N SER A 170 18.21 -24.14 -6.16
CA SER A 170 18.28 -22.80 -5.56
C SER A 170 17.03 -22.02 -6.01
N ALA A 171 16.69 -20.91 -5.32
CA ALA A 171 15.58 -20.05 -5.68
C ALA A 171 15.67 -19.54 -7.14
N LYS A 172 16.88 -19.09 -7.58
CA LYS A 172 17.07 -18.56 -8.94
C LYS A 172 16.86 -19.62 -10.01
N ASN A 173 17.38 -20.85 -9.78
CA ASN A 173 17.22 -21.96 -10.72
C ASN A 173 15.79 -22.42 -10.78
N TYR A 174 15.08 -22.35 -9.64
CA TYR A 174 13.66 -22.67 -9.56
C TYR A 174 12.87 -21.72 -10.47
N GLY A 175 13.09 -20.42 -10.34
CA GLY A 175 12.43 -19.41 -11.15
C GLY A 175 12.76 -19.54 -12.63
N ARG A 176 14.00 -19.96 -12.93
CA ARG A 176 14.43 -20.16 -14.32
C ARG A 176 13.67 -21.34 -14.93
N ALA A 177 13.54 -22.45 -14.20
CA ALA A 177 12.85 -23.65 -14.65
C ALA A 177 11.38 -23.34 -14.83
N VAL A 178 10.82 -22.50 -13.93
CA VAL A 178 9.42 -22.04 -13.95
C VAL A 178 9.14 -21.26 -15.22
N TYR A 179 9.93 -20.21 -15.49
CA TYR A 179 9.74 -19.39 -16.67
C TYR A 179 9.77 -20.21 -17.96
N GLU A 180 10.74 -21.13 -18.07
CA GLU A 180 10.91 -21.98 -19.23
C GLU A 180 9.69 -22.90 -19.44
N CYS A 181 9.16 -23.53 -18.36
CA CYS A 181 7.96 -24.37 -18.44
C CYS A 181 6.74 -23.53 -18.88
N LEU A 182 6.45 -22.43 -18.17
CA LEU A 182 5.28 -21.59 -18.43
C LEU A 182 5.25 -20.98 -19.82
N ARG A 183 6.39 -20.48 -20.32
CA ARG A 183 6.49 -19.88 -21.65
C ARG A 183 6.20 -20.86 -22.83
N GLY A 184 6.31 -22.17 -22.58
CA GLY A 184 6.04 -23.24 -23.52
C GLY A 184 4.59 -23.72 -23.62
N GLY A 185 3.67 -23.15 -22.85
CA GLY A 185 2.27 -23.57 -22.96
C GLY A 185 1.59 -24.21 -21.76
N LEU A 186 2.32 -24.45 -20.66
CA LEU A 186 1.70 -24.96 -19.44
C LEU A 186 1.00 -23.78 -18.76
N ASP A 187 -0.15 -24.03 -18.13
CA ASP A 187 -0.88 -22.96 -17.46
C ASP A 187 -0.25 -22.74 -16.12
N PHE A 188 0.23 -23.82 -15.52
CA PHE A 188 0.82 -23.78 -14.19
C PHE A 188 2.10 -24.54 -14.06
N THR A 189 2.95 -24.10 -13.13
CA THR A 189 4.07 -24.83 -12.59
C THR A 189 3.78 -24.93 -11.09
N LYS A 190 4.53 -25.77 -10.37
CA LYS A 190 4.31 -25.86 -8.91
C LYS A 190 5.53 -26.27 -8.17
N ASP A 191 5.62 -25.85 -6.89
CA ASP A 191 6.65 -26.34 -5.97
C ASP A 191 6.30 -27.84 -5.72
N ASP A 192 7.29 -28.70 -5.47
CA ASP A 192 6.92 -30.08 -5.09
C ASP A 192 6.30 -29.97 -3.68
N GLU A 193 5.58 -31.01 -3.20
CA GLU A 193 4.96 -31.01 -1.87
C GLU A 193 5.94 -30.75 -0.69
N ASN A 194 7.19 -31.23 -0.81
CA ASN A 194 8.21 -31.12 0.23
C ASN A 194 9.06 -29.86 0.15
N VAL A 195 8.83 -29.04 -0.89
CA VAL A 195 9.49 -27.76 -1.01
C VAL A 195 8.72 -26.79 -0.11
N ASN A 196 9.30 -26.46 1.04
CA ASN A 196 8.68 -25.52 1.95
C ASN A 196 9.67 -24.34 2.08
N SER A 197 10.60 -24.44 3.05
CA SER A 197 11.67 -23.46 3.22
C SER A 197 12.82 -24.26 3.77
N GLN A 198 13.92 -24.37 3.03
CA GLN A 198 15.04 -25.23 3.42
C GLN A 198 16.41 -24.55 3.25
N PRO A 199 17.52 -25.10 3.81
CA PRO A 199 18.82 -24.43 3.61
C PRO A 199 19.21 -24.20 2.15
N PHE A 200 18.83 -25.10 1.24
CA PHE A 200 19.16 -24.99 -0.20
C PHE A 200 18.34 -23.89 -0.90
N MET A 201 17.18 -23.54 -0.31
CA MET A 201 16.26 -22.56 -0.87
C MET A 201 15.23 -22.13 0.16
N ARG A 202 15.31 -20.86 0.57
CA ARG A 202 14.41 -20.27 1.56
C ARG A 202 13.18 -19.82 0.80
N TRP A 203 12.00 -19.90 1.42
CA TRP A 203 10.75 -19.61 0.75
C TRP A 203 10.60 -18.24 0.11
N ARG A 204 10.96 -17.18 0.82
CA ARG A 204 10.73 -15.82 0.35
C ARG A 204 11.51 -15.55 -0.92
N ASP A 205 12.74 -16.11 -1.03
CA ASP A 205 13.59 -16.02 -2.20
C ASP A 205 12.91 -16.72 -3.35
N ARG A 206 12.36 -17.95 -3.12
CA ARG A 206 11.64 -18.69 -4.16
C ARG A 206 10.41 -17.94 -4.66
N PHE A 207 9.61 -17.40 -3.73
CA PHE A 207 8.38 -16.68 -4.04
C PHE A 207 8.64 -15.48 -4.95
N LEU A 208 9.68 -14.64 -4.64
N LEU A 208 9.69 -14.69 -4.62
CA LEU A 208 9.95 -13.51 -5.52
CA LEU A 208 10.12 -13.52 -5.37
C LEU A 208 10.48 -13.90 -6.90
C LEU A 208 10.51 -13.89 -6.82
N PHE A 209 11.41 -14.89 -6.99
CA PHE A 209 11.92 -15.34 -8.30
C PHE A 209 10.83 -15.99 -9.14
N CYS A 210 9.93 -16.77 -8.51
CA CYS A 210 8.80 -17.38 -9.21
C CYS A 210 7.80 -16.34 -9.67
N ALA A 211 7.64 -15.22 -8.93
CA ALA A 211 6.73 -14.15 -9.37
C ALA A 211 7.31 -13.50 -10.64
N GLU A 212 8.64 -13.27 -10.67
CA GLU A 212 9.32 -12.69 -11.84
C GLU A 212 9.08 -13.59 -13.06
N ALA A 213 9.21 -14.91 -12.89
CA ALA A 213 9.01 -15.94 -13.92
C ALA A 213 7.56 -15.96 -14.43
N ILE A 214 6.56 -15.90 -13.53
CA ILE A 214 5.13 -15.88 -13.88
C ILE A 214 4.85 -14.68 -14.79
N TYR A 215 5.26 -13.49 -14.36
CA TYR A 215 5.00 -12.26 -15.09
C TYR A 215 5.72 -12.16 -16.42
N LYS A 216 6.96 -12.70 -16.50
CA LYS A 216 7.72 -12.73 -17.75
C LYS A 216 7.03 -13.68 -18.75
N SER A 217 6.72 -14.92 -18.33
CA SER A 217 6.06 -15.91 -19.18
C SER A 217 4.65 -15.48 -19.61
N GLN A 218 3.90 -14.78 -18.72
CA GLN A 218 2.54 -14.31 -19.06
C GLN A 218 2.58 -13.22 -20.11
N ALA A 219 3.53 -12.25 -19.98
CA ALA A 219 3.70 -11.16 -20.94
C ALA A 219 4.10 -11.73 -22.31
N GLU A 220 4.99 -12.75 -22.33
CA GLU A 220 5.50 -13.39 -23.53
C GLU A 220 4.43 -14.16 -24.33
N THR A 221 3.63 -14.99 -23.66
CA THR A 221 2.62 -15.85 -24.30
C THR A 221 1.25 -15.15 -24.49
N GLY A 222 0.91 -14.21 -23.63
CA GLY A 222 -0.41 -13.59 -23.68
C GLY A 222 -1.49 -14.41 -22.97
N GLU A 223 -1.09 -15.47 -22.25
CA GLU A 223 -2.03 -16.30 -21.49
C GLU A 223 -1.73 -16.13 -19.99
N ILE A 224 -2.78 -16.15 -19.12
CA ILE A 224 -2.61 -16.06 -17.65
C ILE A 224 -1.82 -17.26 -17.18
N LYS A 225 -0.80 -17.04 -16.34
CA LYS A 225 0.07 -18.09 -15.80
C LYS A 225 0.04 -18.09 -14.27
N GLY A 226 0.37 -19.24 -13.69
CA GLY A 226 0.48 -19.38 -12.25
C GLY A 226 1.57 -20.35 -11.86
N HIS A 227 2.09 -20.21 -10.64
CA HIS A 227 3.05 -21.15 -10.07
C HIS A 227 2.52 -21.37 -8.66
N TYR A 228 2.13 -22.60 -8.32
CA TYR A 228 1.57 -22.86 -7.00
C TYR A 228 2.68 -22.70 -6.00
N LEU A 229 2.57 -21.66 -5.18
CA LEU A 229 3.56 -21.41 -4.13
C LEU A 229 3.15 -22.16 -2.85
N ASN A 230 4.03 -23.00 -2.33
CA ASN A 230 3.71 -23.76 -1.13
C ASN A 230 3.69 -22.93 0.15
N ALA A 231 2.54 -22.88 0.82
CA ALA A 231 2.32 -22.25 2.12
C ALA A 231 2.48 -23.26 3.24
N THR A 232 2.59 -24.57 2.92
CA THR A 232 2.75 -25.59 3.95
C THR A 232 3.93 -25.23 4.84
N ALA A 233 3.72 -25.21 6.18
CA ALA A 233 4.79 -24.84 7.08
C ALA A 233 4.72 -25.63 8.39
N GLY A 234 5.63 -25.33 9.29
CA GLY A 234 5.72 -25.98 10.59
C GLY A 234 4.70 -25.48 11.56
N THR A 235 4.32 -24.18 11.47
CA THR A 235 3.35 -23.48 12.32
C THR A 235 2.38 -22.68 11.48
N CYS A 236 1.23 -22.31 12.06
CA CYS A 236 0.20 -21.54 11.38
CA CYS A 236 0.19 -21.55 11.38
C CYS A 236 0.68 -20.15 11.06
N GLU A 237 1.50 -19.59 11.94
CA GLU A 237 2.09 -18.25 11.83
C GLU A 237 2.95 -18.24 10.58
N GLU A 238 3.78 -19.29 10.38
CA GLU A 238 4.65 -19.38 9.18
C GLU A 238 3.84 -19.62 7.91
N MET A 239 2.84 -20.47 7.95
CA MET A 239 1.94 -20.74 6.84
C MET A 239 1.24 -19.44 6.39
N LEU A 240 0.77 -18.64 7.36
CA LEU A 240 0.09 -17.39 7.03
C LEU A 240 1.01 -16.33 6.50
N LYS A 241 2.29 -16.32 6.97
CA LYS A 241 3.32 -15.40 6.45
C LYS A 241 3.51 -15.63 4.96
N ARG A 242 3.51 -16.89 4.55
CA ARG A 242 3.72 -17.32 3.19
C ARG A 242 2.56 -16.91 2.32
N ALA A 243 1.33 -17.24 2.74
CA ALA A 243 0.13 -16.82 2.00
C ALA A 243 0.04 -15.28 1.85
N VAL A 244 0.40 -14.53 2.93
CA VAL A 244 0.39 -13.06 2.96
C VAL A 244 1.33 -12.48 1.87
N PHE A 245 2.54 -13.07 1.73
CA PHE A 245 3.51 -12.62 0.75
C PHE A 245 3.06 -12.93 -0.68
N ALA A 246 2.50 -14.12 -0.93
CA ALA A 246 1.92 -14.48 -2.23
C ALA A 246 0.83 -13.45 -2.60
N ARG A 247 0.00 -13.05 -1.63
CA ARG A 247 -1.05 -12.02 -1.78
C ARG A 247 -0.40 -10.66 -2.18
N GLU A 248 0.71 -10.28 -1.51
CA GLU A 248 1.44 -9.04 -1.80
C GLU A 248 2.03 -9.08 -3.24
N LEU A 249 2.45 -10.26 -3.70
CA LEU A 249 2.98 -10.39 -5.07
C LEU A 249 1.86 -10.35 -6.15
N GLY A 250 0.59 -10.45 -5.75
CA GLY A 250 -0.58 -10.44 -6.63
C GLY A 250 -0.72 -11.65 -7.55
N VAL A 251 -0.10 -12.71 -7.15
CA VAL A 251 0.05 -14.02 -7.76
C VAL A 251 -1.30 -14.80 -7.56
N PRO A 252 -1.73 -15.67 -8.51
CA PRO A 252 -3.08 -16.25 -8.39
C PRO A 252 -3.31 -17.47 -7.52
N ILE A 253 -2.29 -18.26 -7.28
CA ILE A 253 -2.48 -19.56 -6.65
C ILE A 253 -1.46 -19.90 -5.62
N VAL A 254 -1.93 -20.62 -4.58
CA VAL A 254 -1.09 -21.04 -3.48
C VAL A 254 -1.36 -22.54 -3.25
N MET A 255 -0.48 -23.24 -2.54
CA MET A 255 -0.61 -24.66 -2.34
C MET A 255 -0.50 -25.10 -0.88
N HIS A 256 -1.14 -26.23 -0.52
CA HIS A 256 -1.07 -26.81 0.83
C HIS A 256 -1.15 -28.31 0.86
N ASP A 257 -0.39 -28.97 1.75
CA ASP A 257 -0.44 -30.43 1.92
C ASP A 257 -1.38 -30.63 3.14
N TYR A 258 -2.69 -30.89 2.87
CA TYR A 258 -3.72 -30.95 3.91
C TYR A 258 -3.62 -32.00 4.95
N LEU A 259 -2.97 -33.12 4.62
CA LEU A 259 -2.82 -34.19 5.61
C LEU A 259 -1.58 -34.01 6.49
N THR A 260 -0.45 -33.61 5.94
CA THR A 260 0.76 -33.42 6.74
C THR A 260 0.68 -32.05 7.48
N GLY A 261 0.03 -31.07 6.86
CA GLY A 261 -0.24 -29.78 7.50
C GLY A 261 -1.33 -29.97 8.55
N GLY A 262 -2.39 -30.67 8.16
CA GLY A 262 -3.54 -30.98 9.01
C GLY A 262 -4.77 -30.17 8.69
N PHE A 263 -5.93 -30.68 9.07
CA PHE A 263 -7.24 -30.05 8.81
C PHE A 263 -7.42 -28.70 9.45
N THR A 264 -6.93 -28.53 10.73
CA THR A 264 -7.05 -27.25 11.43
C THR A 264 -6.34 -26.15 10.62
N ALA A 265 -5.08 -26.41 10.21
CA ALA A 265 -4.30 -25.46 9.41
C ALA A 265 -4.90 -25.30 8.03
N ASN A 266 -5.38 -26.39 7.41
CA ASN A 266 -6.00 -26.35 6.07
C ASN A 266 -7.21 -25.46 6.06
N THR A 267 -8.10 -25.60 7.05
CA THR A 267 -9.32 -24.78 7.14
C THR A 267 -8.95 -23.29 7.31
N THR A 268 -7.90 -22.97 8.11
CA THR A 268 -7.45 -21.57 8.25
CA THR A 268 -7.41 -21.59 8.28
C THR A 268 -6.97 -21.03 6.93
N LEU A 269 -6.18 -21.79 6.19
CA LEU A 269 -5.69 -21.38 4.90
C LEU A 269 -6.82 -21.19 3.88
N SER A 270 -7.76 -22.14 3.83
CA SER A 270 -8.91 -22.10 2.94
C SER A 270 -9.71 -20.80 3.15
N HIS A 271 -9.89 -20.41 4.45
CA HIS A 271 -10.59 -19.16 4.83
C HIS A 271 -9.77 -17.94 4.39
N TYR A 272 -8.45 -17.98 4.61
CA TYR A 272 -7.56 -16.89 4.19
C TYR A 272 -7.62 -16.72 2.65
N CYS A 273 -7.58 -17.82 1.90
CA CYS A 273 -7.64 -17.79 0.44
C CYS A 273 -8.94 -17.22 -0.06
N ARG A 274 -10.06 -17.52 0.62
CA ARG A 274 -11.38 -16.99 0.25
C ARG A 274 -11.41 -15.48 0.50
N ASP A 275 -10.88 -15.03 1.65
CA ASP A 275 -10.82 -13.62 2.01
C ASP A 275 -9.87 -12.78 1.14
N ASN A 276 -8.92 -13.45 0.47
CA ASN A 276 -7.88 -12.76 -0.31
C ASN A 276 -7.76 -13.09 -1.78
N GLY A 277 -8.76 -13.79 -2.32
CA GLY A 277 -8.83 -14.14 -3.73
C GLY A 277 -7.76 -15.09 -4.22
N LEU A 278 -7.19 -15.92 -3.33
CA LEU A 278 -6.14 -16.84 -3.78
C LEU A 278 -6.72 -18.19 -4.11
N LEU A 279 -6.28 -18.78 -5.22
CA LEU A 279 -6.69 -20.14 -5.59
C LEU A 279 -5.87 -21.06 -4.69
N LEU A 280 -6.46 -22.18 -4.25
CA LEU A 280 -5.73 -23.06 -3.32
C LEU A 280 -5.60 -24.48 -3.88
N HIS A 281 -4.37 -24.87 -4.22
CA HIS A 281 -4.12 -26.20 -4.75
C HIS A 281 -3.82 -27.15 -3.57
N ILE A 282 -4.40 -28.37 -3.56
CA ILE A 282 -4.15 -29.27 -2.44
C ILE A 282 -3.42 -30.52 -2.83
N HIS A 283 -2.33 -30.80 -2.09
CA HIS A 283 -1.54 -32.01 -2.22
C HIS A 283 -2.03 -32.99 -1.18
N ARG A 284 -2.15 -34.26 -1.56
CA ARG A 284 -2.64 -35.31 -0.64
C ARG A 284 -1.47 -36.15 -0.09
N ALA A 285 -0.27 -35.53 0.07
CA ALA A 285 0.91 -36.20 0.66
C ALA A 285 0.49 -36.93 1.95
N MET A 286 0.89 -38.21 2.06
CA MET A 286 0.64 -39.16 3.14
C MET A 286 -0.65 -39.99 2.98
N HIS A 287 -1.49 -39.71 1.97
CA HIS A 287 -2.76 -40.43 1.88
C HIS A 287 -2.62 -41.94 1.79
N ALA A 288 -1.63 -42.44 1.02
CA ALA A 288 -1.42 -43.87 0.84
C ALA A 288 -0.99 -44.60 2.11
N VAL A 289 -0.54 -43.89 3.15
CA VAL A 289 -0.24 -44.48 4.47
C VAL A 289 -1.56 -45.00 5.05
N ILE A 290 -2.65 -44.24 4.80
CA ILE A 290 -4.01 -44.47 5.33
C ILE A 290 -4.90 -45.27 4.38
N ASP A 291 -4.86 -44.96 3.07
CA ASP A 291 -5.84 -45.46 2.11
C ASP A 291 -5.47 -46.59 1.14
N ARG A 292 -4.28 -47.17 1.26
CA ARG A 292 -3.83 -48.16 0.31
C ARG A 292 -4.48 -49.54 0.45
N GLN A 293 -4.47 -50.10 1.67
CA GLN A 293 -4.96 -51.44 1.95
C GLN A 293 -6.48 -51.59 2.01
N LYS A 294 -7.02 -52.67 1.39
CA LYS A 294 -8.45 -52.96 1.31
C LYS A 294 -9.08 -53.30 2.67
N ASN A 295 -8.29 -53.83 3.58
CA ASN A 295 -8.86 -54.27 4.85
C ASN A 295 -8.77 -53.32 6.02
N HIS A 296 -7.89 -52.29 5.94
CA HIS A 296 -7.66 -51.39 7.08
C HIS A 296 -7.30 -49.97 6.67
N GLY A 297 -7.87 -48.99 7.37
CA GLY A 297 -7.60 -47.58 7.11
C GLY A 297 -8.82 -46.78 6.73
N MET A 298 -8.66 -45.84 5.79
CA MET A 298 -9.77 -45.02 5.32
C MET A 298 -9.63 -44.91 3.83
N HIS A 299 -10.68 -45.21 3.07
CA HIS A 299 -10.60 -45.07 1.63
C HIS A 299 -10.38 -43.58 1.26
N PHE A 300 -9.64 -43.30 0.17
CA PHE A 300 -9.40 -41.92 -0.26
C PHE A 300 -10.72 -41.14 -0.46
N ARG A 301 -11.82 -41.80 -0.91
CA ARG A 301 -13.09 -41.06 -1.09
C ARG A 301 -13.55 -40.30 0.18
N VAL A 302 -13.23 -40.81 1.40
CA VAL A 302 -13.54 -40.15 2.68
C VAL A 302 -12.63 -38.93 2.82
N LEU A 303 -11.34 -39.11 2.56
CA LEU A 303 -10.35 -38.03 2.61
C LEU A 303 -10.62 -36.97 1.57
N ALA A 304 -11.19 -37.37 0.42
CA ALA A 304 -11.59 -36.47 -0.67
C ALA A 304 -12.77 -35.62 -0.22
N LYS A 305 -13.80 -36.24 0.36
CA LYS A 305 -14.96 -35.51 0.89
C LYS A 305 -14.54 -34.51 1.99
N ALA A 306 -13.65 -34.96 2.91
CA ALA A 306 -13.11 -34.13 4.00
C ALA A 306 -12.41 -32.89 3.42
N LEU A 307 -11.59 -33.09 2.36
CA LEU A 307 -10.96 -31.94 1.70
C LEU A 307 -11.96 -30.98 1.12
N ARG A 308 -13.03 -31.47 0.49
CA ARG A 308 -14.00 -30.55 -0.12
C ARG A 308 -14.72 -29.72 0.96
N LEU A 309 -14.95 -30.32 2.13
CA LEU A 309 -15.58 -29.60 3.26
C LEU A 309 -14.60 -28.54 3.84
N SER A 310 -13.35 -28.94 4.17
CA SER A 310 -12.30 -28.07 4.72
C SER A 310 -11.95 -26.97 3.72
N GLY A 311 -11.77 -27.36 2.46
CA GLY A 311 -11.55 -26.38 1.41
C GLY A 311 -10.27 -26.54 0.63
N GLY A 312 -10.42 -26.58 -0.69
CA GLY A 312 -9.39 -26.67 -1.70
C GLY A 312 -9.99 -26.44 -3.08
N ASP A 313 -9.26 -25.75 -3.97
CA ASP A 313 -9.73 -25.51 -5.36
C ASP A 313 -9.38 -26.65 -6.30
N HIS A 314 -8.23 -27.31 -6.04
CA HIS A 314 -7.71 -28.48 -6.74
C HIS A 314 -7.33 -29.50 -5.66
N ILE A 315 -7.39 -30.77 -6.00
CA ILE A 315 -6.91 -31.86 -5.16
C ILE A 315 -6.33 -32.95 -6.06
N HIS A 316 -5.20 -33.54 -5.65
CA HIS A 316 -4.59 -34.66 -6.38
C HIS A 316 -5.55 -35.83 -6.27
N ALA A 317 -5.88 -36.44 -7.41
CA ALA A 317 -6.86 -37.51 -7.45
C ALA A 317 -6.38 -38.80 -8.11
N GLY A 318 -5.08 -38.87 -8.45
CA GLY A 318 -4.45 -40.04 -9.06
C GLY A 318 -4.43 -39.90 -10.57
N THR A 319 -3.85 -40.88 -11.25
CA THR A 319 -3.74 -40.84 -12.73
C THR A 319 -4.42 -42.03 -13.38
N VAL A 320 -4.53 -43.14 -12.63
CA VAL A 320 -5.02 -44.45 -13.09
C VAL A 320 -3.86 -45.17 -13.85
N VAL A 321 -3.34 -44.49 -14.88
CA VAL A 321 -2.27 -44.95 -15.79
C VAL A 321 -0.80 -44.73 -15.32
N GLY A 322 -0.57 -43.78 -14.41
CA GLY A 322 0.75 -43.41 -13.91
C GLY A 322 1.44 -44.36 -12.95
N LYS A 323 2.53 -43.91 -12.34
CA LYS A 323 3.39 -44.68 -11.42
C LYS A 323 2.74 -45.08 -10.07
N LEU A 324 1.66 -44.39 -9.67
CA LEU A 324 0.98 -44.64 -8.38
C LEU A 324 -0.38 -45.32 -8.53
N GLU A 325 -0.75 -46.13 -7.52
CA GLU A 325 -1.98 -46.92 -7.46
C GLU A 325 -3.29 -46.09 -7.58
N GLY A 326 -4.25 -46.61 -8.35
CA GLY A 326 -5.55 -46.00 -8.58
C GLY A 326 -6.34 -46.70 -9.68
N GLU A 327 -7.41 -47.41 -9.30
CA GLU A 327 -8.29 -48.15 -10.23
C GLU A 327 -9.33 -47.21 -10.87
N ARG A 328 -9.62 -47.41 -12.18
CA ARG A 328 -10.53 -46.59 -12.99
C ARG A 328 -11.89 -46.27 -12.38
N GLU A 329 -12.69 -47.29 -12.06
CA GLU A 329 -14.06 -47.13 -11.58
C GLU A 329 -14.15 -46.44 -10.24
N ILE A 330 -13.25 -46.77 -9.33
CA ILE A 330 -13.18 -46.17 -7.99
C ILE A 330 -12.80 -44.67 -8.14
N THR A 331 -11.84 -44.38 -9.03
CA THR A 331 -11.40 -43.03 -9.34
C THR A 331 -12.54 -42.18 -9.89
N LEU A 332 -13.29 -42.71 -10.89
CA LEU A 332 -14.44 -42.01 -11.48
C LEU A 332 -15.49 -41.72 -10.42
N GLY A 333 -15.62 -42.66 -9.48
CA GLY A 333 -16.53 -42.53 -8.34
C GLY A 333 -16.18 -41.34 -7.44
N PHE A 334 -14.91 -41.23 -6.99
CA PHE A 334 -14.53 -40.10 -6.13
C PHE A 334 -14.34 -38.79 -6.89
N VAL A 335 -14.12 -38.86 -8.22
CA VAL A 335 -14.04 -37.62 -9.03
C VAL A 335 -15.43 -36.94 -9.08
N ASP A 336 -16.50 -37.74 -9.17
CA ASP A 336 -17.87 -37.21 -9.15
C ASP A 336 -18.16 -36.64 -7.79
N LEU A 337 -17.70 -37.33 -6.71
CA LEU A 337 -17.88 -36.85 -5.33
C LEU A 337 -17.21 -35.49 -5.11
N LEU A 338 -16.11 -35.24 -5.84
CA LEU A 338 -15.34 -34.01 -5.75
C LEU A 338 -15.92 -32.88 -6.54
N ARG A 339 -16.49 -33.17 -7.72
CA ARG A 339 -16.96 -32.17 -8.64
C ARG A 339 -18.43 -31.83 -8.67
N ASP A 340 -19.30 -32.86 -8.50
CA ASP A 340 -20.75 -32.73 -8.69
C ASP A 340 -21.52 -32.26 -7.46
N ASP A 341 -22.78 -31.86 -7.65
CA ASP A 341 -23.67 -31.39 -6.61
C ASP A 341 -24.43 -32.53 -5.97
N TYR A 342 -24.70 -33.59 -6.76
CA TYR A 342 -25.49 -34.75 -6.35
C TYR A 342 -24.89 -35.98 -6.98
N ILE A 343 -24.56 -36.97 -6.13
CA ILE A 343 -23.95 -38.22 -6.55
C ILE A 343 -24.77 -39.34 -5.93
N LYS A 344 -25.48 -40.09 -6.79
CA LYS A 344 -26.31 -41.21 -6.37
C LYS A 344 -25.45 -42.39 -5.94
N LYS A 345 -25.95 -43.16 -4.95
CA LYS A 345 -25.34 -44.42 -4.49
C LYS A 345 -24.95 -45.25 -5.76
N ASP A 346 -23.75 -45.85 -5.74
CA ASP A 346 -23.22 -46.64 -6.86
C ASP A 346 -22.08 -47.55 -6.38
N ARG A 347 -22.44 -48.75 -5.92
CA ARG A 347 -21.49 -49.74 -5.39
C ARG A 347 -20.47 -50.24 -6.39
N SER A 348 -20.79 -50.22 -7.70
CA SER A 348 -19.85 -50.62 -8.74
C SER A 348 -18.68 -49.61 -8.81
N ARG A 349 -18.89 -48.38 -8.26
CA ARG A 349 -17.90 -47.31 -8.20
C ARG A 349 -17.41 -47.01 -6.77
N GLY A 350 -17.81 -47.85 -5.83
CA GLY A 350 -17.50 -47.70 -4.41
C GLY A 350 -18.23 -46.58 -3.69
N ILE A 351 -19.35 -46.11 -4.24
CA ILE A 351 -20.16 -45.05 -3.61
C ILE A 351 -21.25 -45.76 -2.83
N TYR A 352 -21.06 -45.84 -1.51
CA TYR A 352 -21.98 -46.52 -0.60
C TYR A 352 -23.23 -45.71 -0.31
N PHE A 353 -23.13 -44.39 -0.42
CA PHE A 353 -24.22 -43.50 -0.08
C PHE A 353 -24.45 -42.44 -1.11
N THR A 354 -25.70 -42.02 -1.24
CA THR A 354 -26.04 -40.87 -2.05
C THR A 354 -25.52 -39.64 -1.29
N GLN A 355 -24.82 -38.77 -2.03
CA GLN A 355 -24.21 -37.57 -1.47
C GLN A 355 -24.76 -36.34 -2.13
N ASP A 356 -25.35 -35.46 -1.30
CA ASP A 356 -25.90 -34.18 -1.72
C ASP A 356 -24.98 -33.08 -1.17
N TRP A 357 -24.49 -32.20 -2.06
CA TRP A 357 -23.55 -31.14 -1.70
C TRP A 357 -24.16 -29.76 -1.53
N VAL A 358 -25.50 -29.64 -1.74
CA VAL A 358 -26.27 -28.38 -1.58
C VAL A 358 -25.52 -27.13 -2.03
N SER A 359 -25.01 -27.19 -3.26
CA SER A 359 -24.30 -26.09 -3.94
C SER A 359 -22.92 -25.74 -3.45
N LEU A 360 -22.32 -26.56 -2.54
CA LEU A 360 -20.93 -26.34 -2.12
C LEU A 360 -20.09 -26.41 -3.42
N PRO A 361 -19.14 -25.47 -3.68
CA PRO A 361 -18.37 -25.58 -4.95
C PRO A 361 -17.64 -26.92 -5.14
N GLY A 362 -17.42 -27.27 -6.39
CA GLY A 362 -16.69 -28.47 -6.73
C GLY A 362 -15.19 -28.24 -6.69
N VAL A 363 -14.45 -29.32 -6.55
CA VAL A 363 -12.99 -29.31 -6.53
C VAL A 363 -12.48 -29.82 -7.88
N ILE A 364 -11.47 -29.18 -8.44
CA ILE A 364 -10.87 -29.67 -9.70
C ILE A 364 -9.93 -30.84 -9.36
N PRO A 365 -10.16 -32.07 -9.88
CA PRO A 365 -9.21 -33.17 -9.62
C PRO A 365 -7.92 -32.99 -10.43
N VAL A 366 -6.79 -33.40 -9.84
CA VAL A 366 -5.47 -33.27 -10.45
C VAL A 366 -4.85 -34.64 -10.73
N ALA A 367 -4.52 -34.93 -11.99
CA ALA A 367 -3.87 -36.19 -12.36
C ALA A 367 -2.37 -35.87 -12.41
N SER A 368 -1.57 -36.57 -11.60
CA SER A 368 -0.11 -36.31 -11.49
C SER A 368 0.60 -37.58 -11.01
N GLY A 369 1.77 -37.85 -11.58
CA GLY A 369 2.59 -38.98 -11.15
C GLY A 369 2.94 -39.97 -12.22
N GLY A 370 4.09 -39.78 -12.85
CA GLY A 370 4.59 -40.69 -13.87
C GLY A 370 3.83 -40.69 -15.17
N ILE A 371 3.23 -39.57 -15.54
CA ILE A 371 2.49 -39.49 -16.80
C ILE A 371 3.29 -38.74 -17.87
N HIS A 372 3.03 -39.07 -19.14
CA HIS A 372 3.70 -38.44 -20.25
C HIS A 372 2.74 -38.33 -21.44
N VAL A 373 3.22 -37.75 -22.56
CA VAL A 373 2.45 -37.51 -23.79
C VAL A 373 1.54 -38.68 -24.24
N TRP A 374 2.04 -39.94 -24.23
CA TRP A 374 1.22 -41.08 -24.69
C TRP A 374 0.00 -41.36 -23.81
N HIS A 375 0.00 -40.83 -22.56
CA HIS A 375 -1.10 -41.00 -21.62
C HIS A 375 -2.22 -39.94 -21.86
N MET A 376 -1.93 -38.87 -22.59
CA MET A 376 -2.88 -37.79 -22.84
C MET A 376 -4.28 -38.22 -23.28
N PRO A 377 -4.47 -39.10 -24.30
CA PRO A 377 -5.85 -39.50 -24.67
C PRO A 377 -6.61 -40.18 -23.54
N ALA A 378 -5.97 -41.12 -22.81
CA ALA A 378 -6.55 -41.84 -21.69
C ALA A 378 -6.92 -40.86 -20.56
N LEU A 379 -6.02 -39.90 -20.25
CA LEU A 379 -6.27 -38.89 -19.22
C LEU A 379 -7.44 -37.99 -19.57
N THR A 380 -7.51 -37.50 -20.83
CA THR A 380 -8.61 -36.66 -21.31
C THR A 380 -9.95 -37.39 -21.26
N GLU A 381 -9.94 -38.69 -21.54
CA GLU A 381 -11.15 -39.51 -21.54
C GLU A 381 -11.65 -39.79 -20.14
N ILE A 382 -10.73 -40.16 -19.22
CA ILE A 382 -11.09 -40.49 -17.83
C ILE A 382 -11.63 -39.25 -17.10
N PHE A 383 -10.87 -38.14 -17.13
CA PHE A 383 -11.21 -36.93 -16.40
C PHE A 383 -12.06 -35.93 -17.11
N GLY A 384 -11.84 -35.72 -18.40
CA GLY A 384 -12.65 -34.72 -19.08
C GLY A 384 -12.02 -33.37 -18.89
N ASP A 385 -12.75 -32.32 -19.26
CA ASP A 385 -12.21 -30.97 -19.21
C ASP A 385 -11.94 -30.47 -17.84
N ASP A 386 -12.81 -30.79 -16.83
CA ASP A 386 -12.63 -30.23 -15.48
C ASP A 386 -11.59 -31.01 -14.67
N SER A 387 -10.34 -30.81 -15.05
CA SER A 387 -9.20 -31.48 -14.47
C SER A 387 -7.93 -30.70 -14.70
N VAL A 388 -6.89 -31.03 -13.92
CA VAL A 388 -5.53 -30.49 -14.10
C VAL A 388 -4.68 -31.73 -14.35
N LEU A 389 -3.91 -31.72 -15.45
CA LEU A 389 -3.01 -32.83 -15.80
C LEU A 389 -1.61 -32.30 -15.60
N GLN A 390 -0.88 -32.96 -14.73
CA GLN A 390 0.42 -32.53 -14.28
C GLN A 390 1.58 -33.38 -14.70
N PHE A 391 2.60 -32.76 -15.32
CA PHE A 391 3.77 -33.48 -15.88
C PHE A 391 5.08 -32.88 -15.34
N GLY A 392 5.65 -33.49 -14.29
CA GLY A 392 6.93 -33.05 -13.73
C GLY A 392 8.06 -33.57 -14.61
N GLY A 393 8.35 -34.87 -14.45
CA GLY A 393 9.30 -35.62 -15.27
C GLY A 393 8.97 -35.57 -16.76
N GLY A 394 7.68 -35.56 -17.09
CA GLY A 394 7.20 -35.49 -18.46
C GLY A 394 7.41 -34.16 -19.16
N THR A 395 7.90 -33.12 -18.43
CA THR A 395 8.23 -31.79 -18.99
C THR A 395 9.75 -31.55 -18.86
N LEU A 396 10.29 -31.63 -17.61
CA LEU A 396 11.69 -31.40 -17.32
C LEU A 396 12.61 -32.54 -17.79
N GLY A 397 12.01 -33.63 -18.26
CA GLY A 397 12.71 -34.78 -18.82
C GLY A 397 12.73 -34.78 -20.35
N HIS A 398 12.14 -33.73 -21.00
CA HIS A 398 12.13 -33.61 -22.47
C HIS A 398 13.57 -33.41 -22.96
N PRO A 399 14.00 -34.05 -24.06
CA PRO A 399 15.42 -33.89 -24.51
C PRO A 399 15.85 -32.49 -24.87
N TRP A 400 14.91 -31.62 -25.23
CA TRP A 400 15.19 -30.23 -25.64
C TRP A 400 15.00 -29.19 -24.53
N GLY A 401 14.64 -29.64 -23.34
CA GLY A 401 14.43 -28.69 -22.24
C GLY A 401 12.96 -28.43 -21.95
N ASN A 402 12.73 -27.51 -21.00
CA ASN A 402 11.41 -27.18 -20.47
C ASN A 402 10.41 -26.60 -21.42
N ALA A 403 10.77 -25.53 -22.17
CA ALA A 403 9.79 -24.91 -23.09
C ALA A 403 9.34 -25.92 -24.15
N PRO A 404 10.27 -26.67 -24.83
CA PRO A 404 9.82 -27.73 -25.77
C PRO A 404 9.03 -28.83 -25.07
N GLY A 405 9.39 -29.14 -23.84
CA GLY A 405 8.65 -30.13 -23.03
C GLY A 405 7.22 -29.69 -22.77
N ALA A 406 7.03 -28.40 -22.49
CA ALA A 406 5.72 -27.80 -22.26
C ALA A 406 4.90 -27.73 -23.58
N VAL A 407 5.55 -27.43 -24.71
CA VAL A 407 4.91 -27.40 -26.04
C VAL A 407 4.37 -28.81 -26.37
N ALA A 408 5.19 -29.82 -26.14
CA ALA A 408 4.84 -31.22 -26.41
C ALA A 408 3.57 -31.61 -25.67
N ASN A 409 3.51 -31.31 -24.37
CA ASN A 409 2.34 -31.59 -23.53
C ASN A 409 1.12 -30.78 -23.95
N ARG A 410 1.31 -29.50 -24.27
CA ARG A 410 0.21 -28.63 -24.72
C ARG A 410 -0.36 -29.07 -26.10
N VAL A 411 0.53 -29.41 -27.05
CA VAL A 411 0.13 -29.92 -28.38
C VAL A 411 -0.61 -31.25 -28.21
N ALA A 412 -0.06 -32.20 -27.43
CA ALA A 412 -0.71 -33.50 -27.20
C ALA A 412 -2.14 -33.34 -26.63
N LEU A 413 -2.30 -32.42 -25.65
CA LEU A 413 -3.60 -32.13 -25.02
C LEU A 413 -4.58 -31.52 -25.99
N GLU A 414 -4.14 -30.49 -26.72
CA GLU A 414 -5.00 -29.82 -27.70
C GLU A 414 -5.38 -30.76 -28.85
N ALA A 415 -4.47 -31.69 -29.25
CA ALA A 415 -4.74 -32.68 -30.29
C ALA A 415 -5.86 -33.62 -29.82
N CYS A 416 -5.85 -34.05 -28.55
CA CYS A 416 -6.91 -34.90 -27.96
C CYS A 416 -8.25 -34.17 -27.89
N VAL A 417 -8.23 -32.89 -27.51
CA VAL A 417 -9.41 -32.03 -27.42
C VAL A 417 -10.07 -31.87 -28.80
N GLN A 418 -9.31 -31.48 -29.82
CA GLN A 418 -9.85 -31.33 -31.18
C GLN A 418 -10.40 -32.67 -31.70
N ALA A 419 -9.66 -33.77 -31.52
CA ALA A 419 -10.07 -35.11 -31.96
C ALA A 419 -11.41 -35.53 -31.34
N ARG A 420 -11.54 -35.40 -29.99
CA ARG A 420 -12.76 -35.70 -29.23
C ARG A 420 -13.93 -34.83 -29.72
N ASN A 421 -13.71 -33.53 -29.86
CA ASN A 421 -14.72 -32.58 -30.33
C ASN A 421 -15.19 -32.92 -31.74
N GLU A 422 -14.35 -33.62 -32.53
CA GLU A 422 -14.65 -34.02 -33.91
C GLU A 422 -15.36 -35.38 -34.00
N GLY A 423 -15.60 -36.02 -32.86
CA GLY A 423 -16.33 -37.28 -32.80
C GLY A 423 -15.47 -38.54 -32.71
N ARG A 424 -14.16 -38.38 -32.54
CA ARG A 424 -13.22 -39.50 -32.42
C ARG A 424 -13.25 -40.11 -31.03
N ASP A 425 -12.97 -41.44 -30.95
CA ASP A 425 -12.96 -42.16 -29.67
C ASP A 425 -11.54 -42.13 -29.10
N LEU A 426 -11.34 -41.37 -28.02
CA LEU A 426 -10.04 -41.23 -27.34
C LEU A 426 -9.57 -42.56 -26.76
N ALA A 427 -10.50 -43.42 -26.30
CA ALA A 427 -10.20 -44.72 -25.71
C ALA A 427 -9.71 -45.76 -26.75
N ARG A 428 -10.01 -45.56 -28.04
CA ARG A 428 -9.63 -46.49 -29.11
C ARG A 428 -8.64 -45.90 -30.11
N GLU A 429 -8.78 -44.61 -30.46
CA GLU A 429 -7.93 -43.93 -31.43
C GLU A 429 -6.75 -43.14 -30.79
N GLY A 430 -6.52 -43.37 -29.49
CA GLY A 430 -5.50 -42.72 -28.68
C GLY A 430 -4.12 -42.55 -29.30
N ASN A 431 -3.41 -43.69 -29.52
CA ASN A 431 -2.08 -43.68 -30.13
C ASN A 431 -2.02 -43.03 -31.50
N ALA A 432 -3.07 -43.20 -32.31
CA ALA A 432 -3.18 -42.63 -33.64
C ALA A 432 -3.26 -41.13 -33.61
N ILE A 433 -4.04 -40.55 -32.64
CA ILE A 433 -4.20 -39.10 -32.47
C ILE A 433 -2.85 -38.42 -32.18
N ILE A 434 -2.11 -39.01 -31.21
CA ILE A 434 -0.78 -38.54 -30.81
C ILE A 434 0.19 -38.72 -32.00
N ARG A 435 0.14 -39.90 -32.68
CA ARG A 435 1.04 -40.13 -33.83
C ARG A 435 0.85 -39.08 -34.88
N GLU A 436 -0.43 -38.77 -35.22
CA GLU A 436 -0.80 -37.76 -36.20
C GLU A 436 -0.21 -36.41 -35.87
N ALA A 437 -0.35 -35.97 -34.58
CA ALA A 437 0.10 -34.65 -34.16
C ALA A 437 1.63 -34.50 -34.16
N CYS A 438 2.34 -35.62 -34.12
CA CYS A 438 3.81 -35.67 -34.22
C CYS A 438 4.31 -35.11 -35.56
N LYS A 439 3.49 -35.21 -36.63
CA LYS A 439 3.93 -34.72 -37.93
C LYS A 439 4.08 -33.20 -38.05
N TRP A 440 3.30 -32.41 -37.28
CA TRP A 440 3.45 -30.94 -37.29
C TRP A 440 4.04 -30.38 -36.00
N SER A 441 4.45 -31.24 -35.09
CA SER A 441 5.06 -30.78 -33.85
C SER A 441 6.38 -31.48 -33.59
N PRO A 442 7.52 -30.85 -33.95
CA PRO A 442 8.83 -31.48 -33.67
C PRO A 442 9.04 -31.70 -32.16
N GLU A 443 8.50 -30.78 -31.31
CA GLU A 443 8.58 -30.89 -29.85
C GLU A 443 7.85 -32.14 -29.38
N LEU A 444 6.63 -32.36 -29.87
CA LEU A 444 5.87 -33.58 -29.51
C LEU A 444 6.55 -34.87 -30.02
N ALA A 445 7.05 -34.85 -31.28
CA ALA A 445 7.79 -35.99 -31.88
C ALA A 445 8.98 -36.41 -31.00
N ALA A 446 9.75 -35.42 -30.51
CA ALA A 446 10.91 -35.66 -29.64
C ALA A 446 10.52 -36.29 -28.30
N ALA A 447 9.33 -35.89 -27.74
CA ALA A 447 8.85 -36.45 -26.48
C ALA A 447 8.36 -37.89 -26.67
N CYS A 448 7.64 -38.14 -27.79
CA CYS A 448 7.11 -39.46 -28.19
C CYS A 448 8.18 -40.54 -28.34
N GLU A 449 9.34 -40.18 -28.94
CA GLU A 449 10.46 -41.09 -29.14
C GLU A 449 11.12 -41.49 -27.80
N VAL A 450 11.19 -40.54 -26.85
CA VAL A 450 11.81 -40.80 -25.54
C VAL A 450 10.95 -41.72 -24.69
N TRP A 451 9.62 -41.48 -24.68
CA TRP A 451 8.67 -42.20 -23.81
C TRP A 451 7.83 -43.34 -24.39
N LYS A 452 8.00 -43.65 -25.69
CA LYS A 452 7.32 -44.80 -26.33
C LYS A 452 7.69 -46.04 -25.51
N GLU A 453 6.72 -46.91 -25.23
CA GLU A 453 6.98 -48.12 -24.42
C GLU A 453 7.12 -47.93 -22.86
N ILE A 454 7.10 -46.67 -22.33
CA ILE A 454 7.11 -46.45 -20.87
C ILE A 454 5.67 -46.60 -20.35
N LYS A 455 5.42 -47.67 -19.57
CA LYS A 455 4.10 -48.02 -19.00
C LYS A 455 4.20 -48.38 -17.52
N PHE A 456 3.06 -48.32 -16.80
CA PHE A 456 3.00 -48.66 -15.39
C PHE A 456 1.82 -49.63 -15.14
N GLU A 457 2.12 -50.95 -15.28
CA GLU A 457 1.17 -52.07 -15.17
C GLU A 457 1.65 -53.14 -14.17
N PHE A 458 0.93 -53.26 -13.02
CA PHE A 458 1.21 -54.19 -11.92
C PHE A 458 -0.07 -54.89 -11.44
N GLY B 1 -46.65 14.97 47.28
CA GLY B 1 -47.00 13.69 47.92
C GLY B 1 -47.28 12.56 46.95
N PHE B 2 -46.60 11.39 47.14
CA PHE B 2 -46.78 10.21 46.28
C PHE B 2 -48.05 9.44 46.66
N LYS B 3 -48.91 9.21 45.66
CA LYS B 3 -50.14 8.44 45.85
C LYS B 3 -50.16 7.30 44.82
N ALA B 4 -49.97 6.05 45.31
CA ALA B 4 -49.96 4.84 44.46
C ALA B 4 -51.32 4.62 43.80
N GLY B 5 -51.32 4.01 42.62
CA GLY B 5 -52.54 3.72 41.87
C GLY B 5 -52.57 4.30 40.48
N VAL B 6 -53.57 3.90 39.71
CA VAL B 6 -53.76 4.35 38.33
C VAL B 6 -54.51 5.69 38.28
N LYS B 7 -53.99 6.63 37.47
CA LYS B 7 -54.58 7.94 37.18
C LYS B 7 -54.67 8.02 35.66
N ASP B 8 -55.52 8.92 35.13
CA ASP B 8 -55.63 9.11 33.70
C ASP B 8 -54.35 9.72 33.16
N TYR B 9 -53.95 9.31 31.96
CA TYR B 9 -52.76 9.86 31.29
C TYR B 9 -52.92 11.36 30.98
N LYS B 10 -54.15 11.80 30.60
CA LYS B 10 -54.43 13.22 30.26
C LYS B 10 -54.11 14.22 31.38
N LEU B 11 -54.14 13.76 32.64
CA LEU B 11 -53.83 14.62 33.78
C LEU B 11 -52.42 15.20 33.68
N THR B 12 -51.44 14.44 33.21
CA THR B 12 -50.06 14.92 33.07
C THR B 12 -49.63 15.13 31.64
N TYR B 13 -50.13 14.31 30.72
CA TYR B 13 -49.68 14.23 29.32
C TYR B 13 -50.47 14.95 28.23
N TYR B 14 -51.62 15.54 28.59
CA TYR B 14 -52.38 16.33 27.61
C TYR B 14 -52.23 17.79 28.05
N THR B 15 -51.53 18.61 27.25
CA THR B 15 -51.23 20.02 27.58
C THR B 15 -51.60 20.89 26.38
N PRO B 16 -52.90 21.20 26.18
CA PRO B 16 -53.30 21.99 25.00
C PRO B 16 -52.80 23.44 24.95
N ASP B 17 -52.28 23.99 26.06
CA ASP B 17 -51.75 25.36 26.10
C ASP B 17 -50.22 25.40 25.94
N TYR B 18 -49.59 24.22 25.72
CA TYR B 18 -48.15 24.14 25.57
C TYR B 18 -47.66 24.84 24.29
N GLN B 19 -46.58 25.63 24.47
CA GLN B 19 -45.92 26.34 23.38
C GLN B 19 -44.68 25.53 23.02
N THR B 20 -44.67 24.94 21.81
CA THR B 20 -43.55 24.11 21.38
C THR B 20 -42.26 24.92 21.35
N LYS B 21 -41.14 24.27 21.70
CA LYS B 21 -39.84 24.93 21.67
C LYS B 21 -39.17 24.51 20.39
N ASP B 22 -38.24 25.34 19.87
CA ASP B 22 -37.47 25.04 18.65
C ASP B 22 -36.56 23.84 18.82
N THR B 23 -36.33 23.41 20.06
CA THR B 23 -35.50 22.26 20.38
C THR B 23 -36.31 20.96 20.47
N ASP B 24 -37.66 21.05 20.49
CA ASP B 24 -38.52 19.86 20.59
C ASP B 24 -38.59 19.09 19.31
N ILE B 25 -38.67 17.76 19.45
CA ILE B 25 -38.97 16.88 18.32
C ILE B 25 -40.51 16.86 18.37
N LEU B 26 -41.16 17.14 17.26
CA LEU B 26 -42.63 17.12 17.19
C LEU B 26 -43.06 15.95 16.32
N ALA B 27 -44.17 15.28 16.71
CA ALA B 27 -44.70 14.12 15.99
C ALA B 27 -46.17 14.33 15.65
N ALA B 28 -46.56 14.03 14.42
CA ALA B 28 -47.95 14.09 13.95
C ALA B 28 -48.43 12.62 13.79
N PHE B 29 -49.19 12.13 14.78
CA PHE B 29 -49.74 10.78 14.79
C PHE B 29 -51.19 10.76 14.35
N ARG B 30 -51.53 9.91 13.36
CA ARG B 30 -52.90 9.64 12.95
C ARG B 30 -53.41 8.50 13.86
N VAL B 31 -54.21 8.85 14.88
CA VAL B 31 -54.71 7.93 15.90
C VAL B 31 -56.14 7.44 15.59
N THR B 32 -56.38 6.11 15.73
CA THR B 32 -57.72 5.51 15.63
C THR B 32 -57.97 4.85 16.97
N PRO B 33 -58.72 5.52 17.89
CA PRO B 33 -58.91 4.93 19.24
C PRO B 33 -59.96 3.83 19.26
N GLN B 34 -59.96 3.02 20.33
CA GLN B 34 -60.99 2.01 20.54
C GLN B 34 -62.26 2.77 20.96
N PRO B 35 -63.49 2.23 20.68
CA PRO B 35 -64.71 2.94 21.14
C PRO B 35 -64.73 3.13 22.66
N GLY B 36 -65.10 4.34 23.08
CA GLY B 36 -65.13 4.69 24.50
C GLY B 36 -63.86 5.33 25.02
N VAL B 37 -62.81 5.40 24.16
CA VAL B 37 -61.56 6.03 24.55
C VAL B 37 -61.59 7.46 24.01
N PRO B 38 -61.62 8.48 24.92
CA PRO B 38 -61.67 9.88 24.44
C PRO B 38 -60.34 10.26 23.77
N PRO B 39 -60.37 11.13 22.73
CA PRO B 39 -59.11 11.50 22.02
C PRO B 39 -58.00 12.07 22.91
N GLU B 40 -58.37 12.88 23.92
CA GLU B 40 -57.45 13.50 24.89
C GLU B 40 -56.70 12.43 25.69
N GLU B 41 -57.38 11.33 26.06
CA GLU B 41 -56.76 10.23 26.78
C GLU B 41 -55.90 9.39 25.86
N ALA B 42 -56.38 9.05 24.64
CA ALA B 42 -55.61 8.26 23.66
C ALA B 42 -54.31 9.01 23.26
N GLY B 43 -54.41 10.32 23.02
CA GLY B 43 -53.30 11.21 22.67
C GLY B 43 -52.27 11.28 23.79
N ALA B 44 -52.76 11.51 25.03
CA ALA B 44 -51.92 11.55 26.24
C ALA B 44 -51.27 10.20 26.51
N ALA B 45 -51.97 9.07 26.24
CA ALA B 45 -51.38 7.72 26.42
C ALA B 45 -50.17 7.56 25.44
N VAL B 46 -50.34 8.04 24.18
CA VAL B 46 -49.28 8.01 23.17
C VAL B 46 -48.07 8.82 23.67
N ALA B 47 -48.29 10.07 24.10
CA ALA B 47 -47.26 10.97 24.65
C ALA B 47 -46.53 10.37 25.86
N ALA B 48 -47.29 9.77 26.79
CA ALA B 48 -46.74 9.16 28.02
C ALA B 48 -45.88 7.94 27.76
N GLU B 49 -46.41 6.96 27.04
CA GLU B 49 -45.67 5.73 26.80
C GLU B 49 -44.41 5.90 25.96
N SER B 50 -44.40 6.85 25.04
CA SER B 50 -43.30 7.11 24.13
C SER B 50 -42.28 8.05 24.78
N SER B 51 -42.48 8.42 26.07
CA SER B 51 -41.54 9.32 26.74
C SER B 51 -41.14 8.94 28.16
N THR B 52 -41.95 9.29 29.18
CA THR B 52 -41.58 9.06 30.58
C THR B 52 -42.59 8.26 31.39
N GLY B 53 -43.84 8.22 30.94
CA GLY B 53 -44.90 7.57 31.69
C GLY B 53 -45.01 6.07 31.63
N THR B 54 -45.73 5.50 32.62
CA THR B 54 -46.14 4.12 32.71
C THR B 54 -47.62 4.04 33.14
N TRP B 55 -48.18 2.83 33.25
CA TRP B 55 -49.60 2.56 33.50
C TRP B 55 -50.13 2.92 34.90
N THR B 56 -49.22 3.06 35.86
CA THR B 56 -49.54 3.38 37.26
C THR B 56 -48.52 4.39 37.80
N THR B 57 -48.92 5.16 38.82
CA THR B 57 -48.07 6.19 39.45
C THR B 57 -46.84 5.55 40.09
N VAL B 58 -45.66 6.10 39.77
CA VAL B 58 -44.39 5.63 40.31
CA VAL B 58 -44.37 5.65 40.31
C VAL B 58 -43.81 6.79 41.18
N TRP B 59 -43.30 6.47 42.39
CA TRP B 59 -42.75 7.48 43.33
C TRP B 59 -41.51 8.18 42.77
N THR B 60 -40.73 7.45 41.95
CA THR B 60 -39.48 7.94 41.35
C THR B 60 -39.66 9.19 40.50
N ASP B 61 -40.87 9.47 39.99
CA ASP B 61 -41.17 10.68 39.19
C ASP B 61 -40.76 11.95 39.97
N GLY B 62 -40.91 11.90 41.30
CA GLY B 62 -40.60 13.00 42.21
C GLY B 62 -39.13 13.25 42.40
N LEU B 63 -38.25 12.31 41.99
CA LEU B 63 -36.79 12.50 42.12
C LEU B 63 -36.30 13.35 40.95
N THR B 64 -37.10 13.39 39.87
CA THR B 64 -36.80 14.17 38.66
C THR B 64 -37.88 15.22 38.43
N SER B 65 -37.84 15.86 37.25
CA SER B 65 -38.81 16.87 36.87
C SER B 65 -39.51 16.44 35.60
N LEU B 66 -40.72 15.89 35.74
CA LEU B 66 -41.52 15.49 34.59
C LEU B 66 -41.82 16.66 33.67
N ASP B 67 -41.99 17.88 34.23
CA ASP B 67 -42.25 19.09 33.45
C ASP B 67 -41.18 19.28 32.39
N ARG B 68 -39.92 19.01 32.77
CA ARG B 68 -38.75 19.13 31.91
C ARG B 68 -38.64 18.00 30.87
N TYR B 69 -38.99 16.76 31.27
CA TYR B 69 -38.78 15.58 30.42
C TYR B 69 -39.95 14.97 29.69
N LYS B 70 -41.16 15.13 30.18
CA LYS B 70 -42.32 14.49 29.58
C LYS B 70 -42.59 14.84 28.12
N GLY B 71 -43.13 13.88 27.40
CA GLY B 71 -43.65 14.06 26.04
C GLY B 71 -45.01 14.66 26.29
N ARG B 72 -45.52 15.49 25.37
CA ARG B 72 -46.80 16.16 25.63
C ARG B 72 -47.67 16.15 24.42
N CYS B 73 -48.94 15.74 24.56
CA CYS B 73 -49.85 15.89 23.47
C CYS B 73 -50.38 17.32 23.61
N TYR B 74 -49.99 18.23 22.70
CA TYR B 74 -50.35 19.63 22.78
C TYR B 74 -51.49 20.06 21.87
N GLU B 75 -52.02 19.13 21.08
CA GLU B 75 -53.08 19.45 20.11
C GLU B 75 -53.68 18.20 19.52
N ILE B 76 -55.00 18.23 19.40
CA ILE B 76 -55.81 17.19 18.78
C ILE B 76 -56.52 17.81 17.59
N GLU B 77 -56.29 17.29 16.42
CA GLU B 77 -56.93 17.79 15.22
C GLU B 77 -57.90 16.72 14.64
N PRO B 78 -59.24 16.84 14.86
CA PRO B 78 -60.21 15.87 14.27
C PRO B 78 -60.01 15.65 12.78
N VAL B 79 -60.24 14.41 12.29
CA VAL B 79 -59.92 14.01 10.91
C VAL B 79 -61.11 13.62 9.97
N PRO B 80 -61.06 14.03 8.65
CA PRO B 80 -62.14 13.66 7.71
C PRO B 80 -62.26 12.17 7.42
N GLY B 81 -63.50 11.71 7.28
CA GLY B 81 -63.84 10.33 6.98
C GLY B 81 -63.79 9.42 8.19
N GLU B 82 -62.66 8.71 8.38
CA GLU B 82 -62.42 7.73 9.45
C GLU B 82 -62.90 8.17 10.84
N ASP B 83 -63.54 7.21 11.55
CA ASP B 83 -64.10 7.44 12.89
C ASP B 83 -63.52 6.47 13.92
N ASN B 84 -63.08 6.98 15.08
CA ASN B 84 -63.09 8.42 15.40
C ASN B 84 -61.65 8.94 15.36
N GLN B 85 -61.11 8.96 14.12
CA GLN B 85 -59.74 9.36 13.79
C GLN B 85 -59.43 10.80 14.10
N PHE B 86 -58.17 11.06 14.47
CA PHE B 86 -57.63 12.38 14.79
C PHE B 86 -56.11 12.40 14.70
N ILE B 87 -55.55 13.61 14.48
CA ILE B 87 -54.12 13.82 14.48
C ILE B 87 -53.76 14.33 15.86
N ALA B 88 -52.91 13.60 16.56
CA ALA B 88 -52.42 14.00 17.87
C ALA B 88 -50.99 14.52 17.66
N TYR B 89 -50.77 15.77 18.02
CA TYR B 89 -49.48 16.41 17.90
C TYR B 89 -48.76 16.23 19.22
N VAL B 90 -47.60 15.56 19.18
CA VAL B 90 -46.82 15.28 20.39
C VAL B 90 -45.48 15.99 20.33
N ALA B 91 -45.08 16.66 21.43
CA ALA B 91 -43.81 17.36 21.56
C ALA B 91 -42.91 16.61 22.53
N TYR B 92 -41.67 16.28 22.09
CA TYR B 92 -40.71 15.58 22.94
C TYR B 92 -39.52 16.47 23.20
N PRO B 93 -39.11 16.68 24.46
CA PRO B 93 -37.94 17.54 24.73
C PRO B 93 -36.64 16.97 24.16
N LEU B 94 -35.73 17.85 23.72
CA LEU B 94 -34.43 17.47 23.16
C LEU B 94 -33.64 16.49 24.05
N ASP B 95 -33.73 16.65 25.39
CA ASP B 95 -33.02 15.83 26.39
C ASP B 95 -33.35 14.33 26.39
N LEU B 96 -34.46 13.97 25.78
CA LEU B 96 -34.86 12.57 25.71
C LEU B 96 -34.05 11.75 24.75
N PHE B 97 -33.38 12.41 23.79
CA PHE B 97 -32.72 11.71 22.70
C PHE B 97 -31.21 11.60 22.74
N GLU B 98 -30.69 10.43 22.34
CA GLU B 98 -29.27 10.24 22.22
C GLU B 98 -28.81 10.94 20.92
N GLU B 99 -27.79 11.81 21.03
CA GLU B 99 -27.17 12.55 19.94
C GLU B 99 -26.66 11.61 18.88
N GLY B 100 -26.97 11.91 17.62
CA GLY B 100 -26.48 11.14 16.49
C GLY B 100 -27.00 9.71 16.34
N SER B 101 -28.08 9.37 17.07
CA SER B 101 -28.69 8.05 17.07
C SER B 101 -30.14 7.98 16.56
N VAL B 102 -30.36 7.60 15.27
CA VAL B 102 -31.71 7.46 14.71
C VAL B 102 -32.39 6.30 15.45
N THR B 103 -31.61 5.24 15.78
CA THR B 103 -32.07 4.08 16.56
C THR B 103 -32.78 4.52 17.83
N ASN B 104 -32.13 5.40 18.63
CA ASN B 104 -32.72 5.91 19.87
C ASN B 104 -33.99 6.74 19.61
N MET B 105 -33.98 7.59 18.59
CA MET B 105 -35.13 8.42 18.26
C MET B 105 -36.36 7.55 17.98
N PHE B 106 -36.19 6.51 17.13
CA PHE B 106 -37.26 5.58 16.79
C PHE B 106 -37.69 4.73 18.00
N THR B 107 -36.72 4.28 18.81
CA THR B 107 -37.03 3.48 20.00
C THR B 107 -38.03 4.20 20.91
N SER B 108 -37.85 5.49 21.14
CA SER B 108 -38.78 6.19 22.00
C SER B 108 -40.09 6.52 21.30
N ILE B 109 -40.06 7.23 20.18
CA ILE B 109 -41.26 7.66 19.47
C ILE B 109 -42.17 6.54 18.98
N VAL B 110 -41.58 5.47 18.51
CA VAL B 110 -42.33 4.42 17.82
C VAL B 110 -42.18 3.00 18.44
N GLY B 111 -41.50 2.97 19.58
CA GLY B 111 -41.16 1.76 20.32
C GLY B 111 -42.29 0.85 20.74
N ASN B 112 -43.25 1.37 21.50
CA ASN B 112 -44.31 0.55 22.08
C ASN B 112 -45.74 0.98 21.81
N VAL B 113 -45.94 2.28 21.58
CA VAL B 113 -47.26 2.91 21.43
C VAL B 113 -48.20 2.32 20.36
N PHE B 114 -47.65 1.74 19.28
CA PHE B 114 -48.47 1.16 18.21
C PHE B 114 -49.24 -0.10 18.62
N GLY B 115 -48.84 -0.74 19.73
CA GLY B 115 -49.47 -1.96 20.22
C GLY B 115 -50.49 -1.79 21.32
N PHE B 116 -50.78 -0.54 21.69
CA PHE B 116 -51.72 -0.20 22.75
C PHE B 116 -53.09 -0.84 22.55
N LYS B 117 -53.60 -1.59 23.55
CA LYS B 117 -54.93 -2.20 23.47
C LYS B 117 -56.00 -1.12 23.28
N ALA B 118 -55.80 0.06 23.89
CA ALA B 118 -56.69 1.23 23.85
C ALA B 118 -56.80 1.90 22.48
N LEU B 119 -56.04 1.42 21.49
CA LEU B 119 -56.07 1.94 20.11
C LEU B 119 -56.39 0.82 19.14
N ARG B 120 -57.03 1.15 18.02
CA ARG B 120 -57.31 0.20 16.96
C ARG B 120 -56.17 0.25 15.94
N ALA B 121 -55.64 1.48 15.69
CA ALA B 121 -54.60 1.77 14.69
C ALA B 121 -53.87 3.05 15.03
N LEU B 122 -52.63 3.16 14.55
CA LEU B 122 -51.78 4.31 14.75
C LEU B 122 -50.80 4.44 13.58
N ARG B 123 -50.75 5.63 12.98
CA ARG B 123 -49.82 5.96 11.94
C ARG B 123 -48.99 7.22 12.29
N LEU B 124 -47.64 7.10 12.29
CA LEU B 124 -46.78 8.29 12.46
C LEU B 124 -46.63 8.94 11.07
N GLU B 125 -47.22 10.09 10.89
CA GLU B 125 -47.24 10.78 9.58
C GLU B 125 -46.03 11.65 9.30
N ASP B 126 -45.52 12.33 10.33
CA ASP B 126 -44.38 13.24 10.16
C ASP B 126 -43.68 13.46 11.47
N LEU B 127 -42.43 13.95 11.40
CA LEU B 127 -41.59 14.31 12.55
C LEU B 127 -40.89 15.62 12.25
N ARG B 128 -40.96 16.58 13.17
CA ARG B 128 -40.22 17.81 13.00
C ARG B 128 -38.91 17.56 13.71
N ILE B 129 -37.80 17.40 12.94
CA ILE B 129 -36.51 17.15 13.64
C ILE B 129 -35.91 18.52 13.97
N PRO B 130 -35.70 18.85 15.25
CA PRO B 130 -35.21 20.20 15.57
C PRO B 130 -33.80 20.38 15.02
N TYR B 131 -33.47 21.56 14.54
CA TYR B 131 -32.17 21.79 13.94
C TYR B 131 -31.01 21.58 14.93
N ALA B 132 -31.26 21.73 16.27
CA ALA B 132 -30.24 21.47 17.29
C ALA B 132 -29.93 19.96 17.32
N TYR B 133 -30.94 19.11 16.99
CA TYR B 133 -30.74 17.66 16.94
C TYR B 133 -30.07 17.25 15.62
N VAL B 134 -30.46 17.88 14.51
CA VAL B 134 -29.86 17.66 13.17
C VAL B 134 -28.33 17.80 13.25
N LYS B 135 -27.84 18.80 14.01
CA LYS B 135 -26.41 19.10 14.15
C LYS B 135 -25.59 18.01 14.81
N THR B 136 -26.22 17.05 15.50
CA THR B 136 -25.50 15.95 16.14
C THR B 136 -25.24 14.80 15.18
N PHE B 137 -25.74 14.89 13.95
CA PHE B 137 -25.58 13.82 12.94
C PHE B 137 -24.62 14.25 11.85
N GLN B 138 -23.88 13.30 11.32
CA GLN B 138 -23.00 13.55 10.17
C GLN B 138 -23.89 13.73 8.91
N GLY B 139 -24.95 12.93 8.81
CA GLY B 139 -25.80 12.97 7.64
C GLY B 139 -25.10 12.33 6.44
N PRO B 140 -25.53 12.62 5.20
CA PRO B 140 -24.90 11.99 4.05
C PRO B 140 -23.37 12.02 4.03
N PRO B 141 -22.74 10.90 3.61
CA PRO B 141 -21.26 10.89 3.52
C PRO B 141 -20.73 12.00 2.60
N HIS B 142 -21.51 12.40 1.58
CA HIS B 142 -21.10 13.42 0.60
C HIS B 142 -22.20 14.41 0.29
N GLY B 143 -23.31 13.92 -0.21
CA GLY B 143 -24.42 14.79 -0.59
C GLY B 143 -24.37 15.15 -2.06
N ILE B 144 -25.46 15.75 -2.57
CA ILE B 144 -25.68 16.10 -3.99
C ILE B 144 -24.53 16.80 -4.65
N GLN B 145 -24.12 17.96 -4.14
CA GLN B 145 -23.04 18.77 -4.72
C GLN B 145 -21.74 18.02 -4.82
N VAL B 146 -21.31 17.40 -3.71
CA VAL B 146 -20.05 16.67 -3.67
C VAL B 146 -20.08 15.49 -4.64
N GLU B 147 -21.18 14.74 -4.66
CA GLU B 147 -21.30 13.59 -5.57
C GLU B 147 -21.14 14.00 -7.03
N ARG B 148 -21.86 15.06 -7.48
CA ARG B 148 -21.77 15.56 -8.86
C ARG B 148 -20.34 16.04 -9.17
N ASP B 149 -19.69 16.69 -8.19
CA ASP B 149 -18.31 17.17 -8.31
C ASP B 149 -17.34 16.04 -8.41
N LYS B 150 -17.56 14.96 -7.63
CA LYS B 150 -16.66 13.81 -7.72
C LYS B 150 -16.78 13.07 -9.04
N LEU B 151 -18.03 12.90 -9.53
CA LEU B 151 -18.27 12.13 -10.75
C LEU B 151 -18.15 12.96 -12.02
N ASN B 152 -18.06 14.30 -11.89
CA ASN B 152 -17.97 15.23 -13.00
C ASN B 152 -19.26 15.14 -13.90
N LYS B 153 -20.42 15.00 -13.26
CA LYS B 153 -21.68 14.85 -13.94
C LYS B 153 -22.63 15.99 -13.57
N TYR B 154 -23.02 16.80 -14.57
CA TYR B 154 -23.89 17.96 -14.37
C TYR B 154 -24.94 18.11 -15.45
N GLY B 155 -26.05 18.75 -15.07
CA GLY B 155 -27.12 19.16 -15.96
C GLY B 155 -28.13 18.14 -16.43
N ARG B 156 -28.25 17.02 -15.72
CA ARG B 156 -29.23 15.99 -16.08
C ARG B 156 -29.34 14.99 -14.96
N PRO B 157 -30.47 14.22 -14.90
CA PRO B 157 -30.55 13.12 -13.93
C PRO B 157 -29.46 12.09 -14.24
N LEU B 158 -29.04 11.34 -13.24
CA LEU B 158 -28.07 10.27 -13.44
C LEU B 158 -28.81 9.02 -13.88
N LEU B 159 -28.16 8.15 -14.64
CA LEU B 159 -28.81 6.95 -15.15
C LEU B 159 -28.20 5.70 -14.59
N GLY B 160 -29.07 4.84 -14.08
CA GLY B 160 -28.68 3.58 -13.48
C GLY B 160 -29.42 2.39 -14.06
N CYS B 161 -29.01 1.21 -13.63
CA CYS B 161 -29.57 -0.05 -14.06
C CYS B 161 -29.28 -1.15 -13.06
N THR B 162 -30.31 -1.90 -12.71
CA THR B 162 -30.16 -3.06 -11.83
C THR B 162 -29.89 -4.30 -12.67
N ILE B 163 -28.88 -5.10 -12.32
CA ILE B 163 -28.58 -6.33 -13.07
C ILE B 163 -29.68 -7.37 -12.80
N LYS B 164 -30.12 -8.07 -13.87
CA LYS B 164 -31.19 -9.06 -13.79
C LYS B 164 -30.78 -10.39 -14.42
N PRO B 165 -31.31 -11.56 -14.00
CA PRO B 165 -32.25 -11.83 -12.90
C PRO B 165 -31.72 -11.37 -11.54
N LYS B 166 -32.63 -11.05 -10.60
CA LYS B 166 -32.25 -10.57 -9.27
C LYS B 166 -31.18 -11.46 -8.65
N LEU B 167 -31.38 -12.77 -8.72
CA LEU B 167 -30.50 -13.80 -8.18
C LEU B 167 -30.24 -14.84 -9.23
N GLY B 168 -29.18 -15.63 -9.06
CA GLY B 168 -28.87 -16.71 -9.99
C GLY B 168 -27.68 -16.51 -10.91
N LEU B 169 -27.23 -15.27 -11.14
CA LEU B 169 -26.07 -15.06 -12.02
C LEU B 169 -24.73 -15.30 -11.30
N SER B 170 -23.74 -15.79 -12.03
CA SER B 170 -22.39 -16.01 -11.53
C SER B 170 -21.66 -14.65 -11.51
N ALA B 171 -20.55 -14.54 -10.75
CA ALA B 171 -19.74 -13.32 -10.68
C ALA B 171 -19.25 -12.88 -12.09
N LYS B 172 -18.79 -13.81 -12.94
CA LYS B 172 -18.29 -13.46 -14.28
C LYS B 172 -19.39 -12.90 -15.18
N ASN B 173 -20.58 -13.53 -15.14
CA ASN B 173 -21.74 -13.10 -15.95
C ASN B 173 -22.26 -11.76 -15.47
N TYR B 174 -22.18 -11.52 -14.15
CA TYR B 174 -22.55 -10.25 -13.54
C TYR B 174 -21.67 -9.15 -14.12
N GLY B 175 -20.35 -9.34 -14.10
CA GLY B 175 -19.40 -8.36 -14.62
C GLY B 175 -19.57 -8.11 -16.11
N ARG B 176 -19.96 -9.15 -16.84
CA ARG B 176 -20.18 -9.07 -18.30
C ARG B 176 -21.41 -8.20 -18.57
N ALA B 177 -22.51 -8.43 -17.81
CA ALA B 177 -23.74 -7.63 -17.94
C ALA B 177 -23.47 -6.18 -17.56
N VAL B 178 -22.63 -5.97 -16.53
CA VAL B 178 -22.22 -4.65 -16.02
C VAL B 178 -21.46 -3.86 -17.11
N TYR B 179 -20.41 -4.45 -17.67
CA TYR B 179 -19.63 -3.78 -18.68
C TYR B 179 -20.50 -3.36 -19.89
N GLU B 180 -21.38 -4.26 -20.33
CA GLU B 180 -22.26 -4.01 -21.48
C GLU B 180 -23.23 -2.86 -21.22
N CYS B 181 -23.82 -2.78 -20.00
CA CYS B 181 -24.71 -1.68 -19.59
C CYS B 181 -23.94 -0.35 -19.56
N LEU B 182 -22.84 -0.31 -18.81
CA LEU B 182 -22.05 0.92 -18.63
C LEU B 182 -21.48 1.50 -19.92
N ARG B 183 -20.98 0.66 -20.82
CA ARG B 183 -20.43 1.08 -22.11
C ARG B 183 -21.44 1.76 -23.07
N GLY B 184 -22.74 1.51 -22.84
CA GLY B 184 -23.83 2.07 -23.60
C GLY B 184 -24.37 3.42 -23.12
N GLY B 185 -23.80 4.01 -22.09
CA GLY B 185 -24.26 5.32 -21.64
C GLY B 185 -24.85 5.47 -20.26
N LEU B 186 -25.04 4.37 -19.52
CA LEU B 186 -25.54 4.46 -18.13
C LEU B 186 -24.37 4.91 -17.27
N ASP B 187 -24.63 5.74 -16.27
CA ASP B 187 -23.58 6.22 -15.39
C ASP B 187 -23.28 5.14 -14.38
N PHE B 188 -24.32 4.39 -14.00
CA PHE B 188 -24.22 3.37 -12.96
C PHE B 188 -24.94 2.09 -13.30
N THR B 189 -24.42 1.00 -12.79
CA THR B 189 -25.08 -0.29 -12.70
C THR B 189 -25.14 -0.62 -11.18
N LYS B 190 -25.84 -1.67 -10.80
CA LYS B 190 -25.97 -2.00 -9.39
C LYS B 190 -26.33 -3.40 -9.12
N ASP B 191 -25.88 -3.91 -7.98
CA ASP B 191 -26.30 -5.21 -7.49
C ASP B 191 -27.79 -5.06 -7.10
N ASP B 192 -28.59 -6.12 -7.17
CA ASP B 192 -29.95 -6.01 -6.65
C ASP B 192 -29.87 -5.95 -5.12
N GLU B 193 -30.95 -5.52 -4.43
CA GLU B 193 -30.92 -5.39 -2.95
C GLU B 193 -30.57 -6.70 -2.25
N ASN B 194 -31.01 -7.83 -2.80
CA ASN B 194 -30.81 -9.16 -2.22
C ASN B 194 -29.52 -9.87 -2.66
N VAL B 195 -28.72 -9.24 -3.53
CA VAL B 195 -27.43 -9.78 -3.99
C VAL B 195 -26.43 -9.34 -2.91
N ASN B 196 -26.00 -10.28 -2.09
CA ASN B 196 -25.06 -9.98 -1.01
C ASN B 196 -23.90 -10.93 -1.24
N SER B 197 -23.93 -12.14 -0.66
CA SER B 197 -22.92 -13.17 -0.92
C SER B 197 -23.66 -14.49 -0.81
N GLN B 198 -23.77 -15.25 -1.91
CA GLN B 198 -24.59 -16.48 -1.95
C GLN B 198 -23.88 -17.65 -2.65
N PRO B 199 -24.36 -18.90 -2.52
CA PRO B 199 -23.65 -20.02 -3.20
C PRO B 199 -23.50 -19.83 -4.71
N PHE B 200 -24.47 -19.16 -5.40
CA PHE B 200 -24.39 -18.92 -6.84
C PHE B 200 -23.34 -17.87 -7.22
N MET B 201 -22.99 -16.99 -6.26
CA MET B 201 -22.04 -15.87 -6.45
C MET B 201 -21.61 -15.29 -5.11
N ARG B 202 -20.31 -15.47 -4.79
CA ARG B 202 -19.72 -14.95 -3.56
C ARG B 202 -19.33 -13.52 -3.79
N TRP B 203 -19.44 -12.67 -2.76
CA TRP B 203 -19.21 -11.23 -2.93
C TRP B 203 -17.88 -10.79 -3.49
N ARG B 204 -16.79 -11.35 -2.97
CA ARG B 204 -15.47 -10.92 -3.36
C ARG B 204 -15.21 -11.14 -4.84
N ASP B 205 -15.71 -12.26 -5.39
CA ASP B 205 -15.64 -12.62 -6.81
C ASP B 205 -16.43 -11.59 -7.62
N ARG B 206 -17.64 -11.22 -7.16
CA ARG B 206 -18.43 -10.20 -7.83
C ARG B 206 -17.73 -8.84 -7.87
N PHE B 207 -17.20 -8.39 -6.74
CA PHE B 207 -16.51 -7.12 -6.57
C PHE B 207 -15.34 -7.00 -7.53
N LEU B 208 -14.50 -8.04 -7.64
CA LEU B 208 -13.35 -8.03 -8.56
C LEU B 208 -13.77 -7.96 -10.04
N PHE B 209 -14.74 -8.80 -10.48
CA PHE B 209 -15.22 -8.79 -11.88
C PHE B 209 -15.94 -7.51 -12.22
N CYS B 210 -16.75 -6.95 -11.28
CA CYS B 210 -17.40 -5.66 -11.50
C CYS B 210 -16.41 -4.52 -11.58
N ALA B 211 -15.29 -4.57 -10.82
CA ALA B 211 -14.26 -3.51 -10.90
C ALA B 211 -13.62 -3.55 -12.30
N GLU B 212 -13.35 -4.76 -12.84
CA GLU B 212 -12.78 -4.93 -14.19
C GLU B 212 -13.74 -4.28 -15.21
N ALA B 213 -15.06 -4.54 -15.09
CA ALA B 213 -16.12 -4.01 -15.94
C ALA B 213 -16.22 -2.47 -15.87
N ILE B 214 -16.16 -1.88 -14.65
CA ILE B 214 -16.18 -0.42 -14.44
C ILE B 214 -15.03 0.23 -15.21
N TYR B 215 -13.80 -0.27 -15.00
CA TYR B 215 -12.60 0.29 -15.61
C TYR B 215 -12.54 0.11 -17.12
N LYS B 216 -13.04 -1.02 -17.64
CA LYS B 216 -13.11 -1.24 -19.09
C LYS B 216 -14.12 -0.26 -19.73
N SER B 217 -15.34 -0.17 -19.18
CA SER B 217 -16.37 0.71 -19.71
C SER B 217 -16.01 2.19 -19.58
N GLN B 218 -15.30 2.58 -18.51
CA GLN B 218 -14.88 3.98 -18.30
C GLN B 218 -13.82 4.38 -19.33
N ALA B 219 -12.84 3.51 -19.58
CA ALA B 219 -11.77 3.73 -20.55
C ALA B 219 -12.38 3.85 -21.95
N GLU B 220 -13.36 2.99 -22.28
CA GLU B 220 -14.04 2.95 -23.59
C GLU B 220 -14.87 4.20 -23.91
N THR B 221 -15.67 4.68 -22.95
CA THR B 221 -16.56 5.83 -23.14
C THR B 221 -15.93 7.18 -22.82
N GLY B 222 -14.94 7.22 -21.93
CA GLY B 222 -14.37 8.50 -21.49
C GLY B 222 -15.18 9.19 -20.38
N GLU B 223 -16.23 8.51 -19.86
CA GLU B 223 -17.07 9.06 -18.79
C GLU B 223 -16.85 8.22 -17.53
N ILE B 224 -16.87 8.85 -16.35
CA ILE B 224 -16.72 8.16 -15.05
C ILE B 224 -17.90 7.20 -14.87
N LYS B 225 -17.64 5.95 -14.46
CA LYS B 225 -18.65 4.92 -14.27
C LYS B 225 -18.57 4.37 -12.84
N GLY B 226 -19.68 3.78 -12.39
CA GLY B 226 -19.74 3.12 -11.11
C GLY B 226 -20.68 1.94 -11.14
N HIS B 227 -20.49 0.98 -10.22
CA HIS B 227 -21.37 -0.15 -10.04
C HIS B 227 -21.55 -0.20 -8.54
N TYR B 228 -22.80 -0.07 -8.04
CA TYR B 228 -23.01 -0.09 -6.57
C TYR B 228 -22.79 -1.44 -6.03
N LEU B 229 -21.73 -1.59 -5.30
CA LEU B 229 -21.38 -2.89 -4.75
C LEU B 229 -22.07 -3.04 -3.38
N ASN B 230 -22.92 -4.06 -3.24
CA ASN B 230 -23.65 -4.29 -1.99
C ASN B 230 -22.78 -4.65 -0.76
N ALA B 231 -22.69 -3.72 0.23
CA ALA B 231 -21.98 -3.97 1.51
C ALA B 231 -22.95 -4.62 2.55
N THR B 232 -24.26 -4.68 2.26
CA THR B 232 -25.27 -5.26 3.18
C THR B 232 -24.83 -6.66 3.58
N ALA B 233 -24.80 -6.96 4.89
CA ALA B 233 -24.32 -8.28 5.36
C ALA B 233 -25.01 -8.76 6.67
N GLY B 234 -24.68 -9.98 7.08
CA GLY B 234 -25.26 -10.57 8.29
C GLY B 234 -24.82 -9.89 9.55
N THR B 235 -23.57 -9.38 9.55
CA THR B 235 -22.96 -8.70 10.71
C THR B 235 -22.22 -7.50 10.21
N CYS B 236 -21.86 -6.61 11.14
CA CYS B 236 -21.10 -5.40 10.84
CA CYS B 236 -21.10 -5.39 10.89
C CYS B 236 -19.67 -5.72 10.41
N GLU B 237 -19.09 -6.79 10.93
CA GLU B 237 -17.75 -7.22 10.53
C GLU B 237 -17.73 -7.60 9.06
N GLU B 238 -18.71 -8.39 8.57
CA GLU B 238 -18.81 -8.72 7.14
C GLU B 238 -19.11 -7.45 6.34
N MET B 239 -19.98 -6.58 6.85
CA MET B 239 -20.34 -5.35 6.15
C MET B 239 -19.10 -4.51 5.90
N LEU B 240 -18.27 -4.32 6.92
CA LEU B 240 -17.06 -3.54 6.79
C LEU B 240 -15.99 -4.18 5.96
N LYS B 241 -15.92 -5.53 5.93
CA LYS B 241 -14.99 -6.27 5.08
C LYS B 241 -15.23 -5.92 3.62
N ARG B 242 -16.52 -5.86 3.23
CA ARG B 242 -17.02 -5.55 1.90
C ARG B 242 -16.75 -4.10 1.50
N ALA B 243 -16.94 -3.13 2.41
CA ALA B 243 -16.63 -1.73 2.15
C ALA B 243 -15.09 -1.52 2.05
N VAL B 244 -14.28 -2.22 2.88
CA VAL B 244 -12.80 -2.15 2.86
C VAL B 244 -12.26 -2.63 1.48
N PHE B 245 -12.83 -3.71 0.92
CA PHE B 245 -12.40 -4.24 -0.38
C PHE B 245 -12.79 -3.30 -1.53
N ALA B 246 -13.99 -2.70 -1.48
CA ALA B 246 -14.44 -1.72 -2.45
C ALA B 246 -13.45 -0.54 -2.44
N ARG B 247 -13.03 -0.10 -1.25
CA ARG B 247 -12.04 0.96 -1.03
C ARG B 247 -10.68 0.56 -1.68
N GLU B 248 -10.24 -0.69 -1.49
CA GLU B 248 -8.99 -1.21 -2.07
C GLU B 248 -9.05 -1.20 -3.60
N LEU B 249 -10.24 -1.53 -4.18
CA LEU B 249 -10.42 -1.51 -5.63
C LEU B 249 -10.49 -0.08 -6.22
N GLY B 250 -10.63 0.94 -5.38
CA GLY B 250 -10.69 2.34 -5.79
C GLY B 250 -11.97 2.77 -6.50
N VAL B 251 -13.03 1.94 -6.38
CA VAL B 251 -14.35 2.14 -6.98
C VAL B 251 -15.09 3.27 -6.26
N PRO B 252 -16.01 3.96 -6.94
CA PRO B 252 -16.61 5.14 -6.30
C PRO B 252 -17.78 4.93 -5.38
N ILE B 253 -18.48 3.81 -5.52
CA ILE B 253 -19.74 3.67 -4.81
C ILE B 253 -20.07 2.32 -4.29
N VAL B 254 -20.76 2.33 -3.18
CA VAL B 254 -21.20 1.14 -2.51
C VAL B 254 -22.63 1.32 -2.13
N MET B 255 -23.32 0.24 -1.73
CA MET B 255 -24.73 0.33 -1.38
C MET B 255 -25.11 -0.42 -0.10
N HIS B 256 -26.26 -0.06 0.49
CA HIS B 256 -26.77 -0.66 1.71
C HIS B 256 -28.29 -0.64 1.80
N ASP B 257 -28.88 -1.68 2.41
CA ASP B 257 -30.33 -1.78 2.64
C ASP B 257 -30.53 -1.32 4.07
N TYR B 258 -30.83 -0.01 4.27
CA TYR B 258 -30.85 0.55 5.65
C TYR B 258 -31.88 0.01 6.63
N LEU B 259 -32.98 -0.48 6.11
CA LEU B 259 -34.06 -0.97 6.94
C LEU B 259 -33.83 -2.42 7.32
N THR B 260 -33.43 -3.29 6.36
CA THR B 260 -33.14 -4.70 6.68
C THR B 260 -31.78 -4.84 7.39
N GLY B 261 -30.78 -4.06 6.97
CA GLY B 261 -29.49 -4.00 7.65
C GLY B 261 -29.67 -3.34 9.01
N GLY B 262 -30.40 -2.21 9.04
CA GLY B 262 -30.71 -1.51 10.29
C GLY B 262 -29.94 -0.24 10.47
N PHE B 263 -30.49 0.67 11.26
CA PHE B 263 -29.91 2.00 11.50
C PHE B 263 -28.53 1.99 12.12
N THR B 264 -28.29 1.12 13.12
CA THR B 264 -26.99 1.03 13.77
C THR B 264 -25.92 0.69 12.74
N ALA B 265 -26.15 -0.35 11.92
CA ALA B 265 -25.22 -0.74 10.86
C ALA B 265 -25.14 0.32 9.79
N ASN B 266 -26.27 0.96 9.40
CA ASN B 266 -26.24 2.02 8.38
C ASN B 266 -25.37 3.20 8.81
N THR B 267 -25.52 3.68 10.06
CA THR B 267 -24.75 4.83 10.56
C THR B 267 -23.24 4.48 10.58
N THR B 268 -22.89 3.25 11.01
CA THR B 268 -21.52 2.75 10.96
C THR B 268 -20.97 2.85 9.51
N LEU B 269 -21.73 2.33 8.55
CA LEU B 269 -21.32 2.38 7.13
C LEU B 269 -21.18 3.82 6.58
N SER B 270 -22.14 4.68 6.89
CA SER B 270 -22.14 6.09 6.48
C SER B 270 -20.86 6.81 6.99
N HIS B 271 -20.47 6.55 8.27
CA HIS B 271 -19.21 7.06 8.86
C HIS B 271 -17.97 6.54 8.11
N TYR B 272 -17.96 5.23 7.79
CA TYR B 272 -16.86 4.61 7.04
C TYR B 272 -16.74 5.24 5.63
N CYS B 273 -17.88 5.44 4.96
CA CYS B 273 -17.90 6.03 3.63
C CYS B 273 -17.36 7.48 3.62
N ARG B 274 -17.70 8.26 4.67
CA ARG B 274 -17.21 9.63 4.82
C ARG B 274 -15.66 9.62 5.02
N ASP B 275 -15.16 8.71 5.88
CA ASP B 275 -13.73 8.59 6.16
C ASP B 275 -12.92 8.09 4.97
N ASN B 276 -13.57 7.40 4.01
CA ASN B 276 -12.87 6.75 2.90
C ASN B 276 -13.28 7.18 1.49
N GLY B 277 -14.03 8.28 1.37
CA GLY B 277 -14.48 8.86 0.11
C GLY B 277 -15.38 8.00 -0.74
N LEU B 278 -16.17 7.12 -0.11
CA LEU B 278 -17.06 6.26 -0.90
C LEU B 278 -18.47 6.86 -0.94
N LEU B 279 -19.09 6.80 -2.10
CA LEU B 279 -20.47 7.25 -2.24
C LEU B 279 -21.36 6.12 -1.71
N LEU B 280 -22.46 6.45 -1.04
CA LEU B 280 -23.33 5.41 -0.46
C LEU B 280 -24.75 5.46 -1.01
N HIS B 281 -25.14 4.40 -1.69
CA HIS B 281 -26.46 4.29 -2.28
C HIS B 281 -27.39 3.53 -1.33
N ILE B 282 -28.57 4.05 -1.08
CA ILE B 282 -29.43 3.34 -0.14
C ILE B 282 -30.67 2.72 -0.75
N HIS B 283 -30.88 1.45 -0.43
CA HIS B 283 -32.08 0.71 -0.76
C HIS B 283 -33.04 0.73 0.45
N ARG B 284 -34.30 0.94 0.18
CA ARG B 284 -35.35 1.03 1.22
C ARG B 284 -36.13 -0.28 1.31
N ALA B 285 -35.50 -1.43 0.97
CA ALA B 285 -36.09 -2.76 1.08
C ALA B 285 -36.83 -2.90 2.42
N MET B 286 -38.09 -3.36 2.38
CA MET B 286 -38.99 -3.55 3.53
C MET B 286 -39.83 -2.31 3.89
N HIS B 287 -39.62 -1.16 3.23
CA HIS B 287 -40.37 0.05 3.62
C HIS B 287 -41.89 -0.11 3.50
N ALA B 288 -42.36 -0.77 2.43
CA ALA B 288 -43.79 -0.95 2.21
C ALA B 288 -44.46 -1.87 3.24
N VAL B 289 -43.71 -2.65 4.02
CA VAL B 289 -44.24 -3.45 5.14
C VAL B 289 -44.76 -2.46 6.21
N ILE B 290 -44.06 -1.32 6.37
CA ILE B 290 -44.29 -0.27 7.35
C ILE B 290 -45.15 0.91 6.83
N ASP B 291 -44.90 1.36 5.60
CA ASP B 291 -45.47 2.59 5.07
C ASP B 291 -46.62 2.55 4.05
N ARG B 292 -47.15 1.38 3.74
CA ARG B 292 -48.17 1.28 2.71
C ARG B 292 -49.57 1.76 3.12
N GLN B 293 -50.06 1.28 4.26
CA GLN B 293 -51.42 1.57 4.72
C GLN B 293 -51.63 2.94 5.34
N LYS B 294 -52.74 3.62 4.99
CA LYS B 294 -53.03 4.99 5.49
C LYS B 294 -53.36 5.02 6.95
N ASN B 295 -53.85 3.90 7.52
CA ASN B 295 -54.27 3.93 8.92
C ASN B 295 -53.27 3.48 9.95
N HIS B 296 -52.21 2.75 9.53
CA HIS B 296 -51.25 2.20 10.49
C HIS B 296 -49.83 2.09 9.92
N GLY B 297 -48.85 2.38 10.76
CA GLY B 297 -47.44 2.28 10.39
C GLY B 297 -46.70 3.60 10.51
N MET B 298 -45.84 3.87 9.57
CA MET B 298 -45.06 5.12 9.55
C MET B 298 -44.98 5.52 8.13
N HIS B 299 -45.34 6.76 7.78
CA HIS B 299 -45.24 7.20 6.41
C HIS B 299 -43.76 7.20 5.94
N PHE B 300 -43.51 6.94 4.66
CA PHE B 300 -42.14 6.94 4.12
C PHE B 300 -41.38 8.24 4.41
N ARG B 301 -42.10 9.38 4.47
CA ARG B 301 -41.44 10.65 4.73
C ARG B 301 -40.62 10.67 6.04
N VAL B 302 -41.04 9.91 7.06
CA VAL B 302 -40.36 9.77 8.35
C VAL B 302 -39.09 8.90 8.11
N LEU B 303 -39.25 7.79 7.39
CA LEU B 303 -38.16 6.88 7.05
C LEU B 303 -37.12 7.57 6.17
N ALA B 304 -37.57 8.50 5.31
CA ALA B 304 -36.71 9.31 4.44
C ALA B 304 -35.89 10.30 5.30
N LYS B 305 -36.53 10.99 6.27
CA LYS B 305 -35.82 11.92 7.17
C LYS B 305 -34.79 11.15 8.03
N ALA B 306 -35.14 9.97 8.52
CA ALA B 306 -34.27 9.09 9.31
C ALA B 306 -33.03 8.70 8.48
N LEU B 307 -33.23 8.35 7.19
CA LEU B 307 -32.08 8.02 6.33
C LEU B 307 -31.16 9.23 6.15
N ARG B 308 -31.74 10.44 5.91
CA ARG B 308 -30.92 11.64 5.75
C ARG B 308 -30.06 11.91 7.02
N LEU B 309 -30.61 11.69 8.20
CA LEU B 309 -29.87 11.84 9.47
C LEU B 309 -28.75 10.75 9.60
N SER B 310 -29.11 9.45 9.44
CA SER B 310 -28.19 8.32 9.52
C SER B 310 -27.09 8.44 8.46
N GLY B 311 -27.49 8.67 7.22
CA GLY B 311 -26.54 8.90 6.14
C GLY B 311 -26.72 8.02 4.94
N GLY B 312 -26.74 8.69 3.80
CA GLY B 312 -26.78 8.09 2.48
C GLY B 312 -26.65 9.18 1.45
N ASP B 313 -26.03 8.88 0.31
CA ASP B 313 -25.89 9.84 -0.79
C ASP B 313 -27.08 9.77 -1.76
N HIS B 314 -27.68 8.58 -1.91
CA HIS B 314 -28.85 8.31 -2.74
C HIS B 314 -29.83 7.53 -1.88
N ILE B 315 -31.13 7.65 -2.16
CA ILE B 315 -32.18 6.83 -1.54
C ILE B 315 -33.24 6.55 -2.57
N HIS B 316 -33.78 5.32 -2.59
CA HIS B 316 -34.89 4.98 -3.48
C HIS B 316 -36.10 5.79 -3.01
N ALA B 317 -36.76 6.50 -3.93
CA ALA B 317 -37.85 7.40 -3.55
C ALA B 317 -39.16 7.14 -4.32
N GLY B 318 -39.21 6.04 -5.08
CA GLY B 318 -40.37 5.67 -5.87
C GLY B 318 -40.34 6.27 -7.26
N THR B 319 -41.27 5.89 -8.11
CA THR B 319 -41.30 6.35 -9.52
C THR B 319 -42.53 7.15 -9.85
N VAL B 320 -43.63 6.94 -9.07
CA VAL B 320 -44.98 7.49 -9.29
C VAL B 320 -45.67 6.65 -10.42
N VAL B 321 -45.02 6.59 -11.59
CA VAL B 321 -45.46 5.93 -12.82
C VAL B 321 -45.18 4.40 -12.95
N GLY B 322 -44.18 3.89 -12.21
CA GLY B 322 -43.75 2.49 -12.26
C GLY B 322 -44.65 1.45 -11.61
N LYS B 323 -44.13 0.21 -11.45
CA LYS B 323 -44.85 -0.95 -10.90
C LYS B 323 -45.25 -0.87 -9.39
N LEU B 324 -44.58 0.00 -8.63
CA LEU B 324 -44.83 0.11 -7.19
C LEU B 324 -45.54 1.41 -6.81
N GLU B 325 -46.34 1.35 -5.71
CA GLU B 325 -47.17 2.46 -5.21
C GLU B 325 -46.38 3.76 -4.87
N GLY B 326 -46.99 4.91 -5.16
CA GLY B 326 -46.45 6.24 -4.90
C GLY B 326 -47.20 7.36 -5.60
N GLU B 327 -47.90 8.22 -4.84
CA GLU B 327 -48.67 9.36 -5.39
C GLU B 327 -47.77 10.59 -5.63
N ARG B 328 -48.03 11.33 -6.71
CA ARG B 328 -47.26 12.51 -7.12
C ARG B 328 -46.96 13.56 -6.05
N GLU B 329 -48.00 14.17 -5.44
CA GLU B 329 -47.84 15.27 -4.49
C GLU B 329 -47.12 14.89 -3.24
N ILE B 330 -47.44 13.73 -2.69
CA ILE B 330 -46.74 13.21 -1.52
C ILE B 330 -45.25 12.94 -1.85
N THR B 331 -44.97 12.36 -3.04
CA THR B 331 -43.60 12.11 -3.50
C THR B 331 -42.80 13.42 -3.60
N LEU B 332 -43.37 14.45 -4.27
CA LEU B 332 -42.72 15.76 -4.41
C LEU B 332 -42.40 16.38 -3.06
N GLY B 333 -43.27 16.16 -2.09
CA GLY B 333 -43.08 16.62 -0.73
C GLY B 333 -41.88 15.96 -0.06
N PHE B 334 -41.81 14.62 -0.06
CA PHE B 334 -40.65 13.97 0.56
C PHE B 334 -39.36 14.10 -0.21
N VAL B 335 -39.44 14.38 -1.52
CA VAL B 335 -38.25 14.66 -2.33
C VAL B 335 -37.63 15.99 -1.88
N ASP B 336 -38.47 17.00 -1.56
CA ASP B 336 -37.98 18.28 -1.04
C ASP B 336 -37.38 18.06 0.35
N LEU B 337 -38.00 17.22 1.19
CA LEU B 337 -37.48 16.89 2.53
C LEU B 337 -36.09 16.22 2.46
N LEU B 338 -35.81 15.48 1.38
CA LEU B 338 -34.55 14.79 1.16
C LEU B 338 -33.47 15.68 0.60
N ARG B 339 -33.84 16.60 -0.29
CA ARG B 339 -32.89 17.43 -1.02
C ARG B 339 -32.59 18.82 -0.50
N ASP B 340 -33.62 19.51 0.02
CA ASP B 340 -33.57 20.93 0.38
C ASP B 340 -33.06 21.22 1.77
N ASP B 341 -32.66 22.47 2.03
CA ASP B 341 -32.19 22.93 3.33
C ASP B 341 -33.34 23.35 4.22
N TYR B 342 -34.41 23.87 3.62
CA TYR B 342 -35.59 24.38 4.31
C TYR B 342 -36.85 24.00 3.55
N ILE B 343 -37.78 23.35 4.25
CA ILE B 343 -39.04 22.89 3.66
C ILE B 343 -40.17 23.39 4.54
N LYS B 344 -40.96 24.31 4.00
CA LYS B 344 -42.09 24.92 4.73
C LYS B 344 -43.24 23.93 4.86
N LYS B 345 -44.00 24.02 5.97
CA LYS B 345 -45.21 23.23 6.21
C LYS B 345 -46.10 23.33 4.94
N ASP B 346 -46.66 22.18 4.49
CA ASP B 346 -47.49 22.12 3.29
C ASP B 346 -48.32 20.83 3.33
N ARG B 347 -49.52 20.92 3.91
CA ARG B 347 -50.44 19.79 4.08
C ARG B 347 -50.92 19.16 2.78
N SER B 348 -50.97 19.93 1.69
CA SER B 348 -51.35 19.40 0.38
C SER B 348 -50.31 18.40 -0.12
N ARG B 349 -49.08 18.46 0.43
CA ARG B 349 -47.97 17.56 0.06
C ARG B 349 -47.56 16.66 1.22
N GLY B 350 -48.39 16.63 2.27
CA GLY B 350 -48.18 15.82 3.45
C GLY B 350 -47.10 16.30 4.37
N ILE B 351 -46.68 17.56 4.27
CA ILE B 351 -45.66 18.12 5.13
CA ILE B 351 -45.65 18.15 5.12
C ILE B 351 -46.38 18.79 6.27
N TYR B 352 -46.40 18.11 7.44
CA TYR B 352 -47.09 18.57 8.63
C TYR B 352 -46.31 19.65 9.34
N PHE B 353 -44.98 19.64 9.18
CA PHE B 353 -44.13 20.58 9.87
C PHE B 353 -43.11 21.20 8.97
N THR B 354 -42.71 22.42 9.32
CA THR B 354 -41.60 23.10 8.66
C THR B 354 -40.32 22.37 9.12
N GLN B 355 -39.47 22.03 8.17
CA GLN B 355 -38.24 21.30 8.47
C GLN B 355 -37.04 22.12 8.02
N ASP B 356 -36.16 22.40 8.96
CA ASP B 356 -34.88 23.09 8.74
C ASP B 356 -33.75 22.06 8.88
N TRP B 357 -32.88 21.98 7.89
CA TRP B 357 -31.79 21.01 7.84
C TRP B 357 -30.41 21.55 8.20
N VAL B 358 -30.34 22.86 8.52
CA VAL B 358 -29.13 23.53 8.96
CA VAL B 358 -29.09 23.54 8.93
C VAL B 358 -27.82 23.08 8.20
N SER B 359 -27.89 23.08 6.87
CA SER B 359 -26.83 22.71 5.95
C SER B 359 -26.40 21.25 5.91
N LEU B 360 -27.20 20.34 6.52
CA LEU B 360 -26.92 18.93 6.39
C LEU B 360 -27.00 18.60 4.89
N PRO B 361 -26.07 17.83 4.29
CA PRO B 361 -26.16 17.55 2.85
C PRO B 361 -27.48 16.90 2.42
N GLY B 362 -27.84 17.12 1.18
CA GLY B 362 -29.05 16.61 0.57
C GLY B 362 -28.83 15.22 0.00
N VAL B 363 -29.86 14.44 -0.06
CA VAL B 363 -29.82 13.09 -0.58
C VAL B 363 -30.37 13.12 -2.00
N ILE B 364 -29.73 12.40 -2.94
CA ILE B 364 -30.24 12.29 -4.30
C ILE B 364 -31.37 11.23 -4.31
N PRO B 365 -32.62 11.59 -4.70
CA PRO B 365 -33.69 10.57 -4.77
C PRO B 365 -33.52 9.68 -6.02
N VAL B 366 -33.86 8.39 -5.89
CA VAL B 366 -33.72 7.40 -6.96
C VAL B 366 -35.07 6.87 -7.43
N ALA B 367 -35.38 7.02 -8.72
CA ALA B 367 -36.63 6.51 -9.31
C ALA B 367 -36.29 5.18 -9.91
N SER B 368 -36.90 4.09 -9.42
CA SER B 368 -36.59 2.72 -9.86
C SER B 368 -37.80 1.84 -9.72
N GLY B 369 -38.05 0.97 -10.71
CA GLY B 369 -39.15 0.02 -10.61
C GLY B 369 -40.17 0.05 -11.70
N GLY B 370 -40.01 -0.86 -12.65
CA GLY B 370 -40.94 -1.00 -13.78
C GLY B 370 -41.02 0.20 -14.69
N ILE B 371 -39.94 0.98 -14.81
CA ILE B 371 -39.91 2.13 -15.70
C ILE B 371 -39.17 1.83 -17.01
N HIS B 372 -39.55 2.54 -18.08
CA HIS B 372 -38.97 2.34 -19.39
C HIS B 372 -38.92 3.69 -20.13
N VAL B 373 -38.37 3.67 -21.35
CA VAL B 373 -38.19 4.87 -22.20
C VAL B 373 -39.40 5.82 -22.30
N TRP B 374 -40.65 5.31 -22.40
CA TRP B 374 -41.82 6.21 -22.52
C TRP B 374 -42.11 6.99 -21.25
N HIS B 375 -41.52 6.56 -20.11
CA HIS B 375 -41.69 7.22 -18.81
C HIS B 375 -40.68 8.37 -18.65
N MET B 376 -39.63 8.41 -19.49
CA MET B 376 -38.58 9.44 -19.39
C MET B 376 -39.06 10.87 -19.23
N PRO B 377 -39.95 11.41 -20.11
CA PRO B 377 -40.42 12.80 -19.93
C PRO B 377 -41.10 13.06 -18.58
N ALA B 378 -42.00 12.14 -18.14
CA ALA B 378 -42.70 12.24 -16.86
C ALA B 378 -41.68 12.20 -15.70
N LEU B 379 -40.68 11.29 -15.77
CA LEU B 379 -39.64 11.17 -14.73
C LEU B 379 -38.81 12.44 -14.62
N THR B 380 -38.37 13.00 -15.76
CA THR B 380 -37.56 14.23 -15.80
C THR B 380 -38.34 15.42 -15.25
N GLU B 381 -39.67 15.46 -15.51
CA GLU B 381 -40.53 16.56 -15.06
C GLU B 381 -40.79 16.46 -13.53
N ILE B 382 -41.08 15.26 -13.02
CA ILE B 382 -41.37 15.06 -11.59
C ILE B 382 -40.11 15.34 -10.75
N PHE B 383 -38.98 14.68 -11.11
CA PHE B 383 -37.76 14.79 -10.30
C PHE B 383 -36.81 15.92 -10.64
N GLY B 384 -36.77 16.36 -11.90
CA GLY B 384 -35.78 17.37 -12.30
C GLY B 384 -34.42 16.70 -12.39
N ASP B 385 -33.32 17.50 -12.41
CA ASP B 385 -31.95 17.01 -12.58
C ASP B 385 -31.35 16.27 -11.40
N ASP B 386 -31.67 16.69 -10.16
CA ASP B 386 -31.09 16.04 -8.97
C ASP B 386 -31.80 14.76 -8.61
N SER B 387 -31.57 13.74 -9.44
CA SER B 387 -32.17 12.44 -9.30
C SER B 387 -31.35 11.36 -10.01
N VAL B 388 -31.64 10.10 -9.67
CA VAL B 388 -31.05 8.94 -10.36
C VAL B 388 -32.27 8.19 -10.90
N LEU B 389 -32.27 7.89 -12.20
CA LEU B 389 -33.37 7.15 -12.84
C LEU B 389 -32.78 5.80 -13.17
N GLN B 390 -33.35 4.74 -12.59
CA GLN B 390 -32.86 3.37 -12.71
C GLN B 390 -33.75 2.44 -13.54
N PHE B 391 -33.15 1.76 -14.52
CA PHE B 391 -33.83 0.86 -15.45
C PHE B 391 -33.20 -0.53 -15.46
N GLY B 392 -33.78 -1.46 -14.70
CA GLY B 392 -33.31 -2.83 -14.66
C GLY B 392 -33.79 -3.56 -15.90
N GLY B 393 -35.05 -4.00 -15.85
CA GLY B 393 -35.77 -4.60 -16.96
C GLY B 393 -35.79 -3.72 -18.22
N GLY B 394 -35.84 -2.40 -18.01
CA GLY B 394 -35.82 -1.42 -19.10
C GLY B 394 -34.50 -1.31 -19.85
N THR B 395 -33.42 -1.98 -19.36
CA THR B 395 -32.10 -2.04 -20.02
C THR B 395 -31.82 -3.47 -20.53
N LEU B 396 -31.85 -4.45 -19.58
CA LEU B 396 -31.57 -5.86 -19.86
C LEU B 396 -32.71 -6.57 -20.62
N GLY B 397 -33.82 -5.86 -20.80
CA GLY B 397 -34.98 -6.33 -21.55
C GLY B 397 -35.02 -5.80 -22.96
N HIS B 398 -34.04 -4.95 -23.37
CA HIS B 398 -33.98 -4.38 -24.73
C HIS B 398 -33.73 -5.53 -25.72
N PRO B 399 -34.41 -5.54 -26.90
CA PRO B 399 -34.24 -6.66 -27.86
C PRO B 399 -32.82 -6.86 -28.40
N TRP B 400 -31.99 -5.79 -28.38
CA TRP B 400 -30.61 -5.86 -28.91
C TRP B 400 -29.53 -6.06 -27.82
N GLY B 401 -29.94 -6.18 -26.56
CA GLY B 401 -28.98 -6.39 -25.49
C GLY B 401 -28.74 -5.15 -24.68
N ASN B 402 -27.81 -5.25 -23.72
CA ASN B 402 -27.48 -4.22 -22.74
C ASN B 402 -26.96 -2.92 -23.26
N ALA B 403 -25.89 -2.92 -24.11
CA ALA B 403 -25.34 -1.66 -24.61
C ALA B 403 -26.40 -0.86 -25.40
N PRO B 404 -27.16 -1.49 -26.37
CA PRO B 404 -28.25 -0.75 -27.05
C PRO B 404 -29.37 -0.34 -26.07
N GLY B 405 -29.63 -1.16 -25.06
CA GLY B 405 -30.59 -0.84 -24.00
C GLY B 405 -30.20 0.42 -23.25
N ALA B 406 -28.91 0.53 -22.92
CA ALA B 406 -28.34 1.69 -22.22
C ALA B 406 -28.35 2.94 -23.14
N VAL B 407 -28.04 2.80 -24.44
CA VAL B 407 -28.10 3.89 -25.42
C VAL B 407 -29.53 4.45 -25.50
N ALA B 408 -30.52 3.55 -25.59
CA ALA B 408 -31.93 3.93 -25.67
C ALA B 408 -32.31 4.81 -24.47
N ASN B 409 -31.95 4.38 -23.24
CA ASN B 409 -32.26 5.15 -22.02
C ASN B 409 -31.50 6.47 -21.98
N ARG B 410 -30.21 6.47 -22.37
CA ARG B 410 -29.40 7.68 -22.39
C ARG B 410 -29.90 8.71 -23.44
N VAL B 411 -30.24 8.23 -24.68
CA VAL B 411 -30.80 9.09 -25.75
C VAL B 411 -32.17 9.65 -25.29
N ALA B 412 -33.06 8.80 -24.76
CA ALA B 412 -34.36 9.27 -24.27
C ALA B 412 -34.23 10.37 -23.22
N LEU B 413 -33.26 10.19 -22.27
CA LEU B 413 -33.03 11.17 -21.20
C LEU B 413 -32.48 12.47 -21.74
N GLU B 414 -31.44 12.38 -22.58
CA GLU B 414 -30.84 13.57 -23.16
C GLU B 414 -31.81 14.33 -24.08
N ALA B 415 -32.72 13.59 -24.79
CA ALA B 415 -33.73 14.20 -25.65
C ALA B 415 -34.72 15.03 -24.78
N CYS B 416 -35.10 14.52 -23.59
CA CYS B 416 -35.95 15.23 -22.63
C CYS B 416 -35.29 16.47 -22.05
N VAL B 417 -33.99 16.36 -21.72
CA VAL B 417 -33.18 17.46 -21.18
C VAL B 417 -33.08 18.60 -22.20
N GLN B 418 -32.67 18.30 -23.44
CA GLN B 418 -32.58 19.30 -24.50
C GLN B 418 -33.95 19.97 -24.76
N ALA B 419 -35.03 19.17 -24.86
CA ALA B 419 -36.38 19.67 -25.09
C ALA B 419 -36.82 20.66 -24.00
N ARG B 420 -36.65 20.28 -22.71
CA ARG B 420 -36.98 21.12 -21.56
C ARG B 420 -36.19 22.43 -21.59
N ASN B 421 -34.88 22.32 -21.83
CA ASN B 421 -33.98 23.48 -21.88
C ASN B 421 -34.39 24.44 -23.01
N GLU B 422 -35.04 23.90 -24.07
CA GLU B 422 -35.50 24.68 -25.22
C GLU B 422 -36.88 25.34 -25.02
N GLY B 423 -37.50 25.10 -23.86
CA GLY B 423 -38.80 25.69 -23.51
C GLY B 423 -40.00 24.81 -23.75
N ARG B 424 -39.79 23.54 -24.08
CA ARG B 424 -40.89 22.60 -24.31
C ARG B 424 -41.45 22.08 -22.99
N ASP B 425 -42.74 21.72 -22.98
CA ASP B 425 -43.43 21.20 -21.81
C ASP B 425 -43.34 19.68 -21.81
N LEU B 426 -42.55 19.13 -20.87
CA LEU B 426 -42.38 17.68 -20.79
C LEU B 426 -43.68 16.97 -20.43
N ALA B 427 -44.53 17.62 -19.61
CA ALA B 427 -45.81 17.08 -19.17
C ALA B 427 -46.84 16.94 -20.30
N ARG B 428 -46.67 17.71 -21.38
CA ARG B 428 -47.60 17.71 -22.51
C ARG B 428 -47.01 17.17 -23.81
N GLU B 429 -45.75 17.52 -24.10
CA GLU B 429 -45.05 17.15 -25.34
C GLU B 429 -44.19 15.88 -25.23
N GLY B 430 -44.34 15.16 -24.11
CA GLY B 430 -43.62 13.94 -23.80
C GLY B 430 -43.45 12.92 -24.91
N ASN B 431 -44.56 12.32 -25.36
CA ASN B 431 -44.57 11.30 -26.43
C ASN B 431 -43.97 11.79 -27.73
N ALA B 432 -44.16 13.07 -28.06
CA ALA B 432 -43.65 13.70 -29.28
C ALA B 432 -42.14 13.81 -29.25
N ILE B 433 -41.57 14.22 -28.07
CA ILE B 433 -40.12 14.35 -27.86
C ILE B 433 -39.40 13.01 -28.12
N ILE B 434 -39.96 11.91 -27.57
CA ILE B 434 -39.47 10.55 -27.72
C ILE B 434 -39.56 10.10 -29.19
N ARG B 435 -40.77 10.23 -29.83
CA ARG B 435 -40.98 9.86 -31.24
C ARG B 435 -40.01 10.61 -32.13
N GLU B 436 -39.74 11.89 -31.85
CA GLU B 436 -38.74 12.67 -32.61
C GLU B 436 -37.36 12.01 -32.47
N ALA B 437 -36.98 11.56 -31.22
CA ALA B 437 -35.68 10.94 -30.95
C ALA B 437 -35.51 9.57 -31.65
N CYS B 438 -36.58 8.77 -31.76
CA CYS B 438 -36.65 7.48 -32.45
C CYS B 438 -36.18 7.58 -33.92
N LYS B 439 -36.45 8.72 -34.59
CA LYS B 439 -36.10 8.90 -36.01
C LYS B 439 -34.61 8.84 -36.29
N TRP B 440 -33.78 9.28 -35.33
CA TRP B 440 -32.34 9.24 -35.54
C TRP B 440 -31.63 8.18 -34.68
N SER B 441 -32.30 7.67 -33.62
CA SER B 441 -31.77 6.60 -32.75
C SER B 441 -32.45 5.23 -32.99
N PRO B 442 -31.77 4.30 -33.69
CA PRO B 442 -32.34 2.97 -33.89
C PRO B 442 -32.50 2.19 -32.58
N GLU B 443 -31.58 2.42 -31.62
CA GLU B 443 -31.60 1.78 -30.28
C GLU B 443 -32.88 2.20 -29.55
N LEU B 444 -33.16 3.52 -29.53
CA LEU B 444 -34.38 4.03 -28.88
C LEU B 444 -35.65 3.52 -29.56
N ALA B 445 -35.68 3.55 -30.92
CA ALA B 445 -36.82 3.05 -31.73
C ALA B 445 -37.17 1.62 -31.37
N ALA B 446 -36.15 0.75 -31.23
CA ALA B 446 -36.32 -0.65 -30.87
C ALA B 446 -36.91 -0.82 -29.46
N ALA B 447 -36.52 0.06 -28.51
CA ALA B 447 -37.04 0.01 -27.13
C ALA B 447 -38.52 0.49 -27.09
N CYS B 448 -38.82 1.54 -27.84
CA CYS B 448 -40.16 2.14 -27.97
C CYS B 448 -41.24 1.17 -28.48
N GLU B 449 -40.89 0.33 -29.47
CA GLU B 449 -41.75 -0.70 -30.06
C GLU B 449 -42.07 -1.80 -29.06
N VAL B 450 -41.09 -2.19 -28.21
CA VAL B 450 -41.27 -3.26 -27.24
C VAL B 450 -42.17 -2.84 -26.08
N TRP B 451 -42.01 -1.59 -25.61
CA TRP B 451 -42.70 -1.08 -24.42
C TRP B 451 -43.90 -0.17 -24.64
N LYS B 452 -44.36 -0.03 -25.92
CA LYS B 452 -45.58 0.72 -26.22
C LYS B 452 -46.74 0.02 -25.53
N GLU B 453 -47.61 0.78 -24.92
CA GLU B 453 -48.76 0.29 -24.17
C GLU B 453 -48.46 -0.39 -22.80
N ILE B 454 -47.18 -0.39 -22.33
CA ILE B 454 -46.87 -0.89 -20.98
C ILE B 454 -47.04 0.25 -19.96
N LYS B 455 -48.11 0.17 -19.14
CA LYS B 455 -48.48 1.15 -18.11
C LYS B 455 -48.77 0.46 -16.77
N PHE B 456 -48.73 1.24 -15.66
CA PHE B 456 -49.02 0.74 -14.32
C PHE B 456 -50.00 1.71 -13.63
N GLU B 457 -51.32 1.43 -13.81
CA GLU B 457 -52.44 2.24 -13.31
C GLU B 457 -53.44 1.39 -12.50
N PHE B 458 -53.49 1.61 -11.16
CA PHE B 458 -54.37 0.91 -10.21
C PHE B 458 -55.02 1.92 -9.23
N GLY C 1 15.41 26.33 60.02
CA GLY C 1 14.29 26.32 60.96
C GLY C 1 13.00 26.80 60.34
N PHE C 2 11.88 26.05 60.54
CA PHE C 2 10.58 26.44 59.98
C PHE C 2 9.87 27.46 60.85
N LYS C 3 9.52 28.61 60.24
CA LYS C 3 8.77 29.68 60.91
C LYS C 3 7.57 30.01 60.03
N ALA C 4 6.36 29.61 60.48
CA ALA C 4 5.09 29.87 59.76
C ALA C 4 4.83 31.38 59.63
N GLY C 5 4.16 31.77 58.54
CA GLY C 5 3.82 33.16 58.27
C GLY C 5 4.39 33.72 56.99
N VAL C 6 3.95 34.93 56.65
CA VAL C 6 4.34 35.64 55.45
C VAL C 6 5.63 36.43 55.67
N LYS C 7 6.52 36.37 54.68
CA LYS C 7 7.80 37.08 54.61
C LYS C 7 7.83 37.75 53.23
N ASP C 8 8.69 38.76 53.05
CA ASP C 8 8.84 39.42 51.76
C ASP C 8 9.48 38.46 50.76
N TYR C 9 9.06 38.55 49.50
CA TYR C 9 9.59 37.73 48.42
C TYR C 9 11.08 38.07 48.18
N LYS C 10 11.48 39.37 48.35
CA LYS C 10 12.84 39.94 48.22
C LYS C 10 13.89 39.12 48.96
N LEU C 11 13.52 38.63 50.13
CA LEU C 11 14.40 37.89 51.03
C LEU C 11 15.01 36.64 50.41
N THR C 12 14.23 35.92 49.59
CA THR C 12 14.71 34.69 48.97
C THR C 12 14.89 34.85 47.45
N TYR C 13 14.01 35.64 46.81
CA TYR C 13 13.90 35.73 45.36
C TYR C 13 14.55 36.91 44.63
N TYR C 14 15.13 37.87 45.37
CA TYR C 14 15.87 38.97 44.74
C TYR C 14 17.35 38.72 45.05
N THR C 15 18.15 38.39 44.03
CA THR C 15 19.57 38.06 44.18
C THR C 15 20.39 38.88 43.17
N PRO C 16 20.67 40.17 43.47
CA PRO C 16 21.37 41.01 42.49
C PRO C 16 22.84 40.65 42.19
N ASP C 17 23.45 39.76 43.01
CA ASP C 17 24.83 39.31 42.81
C ASP C 17 24.90 37.97 42.08
N TYR C 18 23.74 37.44 41.70
CA TYR C 18 23.67 36.16 41.01
C TYR C 18 24.33 36.18 39.63
N GLN C 19 25.18 35.16 39.39
CA GLN C 19 25.86 34.93 38.14
C GLN C 19 25.06 33.88 37.38
N THR C 20 24.42 34.29 36.28
CA THR C 20 23.60 33.37 35.50
C THR C 20 24.46 32.21 34.98
N LYS C 21 23.87 31.01 34.93
CA LYS C 21 24.55 29.83 34.40
C LYS C 21 24.10 29.69 32.94
N ASP C 22 24.94 29.04 32.11
CA ASP C 22 24.62 28.80 30.70
C ASP C 22 23.45 27.84 30.53
N THR C 23 23.06 27.15 31.63
CA THR C 23 21.94 26.21 31.63
C THR C 23 20.63 26.88 32.06
N ASP C 24 20.69 28.13 32.58
CA ASP C 24 19.48 28.81 33.01
C ASP C 24 18.65 29.31 31.85
N ILE C 25 17.33 29.27 32.05
CA ILE C 25 16.39 29.92 31.14
C ILE C 25 16.34 31.35 31.75
N LEU C 26 16.58 32.37 30.94
CA LEU C 26 16.52 33.75 31.40
C LEU C 26 15.30 34.43 30.81
N ALA C 27 14.61 35.26 31.61
CA ALA C 27 13.41 35.96 31.15
C ALA C 27 13.54 37.48 31.38
N ALA C 28 13.19 38.26 30.37
CA ALA C 28 13.18 39.73 30.44
C ALA C 28 11.71 40.16 30.50
N PHE C 29 11.24 40.50 31.70
CA PHE C 29 9.87 40.94 31.92
C PHE C 29 9.83 42.47 32.05
N ARG C 30 8.90 43.10 31.34
CA ARG C 30 8.60 44.53 31.47
C ARG C 30 7.50 44.62 32.55
N VAL C 31 7.85 44.96 33.81
CA VAL C 31 6.98 45.01 34.97
C VAL C 31 6.47 46.46 35.22
N THR C 32 5.15 46.63 35.39
CA THR C 32 4.52 47.89 35.79
C THR C 32 3.90 47.59 37.15
N PRO C 33 4.57 47.98 38.26
CA PRO C 33 4.00 47.65 39.58
C PRO C 33 2.88 48.58 40.00
N GLN C 34 2.11 48.17 41.02
CA GLN C 34 1.08 49.01 41.61
C GLN C 34 1.82 50.09 42.43
N PRO C 35 1.26 51.32 42.60
CA PRO C 35 1.93 52.34 43.43
C PRO C 35 2.20 51.82 44.85
N GLY C 36 3.42 52.05 45.33
CA GLY C 36 3.84 51.62 46.66
C GLY C 36 4.51 50.26 46.68
N VAL C 37 4.55 49.56 45.54
CA VAL C 37 5.22 48.26 45.45
C VAL C 37 6.64 48.52 44.91
N PRO C 38 7.69 48.27 45.74
CA PRO C 38 9.06 48.52 45.26
C PRO C 38 9.46 47.53 44.15
N PRO C 39 10.28 47.97 43.16
CA PRO C 39 10.68 47.05 42.08
C PRO C 39 11.33 45.72 42.52
N GLU C 40 12.12 45.75 43.60
CA GLU C 40 12.80 44.57 44.16
C GLU C 40 11.79 43.53 44.63
N GLU C 41 10.67 44.00 45.23
CA GLU C 41 9.60 43.13 45.70
C GLU C 41 8.76 42.61 44.53
N ALA C 42 8.39 43.49 43.57
CA ALA C 42 7.60 43.11 42.40
C ALA C 42 8.36 42.05 41.56
N GLY C 43 9.66 42.29 41.35
CA GLY C 43 10.56 41.41 40.61
C GLY C 43 10.69 40.05 41.28
N ALA C 44 10.93 40.07 42.60
CA ALA C 44 11.05 38.85 43.41
C ALA C 44 9.73 38.08 43.44
N ALA C 45 8.57 38.79 43.46
CA ALA C 45 7.26 38.13 43.44
C ALA C 45 7.09 37.36 42.09
N VAL C 46 7.53 37.99 40.97
CA VAL C 46 7.51 37.39 39.64
C VAL C 46 8.34 36.10 39.65
N ALA C 47 9.61 36.18 40.11
CA ALA C 47 10.54 35.05 40.21
C ALA C 47 9.98 33.91 41.08
N ALA C 48 9.41 34.25 42.25
CA ALA C 48 8.85 33.28 43.19
C ALA C 48 7.65 32.50 42.66
N GLU C 49 6.62 33.20 42.17
CA GLU C 49 5.38 32.55 41.72
C GLU C 49 5.46 31.79 40.42
N SER C 50 6.49 32.09 39.62
CA SER C 50 6.75 31.41 38.36
C SER C 50 7.76 30.25 38.55
N SER C 51 8.14 29.97 39.83
CA SER C 51 9.09 28.89 40.11
C SER C 51 8.77 27.97 41.30
N THR C 52 9.13 28.36 42.53
CA THR C 52 8.98 27.51 43.71
C THR C 52 8.20 28.13 44.86
N GLY C 53 8.11 29.45 44.89
CA GLY C 53 7.46 30.13 46.00
C GLY C 53 5.96 30.19 46.00
N THR C 54 5.43 30.55 47.17
CA THR C 54 4.04 30.85 47.40
C THR C 54 3.94 32.08 48.32
N TRP C 55 2.72 32.47 48.70
CA TRP C 55 2.42 33.66 49.50
C TRP C 55 2.80 33.55 50.98
N THR C 56 2.99 32.34 51.50
CA THR C 56 3.34 32.09 52.91
C THR C 56 4.37 30.96 53.03
N THR C 57 5.11 30.93 54.17
CA THR C 57 6.17 29.95 54.44
C THR C 57 5.62 28.53 54.59
N VAL C 58 6.21 27.63 53.81
CA VAL C 58 5.85 26.21 53.84
C VAL C 58 7.03 25.44 54.42
N TRP C 59 6.76 24.50 55.34
CA TRP C 59 7.80 23.70 55.99
C TRP C 59 8.54 22.78 55.00
N THR C 60 7.81 22.32 53.96
CA THR C 60 8.30 21.45 52.89
C THR C 60 9.53 21.99 52.16
N ASP C 61 9.76 23.31 52.18
CA ASP C 61 10.94 23.94 51.53
C ASP C 61 12.25 23.34 52.09
N GLY C 62 12.23 22.94 53.36
CA GLY C 62 13.37 22.34 54.04
C GLY C 62 13.70 20.92 53.63
N LEU C 63 12.75 20.22 52.95
CA LEU C 63 12.96 18.85 52.44
C LEU C 63 13.79 18.89 51.16
N THR C 64 13.77 20.04 50.48
CA THR C 64 14.50 20.30 49.25
C THR C 64 15.53 21.42 49.43
N SER C 65 16.18 21.83 48.33
CA SER C 65 17.14 22.92 48.31
C SER C 65 16.62 24.01 47.39
N LEU C 66 16.04 25.07 48.00
CA LEU C 66 15.57 26.23 47.24
C LEU C 66 16.69 26.89 46.46
N ASP C 67 17.93 26.89 47.00
CA ASP C 67 19.11 27.46 46.34
C ASP C 67 19.28 26.86 44.95
N ARG C 68 19.04 25.56 44.83
CA ARG C 68 19.16 24.79 43.60
C ARG C 68 17.98 25.02 42.64
N TYR C 69 16.76 25.17 43.16
CA TYR C 69 15.54 25.24 42.35
C TYR C 69 14.88 26.56 42.11
N LYS C 70 15.00 27.50 43.05
CA LYS C 70 14.33 28.79 42.93
C LYS C 70 14.63 29.60 41.66
N GLY C 71 13.61 30.31 41.19
CA GLY C 71 13.73 31.29 40.12
C GLY C 71 14.32 32.49 40.83
N ARG C 72 15.10 33.35 40.15
CA ARG C 72 15.73 34.46 40.86
CA ARG C 72 15.77 34.44 40.84
C ARG C 72 15.68 35.73 40.05
N CYS C 73 15.23 36.83 40.67
CA CYS C 73 15.29 38.11 39.96
C CYS C 73 16.72 38.62 40.26
N TYR C 74 17.57 38.65 39.25
CA TYR C 74 18.99 38.97 39.42
C TYR C 74 19.35 40.39 38.96
N GLU C 75 18.41 41.08 38.32
CA GLU C 75 18.67 42.42 37.80
C GLU C 75 17.38 43.15 37.53
N ILE C 76 17.30 44.39 38.02
CA ILE C 76 16.19 45.34 37.87
C ILE C 76 16.75 46.53 37.17
N GLU C 77 16.23 46.78 35.97
CA GLU C 77 16.63 47.83 35.05
C GLU C 77 15.46 48.86 34.83
N PRO C 78 15.44 50.01 35.56
CA PRO C 78 14.36 51.01 35.33
C PRO C 78 14.35 51.56 33.91
N VAL C 79 13.15 51.70 33.33
CA VAL C 79 12.98 52.14 31.94
C VAL C 79 12.20 53.47 31.87
N PRO C 80 12.37 54.29 30.80
CA PRO C 80 11.55 55.52 30.71
C PRO C 80 10.07 55.23 30.32
N GLY C 81 9.27 56.28 30.25
CA GLY C 81 7.87 56.19 29.81
C GLY C 81 6.88 55.86 30.90
N GLU C 82 6.28 54.63 30.83
CA GLU C 82 5.28 54.18 31.83
C GLU C 82 5.86 54.31 33.25
N ASP C 83 5.04 54.83 34.18
CA ASP C 83 5.52 55.15 35.52
C ASP C 83 5.92 54.02 36.43
N ASN C 84 7.19 54.11 36.87
CA ASN C 84 7.91 53.18 37.73
C ASN C 84 8.08 51.80 37.08
N GLN C 85 8.06 51.80 35.74
CA GLN C 85 8.22 50.62 34.90
C GLN C 85 9.72 50.29 34.85
N PHE C 86 10.01 48.98 34.90
CA PHE C 86 11.36 48.45 34.86
C PHE C 86 11.37 47.09 34.19
N ILE C 87 12.55 46.65 33.75
CA ILE C 87 12.75 45.30 33.23
C ILE C 87 13.29 44.48 34.40
N ALA C 88 12.62 43.37 34.73
CA ALA C 88 13.07 42.45 35.76
C ALA C 88 13.64 41.22 35.02
N TYR C 89 14.92 40.94 35.25
CA TYR C 89 15.58 39.81 34.63
C TYR C 89 15.49 38.66 35.59
N VAL C 90 14.88 37.55 35.15
CA VAL C 90 14.68 36.37 36.01
C VAL C 90 15.41 35.17 35.43
N ALA C 91 16.13 34.45 36.30
CA ALA C 91 16.87 33.24 35.92
C ALA C 91 16.16 32.01 36.51
N TYR C 92 15.87 31.02 35.67
CA TYR C 92 15.21 29.79 36.10
C TYR C 92 16.15 28.61 35.88
N PRO C 93 16.43 27.79 36.91
CA PRO C 93 17.32 26.63 36.70
C PRO C 93 16.75 25.61 35.70
N LEU C 94 17.65 24.99 34.92
CA LEU C 94 17.30 23.96 33.91
C LEU C 94 16.40 22.84 34.47
N ASP C 95 16.59 22.45 35.74
CA ASP C 95 15.83 21.37 36.41
C ASP C 95 14.35 21.59 36.56
N LEU C 96 13.90 22.82 36.42
CA LEU C 96 12.49 23.17 36.57
C LEU C 96 11.68 22.74 35.38
N PHE C 97 12.31 22.52 34.22
CA PHE C 97 11.62 22.28 32.97
C PHE C 97 11.56 20.86 32.44
N GLU C 98 10.38 20.49 31.90
CA GLU C 98 10.22 19.18 31.29
C GLU C 98 10.87 19.26 29.90
N GLU C 99 11.77 18.32 29.60
CA GLU C 99 12.48 18.17 28.33
C GLU C 99 11.50 18.05 27.17
N GLY C 100 11.78 18.69 26.04
CA GLY C 100 10.92 18.66 24.85
C GLY C 100 9.51 19.24 24.99
N SER C 101 9.21 19.97 26.10
CA SER C 101 7.85 20.48 26.37
C SER C 101 7.73 22.01 26.43
N VAL C 102 7.31 22.63 25.31
CA VAL C 102 7.07 24.08 25.29
C VAL C 102 5.92 24.41 26.28
N THR C 103 4.91 23.50 26.33
CA THR C 103 3.77 23.60 27.24
C THR C 103 4.25 23.83 28.67
N ASN C 104 5.17 22.97 29.14
CA ASN C 104 5.70 23.09 30.50
C ASN C 104 6.49 24.39 30.72
N MET C 105 7.32 24.79 29.76
CA MET C 105 8.09 26.02 29.85
C MET C 105 7.16 27.23 30.05
N PHE C 106 6.11 27.35 29.22
CA PHE C 106 5.10 28.42 29.32
C PHE C 106 4.32 28.35 30.61
N THR C 107 3.92 27.13 31.01
CA THR C 107 3.14 26.97 32.26
C THR C 107 3.89 27.60 33.44
N SER C 108 5.20 27.36 33.59
CA SER C 108 5.93 27.93 34.70
CA SER C 108 5.98 27.91 34.69
C SER C 108 6.17 29.42 34.55
N ILE C 109 6.83 29.84 33.47
CA ILE C 109 7.18 31.24 33.23
C ILE C 109 6.01 32.25 33.16
N VAL C 110 4.97 31.94 32.37
CA VAL C 110 3.82 32.79 32.13
C VAL C 110 2.48 32.27 32.75
N GLY C 111 2.55 31.25 33.59
CA GLY C 111 1.38 30.61 34.19
C GLY C 111 0.47 31.47 35.05
N ASN C 112 1.00 32.06 36.12
CA ASN C 112 0.15 32.80 37.05
C ASN C 112 0.55 34.24 37.30
N VAL C 113 1.81 34.52 37.13
CA VAL C 113 2.43 35.79 37.41
C VAL C 113 1.79 37.08 36.81
N PHE C 114 1.14 36.97 35.62
CA PHE C 114 0.47 38.10 34.93
C PHE C 114 -0.82 38.59 35.63
N GLY C 115 -1.35 37.80 36.57
CA GLY C 115 -2.57 38.14 37.28
C GLY C 115 -2.38 38.68 38.67
N PHE C 116 -1.12 38.91 39.07
CA PHE C 116 -0.76 39.46 40.37
C PHE C 116 -1.46 40.78 40.69
N LYS C 117 -2.17 40.86 41.82
CA LYS C 117 -2.86 42.07 42.27
C LYS C 117 -1.84 43.22 42.43
N ALA C 118 -0.62 42.88 42.93
CA ALA C 118 0.53 43.77 43.17
C ALA C 118 1.14 44.40 41.91
N LEU C 119 0.64 44.02 40.72
CA LEU C 119 1.12 44.57 39.45
C LEU C 119 -0.04 45.17 38.70
N ARG C 120 0.25 46.18 37.85
CA ARG C 120 -0.74 46.80 36.99
C ARG C 120 -0.68 46.10 35.63
N ALA C 121 0.55 45.77 35.18
CA ALA C 121 0.83 45.18 33.89
C ALA C 121 2.14 44.41 33.90
N LEU C 122 2.26 43.44 32.99
CA LEU C 122 3.41 42.58 32.84
C LEU C 122 3.52 42.11 31.42
N ARG C 123 4.68 42.28 30.81
CA ARG C 123 4.95 41.84 29.46
C ARG C 123 6.28 41.05 29.38
N LEU C 124 6.20 39.75 28.96
CA LEU C 124 7.40 38.94 28.79
C LEU C 124 7.98 39.35 27.42
N GLU C 125 9.12 40.03 27.43
CA GLU C 125 9.76 40.55 26.22
C GLU C 125 10.65 39.56 25.50
N ASP C 126 11.40 38.74 26.24
CA ASP C 126 12.32 37.80 25.63
C ASP C 126 12.62 36.68 26.58
N LEU C 127 13.12 35.56 26.05
CA LEU C 127 13.55 34.37 26.81
C LEU C 127 14.86 33.88 26.23
N ARG C 128 15.84 33.65 27.08
CA ARG C 128 17.09 33.08 26.61
C ARG C 128 16.90 31.57 26.81
N ILE C 129 16.72 30.83 25.72
CA ILE C 129 16.54 29.37 25.85
C ILE C 129 17.93 28.75 25.90
N PRO C 130 18.34 28.11 27.01
CA PRO C 130 19.72 27.60 27.08
C PRO C 130 19.89 26.51 26.07
N TYR C 131 21.07 26.45 25.45
CA TYR C 131 21.34 25.46 24.42
C TYR C 131 21.20 24.02 24.93
N ALA C 132 21.35 23.77 26.25
CA ALA C 132 21.18 22.43 26.83
C ALA C 132 19.70 22.05 26.76
N TYR C 133 18.79 23.07 26.85
CA TYR C 133 17.35 22.85 26.75
C TYR C 133 16.92 22.69 25.28
N VAL C 134 17.51 23.48 24.37
CA VAL C 134 17.27 23.42 22.93
C VAL C 134 17.46 21.97 22.44
N LYS C 135 18.52 21.28 22.93
CA LYS C 135 18.88 19.90 22.56
C LYS C 135 17.84 18.83 22.87
N THR C 136 16.88 19.11 23.76
CA THR C 136 15.81 18.18 24.13
C THR C 136 14.63 18.25 23.16
N PHE C 137 14.67 19.16 22.17
CA PHE C 137 13.60 19.35 21.21
C PHE C 137 14.02 18.87 19.85
N GLN C 138 13.05 18.36 19.07
CA GLN C 138 13.27 18.01 17.66
C GLN C 138 13.40 19.31 16.85
N GLY C 139 12.54 20.30 17.15
CA GLY C 139 12.53 21.55 16.42
C GLY C 139 11.84 21.34 15.08
N PRO C 140 12.14 22.15 14.05
CA PRO C 140 11.45 21.97 12.77
C PRO C 140 11.55 20.55 12.19
N PRO C 141 10.47 20.02 11.56
CA PRO C 141 10.57 18.69 10.96
C PRO C 141 11.67 18.62 9.92
N HIS C 142 11.87 19.74 9.18
CA HIS C 142 12.88 19.78 8.10
C HIS C 142 13.81 20.99 8.20
N GLY C 143 13.25 22.20 8.17
CA GLY C 143 14.07 23.40 8.21
C GLY C 143 14.41 23.89 6.82
N ILE C 144 14.98 25.12 6.75
CA ILE C 144 15.28 25.85 5.50
C ILE C 144 15.94 25.05 4.40
N GLN C 145 17.17 24.62 4.62
CA GLN C 145 17.94 23.89 3.61
C GLN C 145 17.21 22.64 3.07
N VAL C 146 16.71 21.80 3.99
CA VAL C 146 16.03 20.56 3.61
C VAL C 146 14.80 20.84 2.79
N GLU C 147 14.02 21.83 3.20
CA GLU C 147 12.87 22.23 2.42
C GLU C 147 13.21 22.63 0.97
N ARG C 148 14.19 23.53 0.77
CA ARG C 148 14.66 23.97 -0.56
C ARG C 148 15.18 22.80 -1.35
N ASP C 149 15.91 21.88 -0.70
CA ASP C 149 16.45 20.67 -1.36
C ASP C 149 15.33 19.73 -1.77
N LYS C 150 14.28 19.60 -0.95
CA LYS C 150 13.16 18.74 -1.32
C LYS C 150 12.34 19.30 -2.48
N LEU C 151 12.13 20.62 -2.49
CA LEU C 151 11.31 21.28 -3.52
C LEU C 151 12.10 21.68 -4.73
N ASN C 152 13.46 21.59 -4.67
CA ASN C 152 14.35 21.94 -5.77
C ASN C 152 14.18 23.42 -6.16
N LYS C 153 14.04 24.31 -5.16
CA LYS C 153 13.82 25.73 -5.35
C LYS C 153 14.92 26.50 -4.67
N TYR C 154 15.69 27.28 -5.47
CA TYR C 154 16.83 28.07 -4.98
C TYR C 154 16.91 29.45 -5.60
N GLY C 155 17.51 30.38 -4.84
CA GLY C 155 17.84 31.71 -5.32
C GLY C 155 16.78 32.79 -5.34
N ARG C 156 15.68 32.59 -4.62
CA ARG C 156 14.61 33.59 -4.54
C ARG C 156 13.65 33.23 -3.43
N PRO C 157 12.88 34.22 -2.91
CA PRO C 157 11.82 33.88 -1.96
C PRO C 157 10.79 32.95 -2.62
N LEU C 158 10.11 32.15 -1.81
CA LEU C 158 9.05 31.27 -2.35
C LEU C 158 7.78 32.09 -2.46
N LEU C 159 6.89 31.72 -3.36
CA LEU C 159 5.64 32.46 -3.58
C LEU C 159 4.43 31.63 -3.25
N GLY C 160 3.59 32.19 -2.43
CA GLY C 160 2.37 31.57 -1.97
C GLY C 160 1.14 32.42 -2.17
N CYS C 161 -0.01 31.81 -1.88
CA CYS C 161 -1.30 32.46 -2.05
C CYS C 161 -2.36 31.78 -1.20
N THR C 162 -3.08 32.56 -0.38
CA THR C 162 -4.19 32.00 0.41
C THR C 162 -5.47 32.08 -0.45
N ILE C 163 -6.23 30.95 -0.55
CA ILE C 163 -7.49 30.90 -1.30
C ILE C 163 -8.55 31.75 -0.61
N LYS C 164 -9.22 32.63 -1.40
CA LYS C 164 -10.25 33.55 -0.87
C LYS C 164 -11.60 33.33 -1.58
N PRO C 165 -12.80 33.56 -0.98
CA PRO C 165 -13.08 34.04 0.39
C PRO C 165 -12.57 33.03 1.42
N LYS C 166 -12.26 33.53 2.63
CA LYS C 166 -11.71 32.73 3.72
C LYS C 166 -12.53 31.46 3.91
N LEU C 167 -13.86 31.61 3.93
CA LEU C 167 -14.81 30.52 4.12
C LEU C 167 -15.89 30.63 3.05
N GLY C 168 -16.64 29.57 2.83
CA GLY C 168 -17.75 29.57 1.89
C GLY C 168 -17.54 28.84 0.58
N LEU C 169 -16.30 28.55 0.17
CA LEU C 169 -16.11 27.82 -1.09
C LEU C 169 -16.29 26.31 -0.91
N SER C 170 -16.80 25.63 -1.96
CA SER C 170 -16.96 24.16 -2.00
C SER C 170 -15.58 23.54 -2.29
N ALA C 171 -15.42 22.23 -2.03
CA ALA C 171 -14.18 21.50 -2.30
C ALA C 171 -13.74 21.61 -3.78
N LYS C 172 -14.70 21.47 -4.74
CA LYS C 172 -14.39 21.54 -6.18
C LYS C 172 -13.89 22.91 -6.59
N ASN C 173 -14.54 23.97 -6.09
CA ASN C 173 -14.16 25.35 -6.39
C ASN C 173 -12.82 25.70 -5.77
N TYR C 174 -12.54 25.12 -4.58
CA TYR C 174 -11.26 25.29 -3.92
C TYR C 174 -10.15 24.74 -4.81
N GLY C 175 -10.31 23.51 -5.29
CA GLY C 175 -9.33 22.87 -6.15
C GLY C 175 -9.15 23.58 -7.48
N ARG C 176 -10.22 24.17 -7.99
CA ARG C 176 -10.21 24.93 -9.25
C ARG C 176 -9.37 26.22 -9.04
N ALA C 177 -9.60 26.92 -7.93
CA ALA C 177 -8.85 28.14 -7.60
C ALA C 177 -7.39 27.81 -7.39
N VAL C 178 -7.10 26.66 -6.74
CA VAL C 178 -5.76 26.14 -6.48
C VAL C 178 -5.01 25.89 -7.78
N TYR C 179 -5.60 25.09 -8.69
CA TYR C 179 -4.95 24.79 -9.95
C TYR C 179 -4.61 26.05 -10.74
N GLU C 180 -5.54 27.01 -10.80
CA GLU C 180 -5.37 28.26 -11.53
C GLU C 180 -4.23 29.12 -10.96
N CYS C 181 -4.12 29.22 -9.62
CA CYS C 181 -3.04 29.93 -8.95
C CYS C 181 -1.68 29.26 -9.24
N LEU C 182 -1.56 27.94 -8.97
CA LEU C 182 -0.32 27.19 -9.14
C LEU C 182 0.22 27.17 -10.54
N ARG C 183 -0.66 27.01 -11.55
CA ARG C 183 -0.25 26.98 -12.95
C ARG C 183 0.34 28.33 -13.48
N GLY C 184 0.06 29.43 -12.78
CA GLY C 184 0.54 30.77 -13.08
C GLY C 184 1.89 31.15 -12.49
N GLY C 185 2.57 30.25 -11.76
CA GLY C 185 3.88 30.58 -11.23
C GLY C 185 4.09 30.64 -9.73
N LEU C 186 3.00 30.48 -8.94
CA LEU C 186 3.15 30.43 -7.48
C LEU C 186 3.67 29.05 -7.14
N ASP C 187 4.51 28.94 -6.11
CA ASP C 187 5.06 27.64 -5.72
C ASP C 187 4.04 26.94 -4.86
N PHE C 188 3.28 27.74 -4.08
CA PHE C 188 2.31 27.21 -3.15
C PHE C 188 1.00 27.95 -3.17
N THR C 189 -0.05 27.24 -2.76
CA THR C 189 -1.36 27.79 -2.40
C THR C 189 -1.59 27.26 -0.97
N LYS C 190 -2.62 27.73 -0.29
CA LYS C 190 -2.87 27.27 1.07
C LYS C 190 -4.30 27.44 1.48
N ASP C 191 -4.74 26.55 2.36
CA ASP C 191 -6.05 26.65 2.98
C ASP C 191 -5.96 27.89 3.90
N ASP C 192 -7.06 28.65 4.09
CA ASP C 192 -6.95 29.74 5.06
C ASP C 192 -6.83 29.11 6.47
N GLU C 193 -6.33 29.84 7.49
CA GLU C 193 -6.18 29.26 8.83
C GLU C 193 -7.51 28.73 9.40
N ASN C 194 -8.61 29.31 8.92
CA ASN C 194 -10.03 29.14 9.24
C ASN C 194 -10.61 27.85 8.70
N VAL C 195 -10.04 27.36 7.60
CA VAL C 195 -10.45 26.21 6.82
C VAL C 195 -10.02 24.88 7.42
N ASN C 196 -10.97 24.19 8.04
CA ASN C 196 -10.66 22.93 8.69
C ASN C 196 -11.56 21.90 8.04
N SER C 197 -12.77 21.73 8.55
CA SER C 197 -13.78 20.86 7.95
C SER C 197 -15.11 21.47 8.38
N GLN C 198 -15.90 21.92 7.40
CA GLN C 198 -17.15 22.65 7.72
C GLN C 198 -18.34 22.20 6.85
N PRO C 199 -19.61 22.56 7.18
CA PRO C 199 -20.73 22.15 6.31
C PRO C 199 -20.58 22.55 4.84
N PHE C 200 -19.97 23.71 4.56
CA PHE C 200 -19.76 24.19 3.15
C PHE C 200 -18.69 23.41 2.41
N MET C 201 -17.76 22.77 3.17
CA MET C 201 -16.65 22.00 2.59
C MET C 201 -16.01 21.11 3.66
N ARG C 202 -16.15 19.78 3.48
CA ARG C 202 -15.56 18.79 4.39
C ARG C 202 -14.12 18.59 3.98
N TRP C 203 -13.23 18.36 4.95
CA TRP C 203 -11.79 18.27 4.66
C TRP C 203 -11.35 17.24 3.64
N ARG C 204 -11.87 16.02 3.71
CA ARG C 204 -11.39 14.94 2.86
C ARG C 204 -11.64 15.25 1.41
N ASP C 205 -12.80 15.88 1.12
CA ASP C 205 -13.22 16.32 -0.22
C ASP C 205 -12.22 17.37 -0.71
N ARG C 206 -11.87 18.36 0.16
CA ARG C 206 -10.91 19.41 -0.19
C ARG C 206 -9.53 18.82 -0.50
N PHE C 207 -9.04 17.93 0.36
CA PHE C 207 -7.73 17.28 0.22
C PHE C 207 -7.61 16.56 -1.10
N LEU C 208 -8.64 15.78 -1.49
CA LEU C 208 -8.58 15.09 -2.77
C LEU C 208 -8.62 15.98 -4.01
N PHE C 209 -9.47 17.01 -4.02
CA PHE C 209 -9.54 17.96 -5.15
C PHE C 209 -8.27 18.82 -5.22
N CYS C 210 -7.71 19.24 -4.08
CA CYS C 210 -6.45 19.97 -4.05
C CYS C 210 -5.28 19.13 -4.51
N ALA C 211 -5.27 17.80 -4.24
CA ALA C 211 -4.22 16.91 -4.72
C ALA C 211 -4.30 16.84 -6.27
N GLU C 212 -5.52 16.74 -6.83
CA GLU C 212 -5.72 16.71 -8.29
C GLU C 212 -5.14 18.00 -8.92
N ALA C 213 -5.44 19.17 -8.32
CA ALA C 213 -4.98 20.49 -8.71
C ALA C 213 -3.44 20.63 -8.66
N ILE C 214 -2.82 20.15 -7.57
CA ILE C 214 -1.35 20.16 -7.42
C ILE C 214 -0.70 19.39 -8.57
N TYR C 215 -1.14 18.15 -8.81
CA TYR C 215 -0.56 17.29 -9.81
C TYR C 215 -0.81 17.77 -11.24
N LYS C 216 -1.97 18.37 -11.51
CA LYS C 216 -2.25 18.96 -12.84
C LYS C 216 -1.32 20.16 -13.09
N SER C 217 -1.25 21.10 -12.13
CA SER C 217 -0.41 22.29 -12.26
C SER C 217 1.09 21.97 -12.31
N GLN C 218 1.55 20.93 -11.59
CA GLN C 218 2.94 20.52 -11.59
C GLN C 218 3.34 19.92 -12.94
N ALA C 219 2.47 19.07 -13.53
CA ALA C 219 2.68 18.47 -14.83
C ALA C 219 2.72 19.54 -15.92
N GLU C 220 1.84 20.55 -15.82
CA GLU C 220 1.73 21.67 -16.78
C GLU C 220 2.98 22.60 -16.81
N THR C 221 3.45 23.01 -15.63
CA THR C 221 4.56 23.95 -15.49
C THR C 221 5.96 23.30 -15.47
N GLY C 222 6.04 22.06 -14.98
CA GLY C 222 7.32 21.38 -14.83
C GLY C 222 8.05 21.77 -13.54
N GLU C 223 7.39 22.56 -12.66
CA GLU C 223 7.96 22.95 -11.35
C GLU C 223 7.15 22.25 -10.24
N ILE C 224 7.83 21.87 -9.14
CA ILE C 224 7.19 21.21 -7.99
C ILE C 224 6.22 22.20 -7.37
N LYS C 225 5.00 21.74 -7.08
CA LYS C 225 3.92 22.57 -6.49
C LYS C 225 3.45 21.95 -5.19
N GLY C 226 2.87 22.80 -4.33
CA GLY C 226 2.26 22.36 -3.08
C GLY C 226 1.04 23.19 -2.73
N HIS C 227 0.14 22.64 -1.92
CA HIS C 227 -1.01 23.34 -1.36
C HIS C 227 -1.02 22.97 0.09
N TYR C 228 -0.81 23.93 1.02
CA TYR C 228 -0.77 23.59 2.44
C TYR C 228 -2.15 23.14 2.86
N LEU C 229 -2.28 21.86 3.17
CA LEU C 229 -3.54 21.27 3.60
C LEU C 229 -3.62 21.40 5.12
N ASN C 230 -4.65 22.08 5.59
CA ASN C 230 -4.83 22.32 7.01
C ASN C 230 -5.19 21.05 7.82
N ALA C 231 -4.38 20.77 8.85
CA ALA C 231 -4.60 19.61 9.69
C ALA C 231 -5.15 20.04 11.04
N THR C 232 -5.31 21.35 11.24
CA THR C 232 -5.87 21.90 12.49
C THR C 232 -7.25 21.27 12.71
N ALA C 233 -7.49 20.74 13.91
CA ALA C 233 -8.75 20.07 14.21
C ALA C 233 -9.15 20.20 15.67
N GLY C 234 -10.35 19.72 15.99
CA GLY C 234 -10.92 19.77 17.34
C GLY C 234 -10.23 18.84 18.31
N THR C 235 -9.75 17.68 17.81
CA THR C 235 -9.06 16.65 18.62
C THR C 235 -7.82 16.16 17.87
N CYS C 236 -6.85 15.59 18.61
CA CYS C 236 -5.61 15.05 18.04
CA CYS C 236 -5.61 15.04 18.06
C CYS C 236 -5.87 13.94 17.05
N GLU C 237 -6.89 13.11 17.33
CA GLU C 237 -7.33 12.01 16.46
C GLU C 237 -7.70 12.59 15.10
N GLU C 238 -8.52 13.66 15.08
CA GLU C 238 -8.91 14.32 13.85
C GLU C 238 -7.72 14.96 13.16
N MET C 239 -6.82 15.60 13.90
CA MET C 239 -5.61 16.22 13.32
C MET C 239 -4.74 15.15 12.62
N LEU C 240 -4.49 14.03 13.30
CA LEU C 240 -3.67 12.97 12.72
C LEU C 240 -4.29 12.28 11.53
N LYS C 241 -5.65 12.10 11.53
CA LYS C 241 -6.40 11.52 10.38
C LYS C 241 -6.13 12.32 9.13
N ARG C 242 -6.14 13.66 9.28
CA ARG C 242 -5.95 14.61 8.21
C ARG C 242 -4.53 14.54 7.67
N ALA C 243 -3.50 14.53 8.56
CA ALA C 243 -2.08 14.38 8.16
C ALA C 243 -1.83 13.02 7.50
N VAL C 244 -2.46 11.92 8.02
CA VAL C 244 -2.31 10.56 7.44
C VAL C 244 -2.81 10.54 5.99
N PHE C 245 -3.96 11.22 5.71
CA PHE C 245 -4.50 11.26 4.36
C PHE C 245 -3.62 12.06 3.40
N ALA C 246 -3.06 13.18 3.86
CA ALA C 246 -2.13 14.02 3.07
C ALA C 246 -0.91 13.15 2.70
N ARG C 247 -0.42 12.35 3.65
CA ARG C 247 0.68 11.40 3.48
C ARG C 247 0.30 10.35 2.39
N GLU C 248 -0.93 9.81 2.44
CA GLU C 248 -1.42 8.83 1.45
C GLU C 248 -1.49 9.47 0.04
N LEU C 249 -1.84 10.76 -0.03
CA LEU C 249 -1.88 11.46 -1.32
C LEU C 249 -0.49 11.78 -1.89
N GLY C 250 0.58 11.64 -1.10
CA GLY C 250 1.98 11.88 -1.49
C GLY C 250 2.37 13.34 -1.69
N VAL C 251 1.56 14.19 -1.12
CA VAL C 251 1.57 15.63 -1.18
C VAL C 251 2.71 16.18 -0.29
N PRO C 252 3.36 17.34 -0.62
CA PRO C 252 4.53 17.75 0.16
C PRO C 252 4.34 18.50 1.45
N ILE C 253 3.20 19.20 1.61
CA ILE C 253 3.05 20.09 2.75
C ILE C 253 1.71 20.08 3.44
N VAL C 254 1.76 20.21 4.77
CA VAL C 254 0.61 20.29 5.65
C VAL C 254 0.69 21.61 6.45
N MET C 255 -0.39 22.03 7.11
CA MET C 255 -0.46 23.27 7.87
C MET C 255 -1.11 23.07 9.25
N HIS C 256 -0.73 23.91 10.22
CA HIS C 256 -1.28 23.87 11.56
C HIS C 256 -1.27 25.26 12.19
N ASP C 257 -2.30 25.56 12.96
CA ASP C 257 -2.45 26.82 13.67
C ASP C 257 -1.99 26.52 15.11
N TYR C 258 -0.70 26.72 15.39
CA TYR C 258 -0.08 26.32 16.66
C TYR C 258 -0.59 26.93 17.95
N LEU C 259 -1.15 28.14 17.91
CA LEU C 259 -1.64 28.71 19.17
C LEU C 259 -3.09 28.32 19.44
N THR C 260 -3.93 28.24 18.39
CA THR C 260 -5.33 27.83 18.55
C THR C 260 -5.41 26.30 18.75
N GLY C 261 -4.63 25.54 17.97
CA GLY C 261 -4.49 24.09 18.11
C GLY C 261 -3.80 23.80 19.45
N GLY C 262 -2.74 24.57 19.74
CA GLY C 262 -2.00 24.47 21.00
C GLY C 262 -0.68 23.73 20.84
N PHE C 263 0.24 23.93 21.79
CA PHE C 263 1.59 23.35 21.77
C PHE C 263 1.65 21.83 21.85
N THR C 264 0.79 21.20 22.68
CA THR C 264 0.77 19.73 22.81
C THR C 264 0.44 19.11 21.47
N ALA C 265 -0.62 19.61 20.80
CA ALA C 265 -1.01 19.13 19.47
C ALA C 265 0.01 19.50 18.45
N ASN C 266 0.61 20.72 18.54
CA ASN C 266 1.63 21.12 17.56
C ASN C 266 2.85 20.22 17.58
N THR C 267 3.35 19.90 18.79
CA THR C 267 4.54 19.05 18.93
C THR C 267 4.24 17.65 18.38
N THR C 268 3.02 17.12 18.63
CA THR C 268 2.60 15.81 18.10
C THR C 268 2.64 15.83 16.56
N LEU C 269 2.06 16.86 15.95
CA LEU C 269 2.04 16.95 14.48
C LEU C 269 3.42 17.14 13.88
N SER C 270 4.27 17.91 14.55
CA SER C 270 5.65 18.19 14.12
C SER C 270 6.44 16.86 14.09
N HIS C 271 6.25 16.02 15.12
CA HIS C 271 6.88 14.69 15.19
C HIS C 271 6.36 13.81 14.06
N TYR C 272 5.04 13.86 13.78
CA TYR C 272 4.43 13.07 12.70
C TYR C 272 5.02 13.51 11.34
N CYS C 273 5.16 14.81 11.13
CA CYS C 273 5.72 15.35 9.89
C CYS C 273 7.17 14.93 9.66
N ARG C 274 7.95 14.88 10.73
CA ARG C 274 9.35 14.43 10.65
C ARG C 274 9.41 12.92 10.30
N ASP C 275 8.54 12.11 10.93
CA ASP C 275 8.47 10.66 10.67
C ASP C 275 7.93 10.32 9.26
N ASN C 276 7.22 11.27 8.63
CA ASN C 276 6.56 11.02 7.35
C ASN C 276 6.93 11.92 6.18
N GLY C 277 7.99 12.70 6.32
CA GLY C 277 8.53 13.58 5.29
C GLY C 277 7.62 14.71 4.86
N LEU C 278 6.72 15.16 5.74
CA LEU C 278 5.80 16.25 5.37
C LEU C 278 6.36 17.58 5.82
N LEU C 279 6.26 18.58 4.96
CA LEU C 279 6.66 19.95 5.32
C LEU C 279 5.52 20.52 6.16
N LEU C 280 5.84 21.27 7.20
CA LEU C 280 4.84 21.81 8.12
C LEU C 280 4.81 23.34 8.18
N HIS C 281 3.78 23.96 7.57
CA HIS C 281 3.54 25.41 7.56
C HIS C 281 2.77 25.77 8.79
N ILE C 282 3.27 26.73 9.56
CA ILE C 282 2.64 27.17 10.79
C ILE C 282 2.03 28.54 10.63
N HIS C 283 0.75 28.63 11.04
CA HIS C 283 -0.05 29.83 11.11
C HIS C 283 -0.07 30.29 12.58
N ARG C 284 0.13 31.58 12.82
CA ARG C 284 0.17 32.15 14.16
C ARG C 284 -1.17 32.78 14.59
N ALA C 285 -2.32 32.29 14.02
CA ALA C 285 -3.67 32.79 14.37
C ALA C 285 -3.77 32.89 15.89
N MET C 286 -4.24 34.07 16.40
CA MET C 286 -4.42 34.46 17.79
C MET C 286 -3.21 35.15 18.45
N HIS C 287 -2.05 35.22 17.77
CA HIS C 287 -0.87 35.83 18.39
C HIS C 287 -1.08 37.28 18.86
N ALA C 288 -1.80 38.10 18.04
CA ALA C 288 -2.05 39.50 18.38
C ALA C 288 -2.92 39.70 19.61
N VAL C 289 -3.66 38.65 20.06
CA VAL C 289 -4.43 38.71 21.30
C VAL C 289 -3.45 38.88 22.46
N ILE C 290 -2.27 38.23 22.34
CA ILE C 290 -1.19 38.14 23.34
C ILE C 290 -0.08 39.19 23.15
N ASP C 291 0.34 39.41 21.89
CA ASP C 291 1.53 40.19 21.58
C ASP C 291 1.43 41.63 21.06
N ARG C 292 0.22 42.19 21.01
CA ARG C 292 0.06 43.50 20.42
C ARG C 292 0.54 44.67 21.29
N GLN C 293 0.12 44.72 22.54
CA GLN C 293 0.36 45.84 23.45
C GLN C 293 1.73 45.85 24.08
N LYS C 294 2.38 47.04 24.14
CA LYS C 294 3.74 47.20 24.68
C LYS C 294 3.82 46.98 26.17
N ASN C 295 2.73 47.19 26.89
CA ASN C 295 2.79 47.08 28.33
C ASN C 295 2.38 45.75 28.96
N HIS C 296 1.67 44.88 28.21
CA HIS C 296 1.18 43.62 28.74
C HIS C 296 1.09 42.49 27.70
N GLY C 297 1.42 41.27 28.14
CA GLY C 297 1.34 40.09 27.29
C GLY C 297 2.67 39.39 27.06
N MET C 298 2.92 38.94 25.86
CA MET C 298 4.17 38.26 25.50
C MET C 298 4.54 38.75 24.14
N HIS C 299 5.78 39.19 23.94
CA HIS C 299 6.18 39.66 22.62
C HIS C 299 6.19 38.49 21.64
N PHE C 300 5.90 38.73 20.35
CA PHE C 300 5.91 37.66 19.34
C PHE C 300 7.24 36.90 19.30
N ARG C 301 8.38 37.58 19.62
CA ARG C 301 9.68 36.89 19.60
C ARG C 301 9.74 35.66 20.53
N VAL C 302 8.99 35.68 21.66
CA VAL C 302 8.90 34.57 22.60
C VAL C 302 8.09 33.44 21.94
N LEU C 303 6.94 33.80 21.33
CA LEU C 303 6.07 32.87 20.61
C LEU C 303 6.79 32.30 19.40
N ALA C 304 7.67 33.07 18.75
CA ALA C 304 8.47 32.64 17.61
C ALA C 304 9.49 31.59 18.06
N LYS C 305 10.19 31.83 19.18
CA LYS C 305 11.17 30.90 19.74
C LYS C 305 10.47 29.59 20.14
N ALA C 306 9.28 29.70 20.77
CA ALA C 306 8.46 28.54 21.20
C ALA C 306 8.09 27.69 19.99
N LEU C 307 7.71 28.34 18.90
CA LEU C 307 7.39 27.61 17.69
C LEU C 307 8.63 26.89 17.13
N ARG C 308 9.78 27.56 17.09
CA ARG C 308 10.99 26.90 16.58
C ARG C 308 11.32 25.64 17.40
N LEU C 309 11.12 25.67 18.73
CA LEU C 309 11.33 24.51 19.61
C LEU C 309 10.28 23.39 19.35
N SER C 310 8.98 23.74 19.36
CA SER C 310 7.86 22.79 19.14
C SER C 310 7.97 22.17 17.75
N GLY C 311 8.34 22.99 16.78
CA GLY C 311 8.56 22.54 15.41
C GLY C 311 7.62 23.15 14.40
N GLY C 312 8.19 23.60 13.30
CA GLY C 312 7.52 24.14 12.13
C GLY C 312 8.54 24.45 11.07
N ASP C 313 8.22 24.26 9.77
CA ASP C 313 9.10 24.56 8.64
C ASP C 313 8.98 26.02 8.16
N HIS C 314 7.77 26.58 8.26
CA HIS C 314 7.42 27.98 7.96
C HIS C 314 6.66 28.53 9.14
N ILE C 315 6.72 29.85 9.36
CA ILE C 315 5.91 30.55 10.35
C ILE C 315 5.58 31.93 9.80
N HIS C 316 4.34 32.38 10.00
CA HIS C 316 3.92 33.72 9.60
C HIS C 316 4.71 34.68 10.49
N ALA C 317 5.37 35.68 9.87
CA ALA C 317 6.24 36.60 10.59
C ALA C 317 5.92 38.09 10.37
N GLY C 318 4.84 38.38 9.66
CA GLY C 318 4.45 39.76 9.40
C GLY C 318 4.97 40.22 8.06
N THR C 319 4.49 41.38 7.63
CA THR C 319 4.90 41.96 6.34
C THR C 319 5.67 43.25 6.47
N VAL C 320 5.44 43.96 7.62
CA VAL C 320 5.95 45.31 7.91
C VAL C 320 5.08 46.34 7.14
N VAL C 321 5.00 46.18 5.80
CA VAL C 321 4.28 47.03 4.85
C VAL C 321 2.75 46.76 4.67
N GLY C 322 2.30 45.54 5.01
CA GLY C 322 0.90 45.09 4.83
C GLY C 322 -0.13 45.63 5.80
N LYS C 323 -1.34 45.04 5.78
CA LYS C 323 -2.49 45.43 6.58
C LYS C 323 -2.38 45.24 8.11
N LEU C 324 -1.45 44.37 8.55
CA LEU C 324 -1.27 44.04 9.96
C LEU C 324 0.01 44.62 10.57
N GLU C 325 -0.04 44.95 11.87
CA GLU C 325 1.04 45.55 12.66
C GLU C 325 2.37 44.75 12.67
N GLY C 326 3.49 45.47 12.53
CA GLY C 326 4.84 44.93 12.55
C GLY C 326 5.89 45.94 12.15
N GLU C 327 6.74 46.37 13.13
CA GLU C 327 7.81 47.36 12.90
C GLU C 327 9.06 46.69 12.33
N ARG C 328 9.74 47.36 11.39
CA ARG C 328 10.93 46.87 10.68
C ARG C 328 12.03 46.22 11.52
N GLU C 329 12.60 46.98 12.48
CA GLU C 329 13.72 46.55 13.30
C GLU C 329 13.42 45.37 14.18
N ILE C 330 12.23 45.39 14.82
CA ILE C 330 11.76 44.31 15.67
C ILE C 330 11.55 43.05 14.84
N THR C 331 10.97 43.20 13.63
CA THR C 331 10.74 42.10 12.69
C THR C 331 12.06 41.47 12.26
N LEU C 332 13.06 42.28 11.82
CA LEU C 332 14.38 41.77 11.44
C LEU C 332 15.05 41.01 12.58
N GLY C 333 14.83 41.48 13.80
CA GLY C 333 15.33 40.80 14.99
C GLY C 333 14.76 39.40 15.16
N PHE C 334 13.40 39.27 15.15
CA PHE C 334 12.81 37.93 15.29
C PHE C 334 12.98 37.04 14.08
N VAL C 335 13.19 37.61 12.89
CA VAL C 335 13.45 36.83 11.69
C VAL C 335 14.83 36.14 11.85
N ASP C 336 15.78 36.85 12.48
CA ASP C 336 17.10 36.26 12.72
C ASP C 336 16.97 35.14 13.76
N LEU C 337 16.17 35.36 14.80
CA LEU C 337 15.91 34.37 15.85
C LEU C 337 15.31 33.10 15.29
N LEU C 338 14.53 33.22 14.20
CA LEU C 338 13.87 32.11 13.54
C LEU C 338 14.78 31.35 12.60
N ARG C 339 15.67 32.07 11.89
CA ARG C 339 16.50 31.49 10.84
C ARG C 339 17.93 31.12 11.18
N ASP C 340 18.58 31.88 12.05
CA ASP C 340 20.00 31.76 12.37
C ASP C 340 20.33 30.76 13.46
N ASP C 341 21.62 30.38 13.54
CA ASP C 341 22.13 29.48 14.58
C ASP C 341 22.53 30.21 15.83
N TYR C 342 23.00 31.46 15.66
CA TYR C 342 23.52 32.31 16.73
C TYR C 342 23.08 33.75 16.49
N ILE C 343 22.43 34.34 17.49
CA ILE C 343 21.91 35.71 17.40
C ILE C 343 22.39 36.43 18.64
N LYS C 344 23.27 37.41 18.45
CA LYS C 344 23.84 38.21 19.53
C LYS C 344 22.83 39.18 20.07
N LYS C 345 22.90 39.46 21.38
CA LYS C 345 22.10 40.48 22.07
C LYS C 345 22.11 41.77 21.21
N ASP C 346 20.94 42.41 21.03
CA ASP C 346 20.81 43.62 20.21
C ASP C 346 19.52 44.36 20.59
N ARG C 347 19.63 45.26 21.58
CA ARG C 347 18.49 46.01 22.09
C ARG C 347 17.81 46.94 21.09
N SER C 348 18.55 47.40 20.07
CA SER C 348 17.98 48.22 19.01
C SER C 348 16.97 47.41 18.16
N ARG C 349 17.08 46.06 18.22
CA ARG C 349 16.21 45.14 17.49
C ARG C 349 15.35 44.31 18.45
N GLY C 350 15.29 44.72 19.71
CA GLY C 350 14.53 44.06 20.78
C GLY C 350 15.06 42.70 21.22
N ILE C 351 16.32 42.40 20.93
CA ILE C 351 16.93 41.13 21.32
C ILE C 351 17.64 41.37 22.64
N TYR C 352 17.02 40.95 23.73
CA TYR C 352 17.50 41.14 25.09
C TYR C 352 18.63 40.18 25.44
N PHE C 353 18.65 39.02 24.79
CA PHE C 353 19.64 38.00 25.09
C PHE C 353 20.27 37.40 23.88
N THR C 354 21.51 36.96 24.04
CA THR C 354 22.18 36.21 23.00
C THR C 354 21.50 34.82 22.96
N GLN C 355 21.15 34.37 21.75
CA GLN C 355 20.49 33.09 21.58
C GLN C 355 21.29 32.17 20.71
N ASP C 356 21.63 31.00 21.26
CA ASP C 356 22.37 29.94 20.59
C ASP C 356 21.40 28.80 20.33
N TRP C 357 21.31 28.35 19.08
CA TRP C 357 20.37 27.31 18.67
C TRP C 357 21.00 25.94 18.47
N VAL C 358 22.33 25.81 18.70
CA VAL C 358 23.12 24.55 18.59
C VAL C 358 22.65 23.62 17.45
N SER C 359 22.60 24.18 16.24
CA SER C 359 22.21 23.53 14.98
CA SER C 359 22.21 23.53 14.99
C SER C 359 20.76 23.07 14.84
N LEU C 360 19.86 23.54 15.72
CA LEU C 360 18.43 23.24 15.56
C LEU C 360 18.02 23.90 14.22
N PRO C 361 17.28 23.21 13.30
CA PRO C 361 16.95 23.86 12.01
C PRO C 361 16.27 25.23 12.15
N GLY C 362 16.48 26.07 11.14
CA GLY C 362 15.85 27.38 11.06
C GLY C 362 14.49 27.29 10.38
N VAL C 363 13.62 28.22 10.72
CA VAL C 363 12.25 28.32 10.22
C VAL C 363 12.19 29.35 9.10
N ILE C 364 11.50 29.06 8.01
CA ILE C 364 11.32 30.01 6.92
C ILE C 364 10.23 31.03 7.35
N PRO C 365 10.54 32.35 7.45
CA PRO C 365 9.49 33.31 7.80
C PRO C 365 8.56 33.57 6.59
N VAL C 366 7.26 33.78 6.89
CA VAL C 366 6.24 34.01 5.87
C VAL C 366 5.69 35.45 5.96
N ALA C 367 5.82 36.21 4.86
CA ALA C 367 5.23 37.56 4.80
C ALA C 367 3.86 37.39 4.13
N SER C 368 2.81 37.74 4.87
CA SER C 368 1.40 37.58 4.48
C SER C 368 0.50 38.65 5.11
N GLY C 369 -0.50 39.11 4.36
CA GLY C 369 -1.47 40.09 4.87
C GLY C 369 -1.50 41.45 4.21
N GLY C 370 -2.31 41.58 3.17
CA GLY C 370 -2.51 42.86 2.51
C GLY C 370 -1.37 43.34 1.64
N ILE C 371 -0.61 42.39 1.06
CA ILE C 371 0.50 42.75 0.19
C ILE C 371 0.17 42.56 -1.28
N HIS C 372 0.81 43.33 -2.14
CA HIS C 372 0.59 43.26 -3.58
C HIS C 372 1.92 43.56 -4.32
N VAL C 373 1.90 43.48 -5.64
CA VAL C 373 3.03 43.70 -6.54
C VAL C 373 3.95 44.89 -6.20
N TRP C 374 3.40 46.07 -5.83
CA TRP C 374 4.23 47.24 -5.50
C TRP C 374 5.07 47.06 -4.22
N HIS C 375 4.69 46.08 -3.37
CA HIS C 375 5.41 45.77 -2.13
C HIS C 375 6.60 44.82 -2.38
N MET C 376 6.65 44.16 -3.55
CA MET C 376 7.70 43.20 -3.88
C MET C 376 9.13 43.65 -3.60
N PRO C 377 9.60 44.85 -4.09
CA PRO C 377 10.98 45.26 -3.80
C PRO C 377 11.28 45.37 -2.30
N ALA C 378 10.37 46.01 -1.52
CA ALA C 378 10.51 46.17 -0.09
C ALA C 378 10.54 44.80 0.62
N LEU C 379 9.64 43.86 0.21
CA LEU C 379 9.60 42.52 0.79
C LEU C 379 10.91 41.75 0.54
N THR C 380 11.43 41.78 -0.71
CA THR C 380 12.69 41.12 -1.10
C THR C 380 13.88 41.69 -0.30
N GLU C 381 13.87 43.01 -0.04
CA GLU C 381 14.93 43.68 0.69
C GLU C 381 14.88 43.37 2.18
N ILE C 382 13.68 43.39 2.81
CA ILE C 382 13.53 43.14 4.24
C ILE C 382 13.86 41.66 4.56
N PHE C 383 13.25 40.72 3.83
CA PHE C 383 13.39 39.30 4.10
C PHE C 383 14.52 38.59 3.40
N GLY C 384 14.78 38.95 2.15
CA GLY C 384 15.82 38.26 1.39
C GLY C 384 15.28 36.96 0.84
N ASP C 385 16.16 36.09 0.34
CA ASP C 385 15.74 34.85 -0.30
C ASP C 385 15.04 33.86 0.61
N ASP C 386 15.48 33.72 1.89
CA ASP C 386 14.91 32.70 2.79
C ASP C 386 13.61 33.16 3.42
N SER C 387 12.57 33.19 2.58
CA SER C 387 11.25 33.65 2.98
C SER C 387 10.18 33.12 2.03
N VAL C 388 8.92 33.19 2.49
CA VAL C 388 7.75 32.88 1.67
C VAL C 388 6.96 34.17 1.64
N LEU C 389 6.61 34.64 0.43
CA LEU C 389 5.80 35.85 0.26
C LEU C 389 4.44 35.39 -0.23
N GLN C 390 3.40 35.68 0.52
CA GLN C 390 2.06 35.20 0.22
C GLN C 390 1.07 36.28 -0.18
N PHE C 391 0.37 36.04 -1.28
CA PHE C 391 -0.58 36.98 -1.83
C PHE C 391 -1.95 36.32 -2.03
N GLY C 392 -2.86 36.53 -1.08
CA GLY C 392 -4.22 36.02 -1.19
C GLY C 392 -5.02 36.94 -2.08
N GLY C 393 -5.43 38.07 -1.52
CA GLY C 393 -6.13 39.10 -2.26
C GLY C 393 -5.34 39.61 -3.46
N GLY C 394 -4.01 39.65 -3.32
CA GLY C 394 -3.09 40.07 -4.37
C GLY C 394 -2.98 39.14 -5.56
N THR C 395 -3.61 37.95 -5.50
CA THR C 395 -3.64 36.97 -6.61
C THR C 395 -5.09 36.82 -7.10
N LEU C 396 -6.02 36.44 -6.18
CA LEU C 396 -7.43 36.22 -6.51
C LEU C 396 -8.20 37.53 -6.77
N GLY C 397 -7.55 38.67 -6.54
CA GLY C 397 -8.08 40.00 -6.80
C GLY C 397 -7.57 40.60 -8.10
N HIS C 398 -6.76 39.85 -8.89
CA HIS C 398 -6.24 40.32 -10.18
C HIS C 398 -7.41 40.43 -11.16
N PRO C 399 -7.48 41.50 -12.01
CA PRO C 399 -8.64 41.64 -12.93
C PRO C 399 -8.82 40.51 -13.94
N TRP C 400 -7.74 39.78 -14.29
CA TRP C 400 -7.80 38.70 -15.27
C TRP C 400 -7.93 37.28 -14.68
N GLY C 401 -8.03 37.18 -13.35
CA GLY C 401 -8.15 35.87 -12.69
C GLY C 401 -6.86 35.40 -12.07
N ASN C 402 -6.89 34.18 -11.54
CA ASN C 402 -5.80 33.56 -10.77
C ASN C 402 -4.49 33.33 -11.46
N ALA C 403 -4.49 32.67 -12.63
CA ALA C 403 -3.24 32.38 -13.35
C ALA C 403 -2.54 33.71 -13.74
N PRO C 404 -3.23 34.73 -14.34
CA PRO C 404 -2.56 36.02 -14.58
C PRO C 404 -2.14 36.72 -13.28
N GLY C 405 -2.92 36.55 -12.21
CA GLY C 405 -2.58 37.06 -10.90
C GLY C 405 -1.27 36.49 -10.37
N ALA C 406 -1.10 35.16 -10.55
CA ALA C 406 0.10 34.43 -10.15
C ALA C 406 1.31 34.83 -11.01
N VAL C 407 1.11 35.01 -12.32
CA VAL C 407 2.17 35.46 -13.27
C VAL C 407 2.67 36.86 -12.85
N ALA C 408 1.75 37.78 -12.51
CA ALA C 408 2.08 39.14 -12.07
C ALA C 408 3.01 39.10 -10.85
N ASN C 409 2.64 38.30 -9.83
CA ASN C 409 3.44 38.16 -8.62
C ASN C 409 4.78 37.48 -8.89
N ARG C 410 4.81 36.45 -9.75
CA ARG C 410 6.04 35.76 -10.10
C ARG C 410 6.99 36.65 -10.91
N VAL C 411 6.46 37.39 -11.92
CA VAL C 411 7.24 38.35 -12.72
C VAL C 411 7.80 39.46 -11.80
N ALA C 412 6.96 40.07 -10.94
CA ALA C 412 7.41 41.11 -10.01
C ALA C 412 8.55 40.64 -9.11
N LEU C 413 8.46 39.40 -8.59
CA LEU C 413 9.49 38.81 -7.72
C LEU C 413 10.77 38.57 -8.48
N GLU C 414 10.68 37.92 -9.64
CA GLU C 414 11.85 37.63 -10.46
C GLU C 414 12.51 38.91 -10.98
N ALA C 415 11.72 39.99 -11.26
CA ALA C 415 12.25 41.30 -11.68
C ALA C 415 13.09 41.89 -10.55
N CYS C 416 12.64 41.78 -9.28
CA CYS C 416 13.38 42.25 -8.10
C CYS C 416 14.66 41.45 -7.86
N VAL C 417 14.61 40.12 -8.07
CA VAL C 417 15.75 39.22 -7.91
C VAL C 417 16.83 39.57 -8.94
N GLN C 418 16.48 39.64 -10.22
CA GLN C 418 17.44 40.00 -11.27
C GLN C 418 18.05 41.39 -11.03
N ALA C 419 17.22 42.39 -10.68
CA ALA C 419 17.65 43.75 -10.39
C ALA C 419 18.69 43.80 -9.24
N ARG C 420 18.38 43.15 -8.11
CA ARG C 420 19.26 43.04 -6.94
C ARG C 420 20.59 42.38 -7.31
N ASN C 421 20.52 41.25 -8.02
CA ASN C 421 21.69 40.50 -8.46
C ASN C 421 22.57 41.34 -9.40
N GLU C 422 21.96 42.32 -10.10
CA GLU C 422 22.66 43.21 -11.03
C GLU C 422 23.25 44.46 -10.36
N GLY C 423 23.11 44.57 -9.05
CA GLY C 423 23.68 45.67 -8.27
C GLY C 423 22.76 46.83 -7.95
N ARG C 424 21.47 46.70 -8.29
CA ARG C 424 20.49 47.75 -8.03
C ARG C 424 20.02 47.75 -6.59
N ASP C 425 19.66 48.93 -6.06
CA ASP C 425 19.18 49.07 -4.70
C ASP C 425 17.65 48.95 -4.69
N LEU C 426 17.14 47.86 -4.10
CA LEU C 426 15.70 47.58 -4.02
C LEU C 426 14.96 48.62 -3.15
N ALA C 427 15.64 49.15 -2.12
CA ALA C 427 15.09 50.16 -1.21
C ALA C 427 14.94 51.56 -1.86
N ARG C 428 15.69 51.83 -2.95
CA ARG C 428 15.65 53.11 -3.64
C ARG C 428 15.07 53.05 -5.05
N GLU C 429 15.38 51.99 -5.80
CA GLU C 429 14.96 51.79 -7.19
C GLU C 429 13.70 50.91 -7.36
N GLY C 430 13.03 50.61 -6.24
CA GLY C 430 11.83 49.78 -6.16
C GLY C 430 10.75 50.00 -7.21
N ASN C 431 10.10 51.18 -7.18
CA ASN C 431 9.04 51.52 -8.14
C ASN C 431 9.48 51.48 -9.59
N ALA C 432 10.74 51.87 -9.87
CA ALA C 432 11.31 51.87 -11.21
C ALA C 432 11.46 50.45 -11.75
N ILE C 433 11.90 49.49 -10.89
CA ILE C 433 12.09 48.06 -11.25
C ILE C 433 10.75 47.46 -11.71
N ILE C 434 9.71 47.72 -10.94
CA ILE C 434 8.35 47.27 -11.21
C ILE C 434 7.83 47.87 -12.54
N ARG C 435 7.92 49.22 -12.71
CA ARG C 435 7.47 49.92 -13.94
C ARG C 435 8.18 49.38 -15.17
N GLU C 436 9.47 49.06 -15.02
CA GLU C 436 10.23 48.46 -16.11
C GLU C 436 9.64 47.10 -16.51
N ALA C 437 9.26 46.28 -15.49
CA ALA C 437 8.70 44.94 -15.72
C ALA C 437 7.33 44.98 -16.39
N CYS C 438 6.52 46.00 -16.07
CA CYS C 438 5.20 46.23 -16.68
C CYS C 438 5.26 46.31 -18.21
N LYS C 439 6.34 46.89 -18.77
CA LYS C 439 6.50 47.08 -20.22
C LYS C 439 6.50 45.80 -21.04
N TRP C 440 6.96 44.70 -20.47
CA TRP C 440 6.96 43.43 -21.19
C TRP C 440 5.95 42.40 -20.64
N SER C 441 5.43 42.60 -19.43
CA SER C 441 4.44 41.69 -18.82
C SER C 441 3.06 42.35 -18.71
N PRO C 442 2.10 41.92 -19.58
CA PRO C 442 0.75 42.48 -19.52
C PRO C 442 0.03 42.12 -18.21
N GLU C 443 0.32 40.91 -17.67
CA GLU C 443 -0.26 40.43 -16.41
C GLU C 443 0.18 41.36 -15.27
N LEU C 444 1.49 41.69 -15.21
CA LEU C 444 1.98 42.60 -14.16
C LEU C 444 1.43 44.03 -14.34
N ALA C 445 1.39 44.54 -15.58
CA ALA C 445 0.84 45.87 -15.89
C ALA C 445 -0.61 46.00 -15.36
N ALA C 446 -1.45 44.95 -15.59
CA ALA C 446 -2.84 44.92 -15.14
C ALA C 446 -2.95 44.94 -13.60
N ALA C 447 -2.00 44.26 -12.90
CA ALA C 447 -1.99 44.25 -11.42
C ALA C 447 -1.58 45.62 -10.87
N CYS C 448 -0.55 46.23 -11.47
CA CYS C 448 0.00 47.53 -11.10
C CYS C 448 -1.02 48.68 -11.15
N GLU C 449 -1.87 48.71 -12.20
CA GLU C 449 -2.95 49.68 -12.38
C GLU C 449 -4.06 49.53 -11.30
N VAL C 450 -4.34 48.29 -10.85
CA VAL C 450 -5.36 48.04 -9.83
C VAL C 450 -4.91 48.46 -8.40
N TRP C 451 -3.64 48.16 -8.04
CA TRP C 451 -3.10 48.44 -6.69
CA TRP C 451 -3.18 48.49 -6.69
C TRP C 451 -2.27 49.71 -6.54
N LYS C 452 -2.09 50.47 -7.64
CA LYS C 452 -1.34 51.74 -7.71
C LYS C 452 -2.35 52.90 -7.48
N GLU C 453 -2.45 53.43 -6.24
CA GLU C 453 -1.70 52.95 -5.10
C GLU C 453 -2.47 52.84 -3.80
N ILE C 454 -2.42 51.61 -3.26
CA ILE C 454 -2.96 51.04 -2.02
C ILE C 454 -1.77 50.89 -1.03
N LYS C 455 -1.86 51.56 0.12
CA LYS C 455 -0.84 51.58 1.19
C LYS C 455 -1.46 51.33 2.57
N PHE C 456 -0.63 50.91 3.54
CA PHE C 456 -1.06 50.67 4.92
C PHE C 456 -0.08 51.37 5.88
N GLU C 457 -0.36 52.65 6.19
CA GLU C 457 0.48 53.52 7.04
C GLU C 457 -0.33 54.16 8.19
N PHE C 458 -0.05 53.75 9.44
CA PHE C 458 -0.71 54.22 10.67
C PHE C 458 0.31 54.55 11.77
N GLY D 1 29.00 -35.62 49.94
CA GLY D 1 28.89 -34.74 51.09
C GLY D 1 29.33 -33.30 50.83
N PHE D 2 28.56 -32.32 51.35
CA PHE D 2 28.89 -30.90 51.21
C PHE D 2 29.90 -30.46 52.27
N LYS D 3 31.01 -29.88 51.81
CA LYS D 3 32.08 -29.35 52.66
C LYS D 3 32.33 -27.89 52.26
N ALA D 4 31.91 -26.95 53.13
CA ALA D 4 32.09 -25.51 52.89
C ALA D 4 33.57 -25.13 52.85
N GLY D 5 33.89 -24.11 52.08
CA GLY D 5 35.27 -23.62 51.97
C GLY D 5 35.82 -23.63 50.57
N VAL D 6 37.00 -23.01 50.42
CA VAL D 6 37.68 -22.88 49.15
C VAL D 6 38.54 -24.14 48.88
N LYS D 7 38.50 -24.63 47.62
CA LYS D 7 39.26 -25.73 47.07
C LYS D 7 39.88 -25.22 45.77
N ASP D 8 40.90 -25.92 45.25
CA ASP D 8 41.48 -25.53 43.96
C ASP D 8 40.48 -25.79 42.84
N TYR D 9 40.49 -24.93 41.82
CA TYR D 9 39.62 -25.07 40.64
C TYR D 9 39.98 -26.33 39.87
N LYS D 10 41.28 -26.67 39.75
CA LYS D 10 41.77 -27.85 39.02
C LYS D 10 41.18 -29.19 39.48
N LEU D 11 40.75 -29.29 40.73
CA LEU D 11 40.11 -30.49 41.28
C LEU D 11 38.82 -30.88 40.52
N THR D 12 38.02 -29.91 40.11
CA THR D 12 36.78 -30.19 39.35
C THR D 12 36.90 -29.80 37.86
N TYR D 13 37.64 -28.71 37.56
CA TYR D 13 37.69 -28.07 36.24
C TYR D 13 38.84 -28.36 35.31
N TYR D 14 39.86 -29.12 35.78
CA TYR D 14 40.95 -29.51 34.90
C TYR D 14 40.76 -31.02 34.66
N THR D 15 40.44 -31.41 33.41
CA THR D 15 40.16 -32.80 33.05
C THR D 15 40.98 -33.16 31.81
N PRO D 16 42.28 -33.46 31.97
CA PRO D 16 43.12 -33.74 30.78
C PRO D 16 42.80 -35.02 30.00
N ASP D 17 41.96 -35.91 30.57
CA ASP D 17 41.55 -37.17 29.90
C ASP D 17 40.14 -37.04 29.25
N TYR D 18 39.57 -35.82 29.29
CA TYR D 18 38.25 -35.57 28.69
C TYR D 18 38.27 -35.69 27.16
N GLN D 19 37.29 -36.42 26.62
CA GLN D 19 37.09 -36.61 25.19
C GLN D 19 35.98 -35.66 24.78
N THR D 20 36.32 -34.64 23.98
CA THR D 20 35.34 -33.65 23.55
C THR D 20 34.19 -34.31 22.76
N LYS D 21 32.98 -33.79 22.92
CA LYS D 21 31.82 -34.28 22.21
C LYS D 21 31.61 -33.34 21.02
N ASP D 22 30.98 -33.84 19.93
CA ASP D 22 30.64 -33.04 18.75
C ASP D 22 29.64 -31.94 19.05
N THR D 23 28.95 -32.02 20.21
CA THR D 23 27.98 -31.01 20.64
C THR D 23 28.61 -29.91 21.50
N ASP D 24 29.86 -30.10 21.96
CA ASP D 24 30.53 -29.11 22.81
C ASP D 24 30.95 -27.89 22.04
N ILE D 25 30.90 -26.74 22.71
CA ILE D 25 31.49 -25.52 22.20
C ILE D 25 32.91 -25.63 22.77
N LEU D 26 33.92 -25.49 21.92
CA LEU D 26 35.30 -25.55 22.36
C LEU D 26 35.91 -24.16 22.23
N ALA D 27 36.74 -23.76 23.19
CA ALA D 27 37.38 -22.45 23.20
C ALA D 27 38.90 -22.59 23.33
N ALA D 28 39.65 -21.85 22.52
CA ALA D 28 41.12 -21.80 22.55
C ALA D 28 41.48 -20.42 23.14
N PHE D 29 41.82 -20.40 24.43
CA PHE D 29 42.21 -19.18 25.15
C PHE D 29 43.71 -19.09 25.29
N ARG D 30 44.30 -17.95 24.91
CA ARG D 30 45.72 -17.69 25.13
C ARG D 30 45.80 -17.03 26.55
N VAL D 31 46.20 -17.84 27.58
CA VAL D 31 46.28 -17.41 28.99
C VAL D 31 47.69 -16.97 29.38
N THR D 32 47.79 -15.80 30.06
CA THR D 32 49.05 -15.29 30.64
C THR D 32 48.80 -15.23 32.13
N PRO D 33 49.23 -16.24 32.89
CA PRO D 33 48.93 -16.22 34.33
C PRO D 33 49.87 -15.30 35.14
N GLN D 34 49.49 -14.98 36.36
CA GLN D 34 50.33 -14.21 37.27
C GLN D 34 51.46 -15.16 37.70
N PRO D 35 52.70 -14.67 38.01
CA PRO D 35 53.76 -15.60 38.49
C PRO D 35 53.34 -16.36 39.74
N GLY D 36 53.59 -17.66 39.77
CA GLY D 36 53.21 -18.52 40.88
C GLY D 36 51.88 -19.21 40.67
N VAL D 37 51.15 -18.87 39.56
CA VAL D 37 49.88 -19.51 39.27
C VAL D 37 50.16 -20.61 38.25
N PRO D 38 49.98 -21.90 38.62
CA PRO D 38 50.26 -22.98 37.64
C PRO D 38 49.26 -22.96 36.48
N PRO D 39 49.69 -23.35 35.26
CA PRO D 39 48.76 -23.31 34.10
C PRO D 39 47.48 -24.12 34.26
N GLU D 40 47.58 -25.28 34.92
CA GLU D 40 46.48 -26.18 35.22
C GLU D 40 45.42 -25.51 36.12
N GLU D 41 45.85 -24.64 37.05
CA GLU D 41 44.93 -23.90 37.93
C GLU D 41 44.33 -22.68 37.19
N ALA D 42 45.16 -21.93 36.41
CA ALA D 42 44.68 -20.78 35.64
C ALA D 42 43.65 -21.24 34.58
N GLY D 43 43.92 -22.37 33.91
CA GLY D 43 43.04 -22.98 32.91
C GLY D 43 41.72 -23.40 33.51
N ALA D 44 41.80 -24.11 34.66
CA ALA D 44 40.62 -24.56 35.39
C ALA D 44 39.80 -23.38 35.93
N ALA D 45 40.47 -22.28 36.36
CA ALA D 45 39.76 -21.09 36.84
C ALA D 45 38.94 -20.48 35.67
N VAL D 46 39.53 -20.44 34.45
CA VAL D 46 38.88 -19.96 33.23
C VAL D 46 37.62 -20.80 32.96
N ALA D 47 37.78 -22.15 32.91
CA ALA D 47 36.69 -23.09 32.69
C ALA D 47 35.56 -22.95 33.73
N ALA D 48 35.91 -22.83 35.02
CA ALA D 48 34.96 -22.72 36.12
C ALA D 48 34.12 -21.43 36.09
N GLU D 49 34.77 -20.29 35.98
CA GLU D 49 34.08 -19.00 36.05
C GLU D 49 33.27 -18.62 34.83
N SER D 50 33.56 -19.28 33.69
CA SER D 50 32.85 -19.09 32.44
C SER D 50 31.73 -20.15 32.29
N SER D 51 31.50 -20.99 33.31
CA SER D 51 30.47 -22.03 33.22
C SER D 51 29.59 -22.22 34.47
N THR D 52 30.05 -22.99 35.48
CA THR D 52 29.23 -23.33 36.65
C THR D 52 29.87 -23.02 37.99
N GLY D 53 31.17 -22.84 38.03
CA GLY D 53 31.88 -22.65 39.28
C GLY D 53 31.89 -21.26 39.88
N THR D 54 32.21 -21.21 41.18
CA THR D 54 32.48 -20.01 41.96
C THR D 54 33.74 -20.20 42.83
N TRP D 55 34.16 -19.13 43.53
CA TRP D 55 35.37 -19.08 44.36
C TRP D 55 35.35 -19.99 45.58
N THR D 56 34.17 -20.45 45.98
CA THR D 56 34.00 -21.31 47.16
C THR D 56 32.94 -22.39 46.90
N THR D 57 33.00 -23.51 47.63
CA THR D 57 32.09 -24.63 47.46
C THR D 57 30.66 -24.25 47.84
N VAL D 58 29.72 -24.53 46.93
CA VAL D 58 28.29 -24.25 47.15
C VAL D 58 27.58 -25.60 47.26
N TRP D 59 26.65 -25.72 48.24
CA TRP D 59 25.89 -26.96 48.47
C TRP D 59 24.97 -27.31 47.29
N THR D 60 24.45 -26.28 46.60
CA THR D 60 23.55 -26.40 45.46
C THR D 60 24.11 -27.23 44.30
N ASP D 61 25.44 -27.38 44.20
CA ASP D 61 26.09 -28.21 43.16
C ASP D 61 25.54 -29.65 43.19
N GLY D 62 25.21 -30.13 44.39
CA GLY D 62 24.69 -31.47 44.64
C GLY D 62 23.27 -31.69 44.18
N LEU D 63 22.50 -30.61 43.93
CA LEU D 63 21.11 -30.72 43.43
C LEU D 63 21.13 -31.04 41.94
N THR D 64 22.24 -30.68 41.26
CA THR D 64 22.44 -30.94 39.84
C THR D 64 23.61 -31.89 39.61
N SER D 65 23.97 -32.06 38.33
CA SER D 65 25.08 -32.90 37.91
CA SER D 65 25.10 -32.90 37.91
C SER D 65 26.18 -32.03 37.25
N LEU D 66 27.22 -31.66 38.02
CA LEU D 66 28.32 -30.86 37.47
C LEU D 66 29.00 -31.58 36.32
N ASP D 67 29.07 -32.93 36.37
CA ASP D 67 29.68 -33.72 35.29
C ASP D 67 29.05 -33.41 33.95
N ARG D 68 27.72 -33.25 33.96
CA ARG D 68 26.90 -32.94 32.80
C ARG D 68 27.06 -31.47 32.33
N TYR D 69 27.17 -30.52 33.28
CA TYR D 69 27.17 -29.08 32.96
C TYR D 69 28.44 -28.31 32.99
N LYS D 70 29.43 -28.73 33.76
CA LYS D 70 30.67 -27.96 33.89
C LYS D 70 31.43 -27.71 32.59
N GLY D 71 32.07 -26.56 32.53
CA GLY D 71 33.04 -26.23 31.48
C GLY D 71 34.30 -26.97 31.92
N ARG D 72 35.15 -27.39 30.99
CA ARG D 72 36.32 -28.19 31.38
C ARG D 72 37.56 -27.77 30.65
N CYS D 73 38.67 -27.54 31.38
CA CYS D 73 39.92 -27.31 30.66
C CYS D 73 40.47 -28.72 30.41
N TYR D 74 40.51 -29.15 29.14
CA TYR D 74 40.91 -30.50 28.79
C TYR D 74 42.32 -30.62 28.20
N GLU D 75 42.98 -29.48 27.93
CA GLU D 75 44.30 -29.48 27.32
C GLU D 75 44.98 -28.12 27.50
N ILE D 76 46.30 -28.17 27.78
CA ILE D 76 47.19 -27.01 27.93
C ILE D 76 48.33 -27.13 26.90
N GLU D 77 48.48 -26.10 26.08
CA GLU D 77 49.51 -26.12 25.06
C GLU D 77 50.36 -24.88 25.29
N PRO D 78 51.61 -25.03 25.81
CA PRO D 78 52.44 -23.84 26.12
C PRO D 78 52.83 -23.02 24.89
N VAL D 79 53.11 -21.73 25.06
CA VAL D 79 53.49 -20.88 23.92
C VAL D 79 55.03 -20.68 23.97
N PRO D 80 55.80 -20.77 22.86
CA PRO D 80 57.25 -20.57 22.97
C PRO D 80 57.58 -19.19 23.55
N GLY D 81 58.54 -19.15 24.48
CA GLY D 81 58.94 -17.95 25.20
C GLY D 81 58.64 -18.08 26.67
N GLU D 82 59.01 -17.07 27.48
CA GLU D 82 58.74 -17.18 28.91
C GLU D 82 58.11 -15.98 29.59
N ASP D 83 56.79 -16.00 29.61
CA ASP D 83 55.90 -15.06 30.27
C ASP D 83 54.85 -15.92 30.99
N ASN D 84 54.99 -17.26 30.88
CA ASN D 84 54.15 -18.34 31.41
C ASN D 84 52.94 -18.60 30.48
N GLN D 85 52.91 -17.94 29.30
CA GLN D 85 51.83 -18.02 28.31
C GLN D 85 51.57 -19.42 27.75
N PHE D 86 50.26 -19.78 27.65
CA PHE D 86 49.76 -21.06 27.15
C PHE D 86 48.34 -20.98 26.57
N ILE D 87 48.03 -21.95 25.70
CA ILE D 87 46.69 -22.09 25.14
C ILE D 87 45.92 -23.10 25.98
N ALA D 88 44.84 -22.65 26.64
CA ALA D 88 44.00 -23.52 27.46
C ALA D 88 42.78 -23.84 26.60
N TYR D 89 42.55 -25.12 26.36
CA TYR D 89 41.43 -25.57 25.56
C TYR D 89 40.30 -25.88 26.51
N VAL D 90 39.15 -25.21 26.32
CA VAL D 90 38.00 -25.36 27.23
C VAL D 90 36.81 -25.92 26.46
N ALA D 91 36.13 -26.93 27.04
CA ALA D 91 34.94 -27.54 26.45
C ALA D 91 33.71 -27.17 27.24
N TYR D 92 32.67 -26.64 26.59
CA TYR D 92 31.44 -26.25 27.25
C TYR D 92 30.30 -27.09 26.70
N PRO D 93 29.52 -27.75 27.55
CA PRO D 93 28.39 -28.57 27.03
C PRO D 93 27.32 -27.73 26.33
N LEU D 94 26.69 -28.29 25.29
CA LEU D 94 25.62 -27.67 24.52
C LEU D 94 24.50 -27.10 25.39
N ASP D 95 24.15 -27.75 26.51
CA ASP D 95 23.08 -27.35 27.42
C ASP D 95 23.26 -26.01 28.11
N LEU D 96 24.47 -25.50 28.11
CA LEU D 96 24.77 -24.23 28.76
C LEU D 96 24.28 -23.05 28.00
N PHE D 97 24.00 -23.22 26.67
CA PHE D 97 23.71 -22.12 25.79
C PHE D 97 22.27 -21.93 25.37
N GLU D 98 21.85 -20.66 25.28
CA GLU D 98 20.53 -20.31 24.78
C GLU D 98 20.58 -20.43 23.26
N GLU D 99 19.64 -21.20 22.69
CA GLU D 99 19.52 -21.40 21.23
C GLU D 99 19.34 -20.09 20.52
N GLY D 100 20.05 -19.91 19.43
CA GLY D 100 19.95 -18.73 18.59
C GLY D 100 20.37 -17.41 19.21
N SER D 101 21.13 -17.45 20.35
CA SER D 101 21.59 -16.26 21.07
CA SER D 101 21.59 -16.25 21.08
C SER D 101 23.11 -16.11 21.13
N VAL D 102 23.70 -15.26 20.26
CA VAL D 102 25.16 -15.00 20.29
C VAL D 102 25.48 -14.27 21.61
N THR D 103 24.55 -13.37 22.06
CA THR D 103 24.64 -12.66 23.32
C THR D 103 24.90 -13.63 24.46
N ASN D 104 24.08 -14.69 24.58
CA ASN D 104 24.26 -15.68 25.64
C ASN D 104 25.60 -16.42 25.55
N MET D 105 26.00 -16.80 24.33
CA MET D 105 27.26 -17.49 24.13
C MET D 105 28.45 -16.64 24.63
N PHE D 106 28.49 -15.35 24.26
CA PHE D 106 29.54 -14.43 24.69
C PHE D 106 29.46 -14.15 26.19
N THR D 107 28.25 -14.00 26.73
CA THR D 107 28.09 -13.75 28.18
C THR D 107 28.77 -14.84 29.01
N SER D 108 28.59 -16.12 28.64
CA SER D 108 29.23 -17.18 29.41
C SER D 108 30.73 -17.23 29.17
N ILE D 109 31.13 -17.45 27.91
CA ILE D 109 32.52 -17.64 27.54
C ILE D 109 33.47 -16.47 27.87
N VAL D 110 33.03 -15.22 27.62
CA VAL D 110 33.89 -14.04 27.81
C VAL D 110 33.39 -13.05 28.85
N GLY D 111 32.37 -13.44 29.59
CA GLY D 111 31.71 -12.61 30.60
C GLY D 111 32.55 -12.04 31.72
N ASN D 112 33.25 -12.90 32.48
CA ASN D 112 34.00 -12.46 33.66
C ASN D 112 35.46 -12.81 33.73
N VAL D 113 35.84 -13.91 33.08
CA VAL D 113 37.19 -14.49 33.14
C VAL D 113 38.36 -13.56 32.78
N PHE D 114 38.14 -12.59 31.90
CA PHE D 114 39.21 -11.67 31.48
C PHE D 114 39.70 -10.74 32.61
N GLY D 115 38.91 -10.59 33.68
CA GLY D 115 39.21 -9.71 34.81
C GLY D 115 39.79 -10.37 36.04
N PHE D 116 40.10 -11.65 35.94
CA PHE D 116 40.68 -12.45 37.03
C PHE D 116 41.99 -11.84 37.56
N LYS D 117 42.08 -11.59 38.88
CA LYS D 117 43.32 -11.08 39.50
C LYS D 117 44.49 -12.05 39.26
N ALA D 118 44.20 -13.37 39.29
CA ALA D 118 45.13 -14.49 39.07
C ALA D 118 45.73 -14.56 37.66
N LEU D 119 45.27 -13.67 36.75
CA LEU D 119 45.79 -13.62 35.37
C LEU D 119 46.35 -12.24 35.10
N ARG D 120 47.31 -12.16 34.19
CA ARG D 120 47.85 -10.88 33.75
C ARG D 120 47.12 -10.47 32.47
N ALA D 121 46.79 -11.47 31.62
CA ALA D 121 46.17 -11.27 30.31
C ALA D 121 45.46 -12.55 29.85
N LEU D 122 44.49 -12.37 28.94
CA LEU D 122 43.68 -13.44 28.39
C LEU D 122 43.15 -13.02 27.05
N ARG D 123 43.32 -13.91 26.06
CA ARG D 123 42.81 -13.66 24.74
C ARG D 123 42.08 -14.89 24.24
N LEU D 124 40.84 -14.72 23.76
CA LEU D 124 40.08 -15.81 23.15
C LEU D 124 40.47 -15.86 21.69
N GLU D 125 41.17 -16.90 21.27
CA GLU D 125 41.67 -17.00 19.88
C GLU D 125 40.69 -17.61 18.89
N ASP D 126 39.91 -18.60 19.32
CA ASP D 126 38.99 -19.30 18.43
C ASP D 126 37.92 -20.00 19.23
N LEU D 127 36.82 -20.33 18.55
CA LEU D 127 35.67 -21.05 19.13
C LEU D 127 35.22 -22.10 18.12
N ARG D 128 35.04 -23.34 18.56
CA ARG D 128 34.50 -24.37 17.69
C ARG D 128 33.02 -24.33 17.96
N ILE D 129 32.22 -23.79 17.00
CA ILE D 129 30.76 -23.73 17.22
C ILE D 129 30.22 -25.07 16.77
N PRO D 130 29.64 -25.86 17.68
CA PRO D 130 29.18 -27.19 17.24
C PRO D 130 28.05 -27.06 16.23
N TYR D 131 27.97 -27.97 15.26
CA TYR D 131 26.96 -27.87 14.21
C TYR D 131 25.52 -27.99 14.74
N ALA D 132 25.33 -28.63 15.93
CA ALA D 132 24.03 -28.75 16.56
C ALA D 132 23.59 -27.37 17.05
N TYR D 133 24.55 -26.53 17.46
CA TYR D 133 24.27 -25.15 17.90
C TYR D 133 24.06 -24.23 16.70
N VAL D 134 24.85 -24.41 15.63
CA VAL D 134 24.74 -23.65 14.39
C VAL D 134 23.28 -23.70 13.86
N LYS D 135 22.64 -24.90 13.92
CA LYS D 135 21.28 -25.14 13.46
C LYS D 135 20.20 -24.33 14.16
N THR D 136 20.50 -23.74 15.33
CA THR D 136 19.51 -22.95 16.07
C THR D 136 19.52 -21.50 15.61
N PHE D 137 20.44 -21.12 14.69
CA PHE D 137 20.54 -19.75 14.17
C PHE D 137 20.06 -19.65 12.75
N GLN D 138 19.52 -18.50 12.41
CA GLN D 138 19.11 -18.17 11.04
C GLN D 138 20.38 -17.93 10.22
N GLY D 139 21.35 -17.21 10.79
CA GLY D 139 22.56 -16.85 10.08
C GLY D 139 22.28 -15.73 9.10
N PRO D 140 23.08 -15.57 8.03
CA PRO D 140 22.79 -14.49 7.08
C PRO D 140 21.33 -14.43 6.56
N PRO D 141 20.73 -13.22 6.43
CA PRO D 141 19.38 -13.13 5.84
C PRO D 141 19.35 -13.76 4.44
N HIS D 142 20.46 -13.65 3.68
CA HIS D 142 20.52 -14.17 2.29
C HIS D 142 21.74 -15.05 2.00
N GLY D 143 22.94 -14.48 2.16
CA GLY D 143 24.16 -15.23 1.88
C GLY D 143 24.63 -14.97 0.46
N ILE D 144 25.85 -15.44 0.13
CA ILE D 144 26.56 -15.22 -1.14
C ILE D 144 25.74 -15.50 -2.38
N GLN D 145 25.28 -16.74 -2.55
CA GLN D 145 24.52 -17.20 -3.72
C GLN D 145 23.27 -16.36 -3.93
N VAL D 146 22.45 -16.19 -2.87
CA VAL D 146 21.20 -15.45 -2.97
C VAL D 146 21.47 -14.00 -3.35
N GLU D 147 22.45 -13.36 -2.69
CA GLU D 147 22.78 -11.99 -2.98
C GLU D 147 23.16 -11.78 -4.46
N ARG D 148 24.00 -12.65 -5.00
CA ARG D 148 24.45 -12.55 -6.41
C ARG D 148 23.29 -12.72 -7.33
N ASP D 149 22.39 -13.69 -7.00
CA ASP D 149 21.18 -13.99 -7.77
C ASP D 149 20.20 -12.83 -7.72
N LYS D 150 20.09 -12.17 -6.57
CA LYS D 150 19.18 -11.03 -6.47
C LYS D 150 19.67 -9.83 -7.27
N LEU D 151 20.99 -9.57 -7.23
CA LEU D 151 21.57 -8.40 -7.91
C LEU D 151 21.95 -8.65 -9.33
N ASN D 152 21.90 -9.92 -9.80
CA ASN D 152 22.25 -10.36 -11.14
C ASN D 152 23.74 -9.98 -11.45
N LYS D 153 24.61 -10.19 -10.46
CA LYS D 153 26.04 -9.88 -10.55
C LYS D 153 26.88 -11.14 -10.36
N TYR D 154 27.63 -11.50 -11.41
CA TYR D 154 28.46 -12.69 -11.44
C TYR D 154 29.81 -12.45 -12.09
N GLY D 155 30.79 -13.26 -11.66
CA GLY D 155 32.13 -13.33 -12.23
C GLY D 155 33.15 -12.30 -11.85
N ARG D 156 32.95 -11.57 -10.76
CA ARG D 156 33.93 -10.58 -10.32
C ARG D 156 33.60 -10.12 -8.91
N PRO D 157 34.58 -9.54 -8.17
CA PRO D 157 34.25 -8.92 -6.89
C PRO D 157 33.28 -7.75 -7.10
N LEU D 158 32.49 -7.44 -6.09
CA LEU D 158 31.55 -6.31 -6.18
C LEU D 158 32.31 -5.05 -5.78
N LEU D 159 31.91 -3.89 -6.32
CA LEU D 159 32.60 -2.63 -6.07
C LEU D 159 31.76 -1.67 -5.31
N GLY D 160 32.34 -1.16 -4.24
CA GLY D 160 31.68 -0.21 -3.37
C GLY D 160 32.48 1.06 -3.14
N CYS D 161 31.86 1.99 -2.42
CA CYS D 161 32.44 3.28 -2.11
C CYS D 161 31.78 3.92 -0.91
N THR D 162 32.56 4.36 0.08
CA THR D 162 32.04 5.06 1.25
C THR D 162 32.03 6.58 0.98
N ILE D 163 30.86 7.26 1.16
CA ILE D 163 30.71 8.71 0.92
C ILE D 163 31.55 9.48 1.95
N LYS D 164 32.34 10.44 1.46
CA LYS D 164 33.26 11.25 2.26
C LYS D 164 32.97 12.75 2.10
N PRO D 165 33.21 13.63 3.12
CA PRO D 165 33.71 13.39 4.49
C PRO D 165 32.76 12.49 5.29
N LYS D 166 33.30 11.77 6.29
CA LYS D 166 32.54 10.83 7.12
C LYS D 166 31.26 11.50 7.62
N LEU D 167 31.41 12.73 8.14
CA LEU D 167 30.32 13.52 8.71
C LEU D 167 30.37 14.93 8.12
N GLY D 168 29.26 15.67 8.23
CA GLY D 168 29.19 17.04 7.71
C GLY D 168 28.39 17.26 6.44
N LEU D 169 28.16 16.24 5.61
CA LEU D 169 27.38 16.47 4.38
C LEU D 169 25.88 16.52 4.64
N SER D 170 25.13 17.32 3.87
CA SER D 170 23.67 17.44 3.93
C SER D 170 23.08 16.25 3.17
N ALA D 171 21.78 15.96 3.39
CA ALA D 171 21.09 14.86 2.69
C ALA D 171 21.14 15.00 1.17
N LYS D 172 20.95 16.23 0.62
CA LYS D 172 20.97 16.46 -0.82
C LYS D 172 22.34 16.23 -1.43
N ASN D 173 23.40 16.71 -0.75
CA ASN D 173 24.78 16.52 -1.21
C ASN D 173 25.18 15.07 -1.13
N TYR D 174 24.67 14.34 -0.13
CA TYR D 174 24.90 12.92 0.01
C TYR D 174 24.35 12.18 -1.21
N GLY D 175 23.09 12.46 -1.57
CA GLY D 175 22.44 11.84 -2.71
C GLY D 175 23.12 12.18 -4.03
N ARG D 176 23.65 13.40 -4.12
CA ARG D 176 24.36 13.87 -5.32
C ARG D 176 25.66 13.07 -5.48
N ALA D 177 26.43 12.92 -4.38
CA ALA D 177 27.69 12.16 -4.37
C ALA D 177 27.41 10.69 -4.70
N VAL D 178 26.29 10.15 -4.17
CA VAL D 178 25.83 8.77 -4.42
C VAL D 178 25.55 8.54 -5.90
N TYR D 179 24.70 9.38 -6.50
CA TYR D 179 24.36 9.21 -7.91
C TYR D 179 25.61 9.24 -8.81
N GLU D 180 26.53 10.19 -8.54
CA GLU D 180 27.77 10.35 -9.32
C GLU D 180 28.67 9.11 -9.21
N CYS D 181 28.82 8.53 -8.00
CA CYS D 181 29.60 7.30 -7.80
C CYS D 181 28.96 6.11 -8.56
N LEU D 182 27.67 5.84 -8.30
CA LEU D 182 26.95 4.71 -8.90
C LEU D 182 26.90 4.73 -10.41
N ARG D 183 26.67 5.91 -11.03
CA ARG D 183 26.60 6.04 -12.48
C ARG D 183 27.91 5.73 -13.22
N GLY D 184 29.05 5.80 -12.50
CA GLY D 184 30.38 5.52 -13.02
C GLY D 184 30.83 4.06 -12.98
N GLY D 185 29.98 3.14 -12.50
CA GLY D 185 30.37 1.73 -12.51
C GLY D 185 30.49 1.00 -11.20
N LEU D 186 30.34 1.69 -10.06
CA LEU D 186 30.35 1.03 -8.75
C LEU D 186 29.00 0.35 -8.59
N ASP D 187 28.98 -0.82 -7.97
CA ASP D 187 27.71 -1.54 -7.74
C ASP D 187 27.01 -0.91 -6.56
N PHE D 188 27.82 -0.47 -5.57
CA PHE D 188 27.32 0.08 -4.33
C PHE D 188 28.00 1.33 -3.87
N THR D 189 27.27 2.13 -3.12
CA THR D 189 27.77 3.24 -2.31
C THR D 189 27.29 2.92 -0.88
N LYS D 190 27.81 3.63 0.11
CA LYS D 190 27.38 3.40 1.48
C LYS D 190 27.54 4.62 2.34
N ASP D 191 26.75 4.68 3.42
CA ASP D 191 26.90 5.67 4.48
C ASP D 191 28.14 5.25 5.24
N ASP D 192 28.84 6.17 5.89
CA ASP D 192 29.94 5.72 6.75
C ASP D 192 29.29 5.08 7.98
N GLU D 193 30.07 4.34 8.79
CA GLU D 193 29.52 3.71 10.00
C GLU D 193 28.95 4.75 11.01
N ASN D 194 29.47 5.99 10.94
CA ASN D 194 29.25 7.18 11.78
C ASN D 194 27.91 7.88 11.47
N VAL D 195 27.48 7.78 10.20
CA VAL D 195 26.28 8.42 9.64
C VAL D 195 25.03 7.63 10.09
N ASN D 196 24.28 8.20 11.00
CA ASN D 196 23.07 7.57 11.47
C ASN D 196 21.98 8.64 11.25
N SER D 197 21.73 9.49 12.21
CA SER D 197 20.83 10.61 12.04
C SER D 197 21.41 11.72 12.90
N GLN D 198 21.81 12.84 12.28
CA GLN D 198 22.48 13.92 13.03
C GLN D 198 21.97 15.32 12.68
N PRO D 199 22.29 16.38 13.45
CA PRO D 199 21.78 17.72 13.08
C PRO D 199 22.15 18.17 11.66
N PHE D 200 23.32 17.76 11.14
CA PHE D 200 23.76 18.12 9.78
C PHE D 200 22.98 17.37 8.69
N MET D 201 22.39 16.22 9.05
CA MET D 201 21.66 15.34 8.12
C MET D 201 20.84 14.31 8.89
N ARG D 202 19.51 14.43 8.80
CA ARG D 202 18.57 13.52 9.43
C ARG D 202 18.39 12.32 8.52
N TRP D 203 18.21 11.12 9.09
CA TRP D 203 18.17 9.88 8.32
C TRP D 203 17.12 9.79 7.23
N ARG D 204 15.89 10.19 7.51
CA ARG D 204 14.80 10.03 6.56
C ARG D 204 15.04 10.84 5.30
N ASP D 205 15.60 12.06 5.46
CA ASP D 205 16.00 12.93 4.35
C ASP D 205 17.04 12.24 3.51
N ARG D 206 18.07 11.64 4.16
CA ARG D 206 19.14 10.92 3.45
C ARG D 206 18.59 9.73 2.67
N PHE D 207 17.74 8.93 3.29
CA PHE D 207 17.13 7.72 2.70
C PHE D 207 16.36 8.06 1.43
N LEU D 208 15.54 9.12 1.46
CA LEU D 208 14.77 9.56 0.29
C LEU D 208 15.66 10.05 -0.86
N PHE D 209 16.68 10.90 -0.57
CA PHE D 209 17.59 11.42 -1.61
C PHE D 209 18.46 10.32 -2.17
N CYS D 210 18.93 9.38 -1.32
CA CYS D 210 19.73 8.23 -1.78
C CYS D 210 18.93 7.30 -2.64
N ALA D 211 17.60 7.13 -2.36
CA ALA D 211 16.74 6.28 -3.19
C ALA D 211 16.60 6.93 -4.59
N GLU D 212 16.44 8.27 -4.65
CA GLU D 212 16.35 9.00 -5.93
C GLU D 212 17.63 8.72 -6.76
N ALA D 213 18.80 8.83 -6.12
CA ALA D 213 20.14 8.59 -6.69
C ALA D 213 20.31 7.15 -7.20
N ILE D 214 19.89 6.14 -6.40
CA ILE D 214 19.95 4.72 -6.79
C ILE D 214 19.18 4.50 -8.09
N TYR D 215 17.91 4.97 -8.13
CA TYR D 215 17.04 4.75 -9.27
C TYR D 215 17.47 5.50 -10.50
N LYS D 216 18.01 6.72 -10.34
CA LYS D 216 18.53 7.49 -11.48
C LYS D 216 19.77 6.77 -12.06
N SER D 217 20.74 6.41 -11.22
CA SER D 217 21.96 5.72 -11.67
C SER D 217 21.68 4.34 -12.26
N GLN D 218 20.70 3.61 -11.74
CA GLN D 218 20.34 2.28 -12.27
C GLN D 218 19.71 2.39 -13.66
N ALA D 219 18.81 3.37 -13.86
CA ALA D 219 18.16 3.64 -15.15
C ALA D 219 19.20 4.04 -16.18
N GLU D 220 20.18 4.88 -15.78
CA GLU D 220 21.24 5.38 -16.65
C GLU D 220 22.20 4.30 -17.15
N THR D 221 22.67 3.42 -16.23
CA THR D 221 23.67 2.37 -16.55
C THR D 221 23.08 1.06 -17.04
N GLY D 222 21.86 0.74 -16.63
CA GLY D 222 21.24 -0.54 -16.95
C GLY D 222 21.70 -1.66 -16.03
N GLU D 223 22.49 -1.34 -14.96
CA GLU D 223 22.93 -2.33 -13.97
C GLU D 223 22.23 -2.05 -12.61
N ILE D 224 21.89 -3.11 -11.84
CA ILE D 224 21.26 -2.95 -10.52
C ILE D 224 22.24 -2.23 -9.58
N LYS D 225 21.75 -1.21 -8.84
CA LYS D 225 22.56 -0.40 -7.92
C LYS D 225 22.01 -0.46 -6.52
N GLY D 226 22.86 -0.18 -5.54
CA GLY D 226 22.45 -0.10 -4.16
C GLY D 226 23.25 0.92 -3.39
N HIS D 227 22.66 1.44 -2.33
CA HIS D 227 23.34 2.31 -1.42
C HIS D 227 23.02 1.75 -0.08
N TYR D 228 24.06 1.32 0.67
CA TYR D 228 23.77 0.77 1.99
C TYR D 228 23.30 1.87 2.93
N LEU D 229 22.02 1.80 3.30
CA LEU D 229 21.39 2.76 4.20
C LEU D 229 21.54 2.28 5.65
N ASN D 230 22.21 3.10 6.47
CA ASN D 230 22.46 2.78 7.88
C ASN D 230 21.23 2.82 8.78
N ALA D 231 20.90 1.66 9.38
CA ALA D 231 19.80 1.50 10.33
C ALA D 231 20.34 1.54 11.78
N THR D 232 21.69 1.67 11.95
CA THR D 232 22.26 1.71 13.30
C THR D 232 21.62 2.88 14.04
N ALA D 233 21.05 2.60 15.20
CA ALA D 233 20.39 3.63 15.98
C ALA D 233 20.54 3.42 17.49
N GLY D 234 20.07 4.40 18.27
CA GLY D 234 20.16 4.38 19.73
C GLY D 234 19.29 3.35 20.38
N THR D 235 18.14 2.99 19.72
CA THR D 235 17.15 2.03 20.24
C THR D 235 16.68 1.15 19.13
N CYS D 236 16.07 0.03 19.53
CA CYS D 236 15.54 -0.95 18.58
CA CYS D 236 15.54 -0.95 18.58
C CYS D 236 14.37 -0.39 17.78
N GLU D 237 13.47 0.38 18.42
CA GLU D 237 12.33 1.02 17.75
C GLU D 237 12.81 1.96 16.64
N GLU D 238 13.91 2.74 16.89
CA GLU D 238 14.49 3.63 15.87
C GLU D 238 15.15 2.81 14.77
N MET D 239 15.85 1.72 15.15
CA MET D 239 16.53 0.90 14.15
C MET D 239 15.55 0.29 13.15
N LEU D 240 14.45 -0.28 13.65
CA LEU D 240 13.43 -0.91 12.80
C LEU D 240 12.65 0.09 11.97
N LYS D 241 12.48 1.35 12.47
CA LYS D 241 11.84 2.45 11.73
C LYS D 241 12.63 2.70 10.49
N ARG D 242 13.97 2.69 10.63
CA ARG D 242 14.86 2.92 9.50
C ARG D 242 14.80 1.81 8.48
N ALA D 243 14.81 0.53 8.91
CA ALA D 243 14.72 -0.61 8.02
C ALA D 243 13.32 -0.66 7.32
N VAL D 244 12.22 -0.31 8.05
CA VAL D 244 10.82 -0.26 7.52
C VAL D 244 10.75 0.76 6.36
N PHE D 245 11.38 1.93 6.51
CA PHE D 245 11.38 2.94 5.46
C PHE D 245 12.18 2.52 4.24
N ALA D 246 13.36 1.91 4.44
CA ALA D 246 14.16 1.36 3.35
C ALA D 246 13.32 0.33 2.57
N ARG D 247 12.55 -0.52 3.28
CA ARG D 247 11.63 -1.53 2.72
C ARG D 247 10.56 -0.82 1.86
N GLU D 248 9.97 0.28 2.38
CA GLU D 248 8.96 1.09 1.68
C GLU D 248 9.55 1.70 0.38
N LEU D 249 10.84 2.10 0.43
CA LEU D 249 11.48 2.64 -0.77
C LEU D 249 11.83 1.59 -1.83
N GLY D 250 11.74 0.29 -1.48
CA GLY D 250 12.01 -0.84 -2.35
C GLY D 250 13.47 -1.04 -2.73
N VAL D 251 14.33 -0.42 -1.94
CA VAL D 251 15.78 -0.36 -2.02
C VAL D 251 16.37 -1.75 -1.62
N PRO D 252 17.51 -2.20 -2.19
CA PRO D 252 17.96 -3.58 -1.92
C PRO D 252 18.75 -3.86 -0.65
N ILE D 253 19.35 -2.82 -0.05
CA ILE D 253 20.29 -3.08 1.04
C ILE D 253 20.33 -2.07 2.14
N VAL D 254 20.57 -2.55 3.39
CA VAL D 254 20.75 -1.72 4.59
C VAL D 254 22.04 -2.11 5.30
N MET D 255 22.48 -1.31 6.28
CA MET D 255 23.70 -1.61 7.04
C MET D 255 23.56 -1.49 8.54
N HIS D 256 24.45 -2.14 9.28
CA HIS D 256 24.38 -2.09 10.75
C HIS D 256 25.77 -2.25 11.32
N ASP D 257 26.07 -1.55 12.42
CA ASP D 257 27.35 -1.62 13.14
C ASP D 257 27.10 -2.58 14.25
N TYR D 258 27.39 -3.88 14.01
CA TYR D 258 27.02 -4.95 14.94
C TYR D 258 27.62 -4.92 16.28
N LEU D 259 28.81 -4.35 16.41
CA LEU D 259 29.44 -4.34 17.73
C LEU D 259 28.98 -3.14 18.53
N THR D 260 28.83 -1.98 17.90
CA THR D 260 28.34 -0.77 18.60
C THR D 260 26.84 -0.81 18.85
N GLY D 261 26.05 -1.33 17.90
CA GLY D 261 24.62 -1.56 18.11
C GLY D 261 24.39 -2.72 19.06
N GLY D 262 25.13 -3.80 18.88
CA GLY D 262 25.07 -4.97 19.76
C GLY D 262 24.40 -6.15 19.09
N PHE D 263 24.69 -7.35 19.62
CA PHE D 263 24.14 -8.61 19.10
C PHE D 263 22.63 -8.72 19.17
N THR D 264 22.01 -8.30 20.28
CA THR D 264 20.54 -8.37 20.43
C THR D 264 19.86 -7.59 19.29
N ALA D 265 20.26 -6.34 19.06
CA ALA D 265 19.81 -5.48 17.96
C ALA D 265 20.13 -6.10 16.62
N ASN D 266 21.36 -6.61 16.42
CA ASN D 266 21.77 -7.20 15.15
C ASN D 266 20.94 -8.40 14.76
N THR D 267 20.68 -9.32 15.72
CA THR D 267 19.87 -10.52 15.45
C THR D 267 18.42 -10.09 15.08
N THR D 268 17.86 -9.07 15.77
CA THR D 268 16.55 -8.51 15.45
C THR D 268 16.54 -8.01 14.01
N LEU D 269 17.61 -7.28 13.63
CA LEU D 269 17.71 -6.69 12.31
C LEU D 269 17.87 -7.73 11.24
N SER D 270 18.71 -8.75 11.49
CA SER D 270 18.93 -9.81 10.53
CA SER D 270 18.94 -9.82 10.53
C SER D 270 17.65 -10.61 10.29
N HIS D 271 16.82 -10.82 11.34
CA HIS D 271 15.52 -11.50 11.20
C HIS D 271 14.58 -10.61 10.34
N TYR D 272 14.56 -9.29 10.61
CA TYR D 272 13.73 -8.36 9.83
C TYR D 272 14.15 -8.38 8.35
N CYS D 273 15.46 -8.40 8.07
CA CYS D 273 15.95 -8.41 6.71
C CYS D 273 15.58 -9.71 5.97
N ARG D 274 15.57 -10.84 6.68
CA ARG D 274 15.17 -12.12 6.11
C ARG D 274 13.65 -12.10 5.77
N ASP D 275 12.83 -11.56 6.68
CA ASP D 275 11.38 -11.45 6.49
C ASP D 275 10.99 -10.45 5.40
N ASN D 276 11.90 -9.51 5.05
CA ASN D 276 11.60 -8.43 4.10
C ASN D 276 12.45 -8.30 2.90
N GLY D 277 13.25 -9.32 2.61
CA GLY D 277 14.12 -9.37 1.44
C GLY D 277 15.20 -8.30 1.35
N LEU D 278 15.64 -7.78 2.50
CA LEU D 278 16.69 -6.75 2.48
C LEU D 278 18.05 -7.40 2.67
N LEU D 279 19.04 -6.94 1.90
CA LEU D 279 20.41 -7.40 2.06
C LEU D 279 20.97 -6.64 3.26
N LEU D 280 21.82 -7.30 4.07
CA LEU D 280 22.36 -6.68 5.28
C LEU D 280 23.91 -6.59 5.24
N HIS D 281 24.41 -5.37 5.03
CA HIS D 281 25.83 -5.08 5.03
C HIS D 281 26.24 -4.79 6.49
N ILE D 282 27.28 -5.47 7.00
CA ILE D 282 27.73 -5.27 8.39
C ILE D 282 29.07 -4.57 8.56
N HIS D 283 29.09 -3.55 9.42
CA HIS D 283 30.27 -2.81 9.79
C HIS D 283 30.78 -3.30 11.16
N ARG D 284 32.09 -3.55 11.24
CA ARG D 284 32.73 -4.07 12.46
C ARG D 284 33.33 -2.97 13.35
N ALA D 285 32.78 -1.74 13.28
CA ALA D 285 33.18 -0.59 14.08
C ALA D 285 33.41 -1.03 15.51
N MET D 286 34.59 -0.66 16.08
CA MET D 286 35.05 -0.96 17.45
C MET D 286 35.79 -2.32 17.58
N HIS D 287 35.90 -3.10 16.51
CA HIS D 287 36.56 -4.42 16.63
C HIS D 287 37.99 -4.34 17.12
N ALA D 288 38.77 -3.34 16.61
CA ALA D 288 40.16 -3.18 16.99
C ALA D 288 40.38 -2.81 18.46
N VAL D 289 39.34 -2.36 19.18
CA VAL D 289 39.41 -2.09 20.63
C VAL D 289 39.63 -3.45 21.32
N ILE D 290 39.00 -4.50 20.76
CA ILE D 290 38.96 -5.87 21.30
C ILE D 290 40.02 -6.78 20.68
N ASP D 291 40.23 -6.72 19.36
CA ASP D 291 41.03 -7.68 18.62
C ASP D 291 42.44 -7.32 18.17
N ARG D 292 42.96 -6.15 18.54
CA ARG D 292 44.26 -5.72 18.04
C ARG D 292 45.46 -6.43 18.68
N GLN D 293 45.50 -6.45 19.99
CA GLN D 293 46.63 -6.96 20.77
C GLN D 293 46.68 -8.48 20.87
N LYS D 294 47.88 -9.05 20.66
CA LYS D 294 48.11 -10.50 20.69
C LYS D 294 47.89 -11.10 22.06
N ASN D 295 48.10 -10.34 23.13
CA ASN D 295 48.03 -10.90 24.48
C ASN D 295 46.67 -10.85 25.18
N HIS D 296 45.77 -9.95 24.75
CA HIS D 296 44.50 -9.75 25.44
C HIS D 296 43.35 -9.36 24.50
N GLY D 297 42.15 -9.85 24.80
CA GLY D 297 40.95 -9.57 24.02
C GLY D 297 40.35 -10.77 23.32
N MET D 298 39.88 -10.57 22.10
CA MET D 298 39.25 -11.64 21.31
C MET D 298 39.71 -11.46 19.91
N HIS D 299 40.23 -12.50 19.26
CA HIS D 299 40.66 -12.39 17.88
C HIS D 299 39.43 -12.12 16.99
N PHE D 300 39.62 -11.36 15.91
CA PHE D 300 38.51 -11.07 14.99
C PHE D 300 37.80 -12.34 14.46
N ARG D 301 38.49 -13.49 14.33
CA ARG D 301 37.88 -14.72 13.82
C ARG D 301 36.69 -15.17 14.68
N VAL D 302 36.73 -14.88 16.00
CA VAL D 302 35.63 -15.19 16.92
C VAL D 302 34.47 -14.22 16.62
N LEU D 303 34.78 -12.93 16.47
CA LEU D 303 33.79 -11.88 16.18
C LEU D 303 33.17 -12.10 14.79
N ALA D 304 33.95 -12.66 13.85
CA ALA D 304 33.52 -13.02 12.51
C ALA D 304 32.52 -14.18 12.58
N LYS D 305 32.83 -15.25 13.36
CA LYS D 305 31.93 -16.40 13.55
C LYS D 305 30.63 -15.97 14.19
N ALA D 306 30.71 -15.10 15.23
CA ALA D 306 29.56 -14.54 15.94
C ALA D 306 28.65 -13.80 14.97
N LEU D 307 29.23 -13.02 14.04
CA LEU D 307 28.46 -12.31 13.02
C LEU D 307 27.75 -13.30 12.09
N ARG D 308 28.48 -14.33 11.62
CA ARG D 308 27.86 -15.30 10.72
C ARG D 308 26.63 -15.94 11.37
N LEU D 309 26.68 -16.22 12.67
CA LEU D 309 25.56 -16.81 13.45
C LEU D 309 24.40 -15.80 13.61
N SER D 310 24.69 -14.58 14.12
CA SER D 310 23.72 -13.50 14.35
C SER D 310 23.07 -13.11 13.04
N GLY D 311 23.89 -12.96 11.99
CA GLY D 311 23.42 -12.75 10.63
C GLY D 311 23.89 -11.48 10.00
N GLY D 312 24.39 -11.63 8.78
CA GLY D 312 24.83 -10.52 7.94
C GLY D 312 25.09 -11.06 6.56
N ASP D 313 24.89 -10.25 5.52
CA ASP D 313 25.19 -10.69 4.15
C ASP D 313 26.62 -10.35 3.73
N HIS D 314 27.16 -9.24 4.28
CA HIS D 314 28.53 -8.75 4.07
C HIS D 314 29.09 -8.41 5.43
N ILE D 315 30.41 -8.51 5.61
CA ILE D 315 31.13 -8.07 6.79
C ILE D 315 32.49 -7.51 6.37
N HIS D 316 32.91 -6.39 6.96
CA HIS D 316 34.23 -5.82 6.73
C HIS D 316 35.26 -6.81 7.25
N ALA D 317 36.23 -7.16 6.42
CA ALA D 317 37.21 -8.20 6.76
C ALA D 317 38.68 -7.73 6.67
N GLY D 318 38.89 -6.43 6.44
CA GLY D 318 40.22 -5.85 6.31
C GLY D 318 40.71 -5.88 4.86
N THR D 319 41.85 -5.27 4.59
CA THR D 319 42.40 -5.16 3.22
C THR D 319 43.71 -5.85 3.05
N VAL D 320 44.46 -6.02 4.17
CA VAL D 320 45.84 -6.56 4.23
C VAL D 320 46.82 -5.41 3.83
N VAL D 321 46.61 -4.85 2.62
CA VAL D 321 47.38 -3.78 1.97
C VAL D 321 47.05 -2.31 2.38
N GLY D 322 45.84 -2.06 2.89
CA GLY D 322 45.35 -0.74 3.26
C GLY D 322 45.88 -0.11 4.54
N LYS D 323 45.24 1.01 4.98
CA LYS D 323 45.64 1.83 6.14
C LYS D 323 45.52 1.16 7.53
N LEU D 324 44.68 0.11 7.64
CA LEU D 324 44.45 -0.56 8.92
C LEU D 324 45.05 -1.98 8.96
N GLU D 325 45.44 -2.42 10.16
CA GLU D 325 46.11 -3.69 10.43
C GLU D 325 45.35 -4.96 9.97
N GLY D 326 46.10 -5.93 9.43
CA GLY D 326 45.58 -7.20 8.94
C GLY D 326 46.61 -8.03 8.17
N GLU D 327 47.06 -9.15 8.74
CA GLU D 327 48.06 -10.04 8.14
C GLU D 327 47.41 -11.04 7.15
N ARG D 328 48.09 -11.30 6.01
CA ARG D 328 47.60 -12.17 4.94
C ARG D 328 47.01 -13.52 5.33
N GLU D 329 47.83 -14.39 5.97
CA GLU D 329 47.44 -15.75 6.31
C GLU D 329 46.28 -15.84 7.28
N ILE D 330 46.30 -15.01 8.31
CA ILE D 330 45.24 -14.91 9.30
C ILE D 330 43.93 -14.46 8.61
N THR D 331 44.02 -13.46 7.70
CA THR D 331 42.89 -12.95 6.93
C THR D 331 42.27 -14.04 6.07
N LEU D 332 43.11 -14.79 5.29
CA LEU D 332 42.62 -15.87 4.44
C LEU D 332 41.92 -16.96 5.26
N GLY D 333 42.39 -17.16 6.49
CA GLY D 333 41.81 -18.12 7.40
C GLY D 333 40.40 -17.71 7.80
N PHE D 334 40.22 -16.44 8.29
CA PHE D 334 38.88 -15.99 8.67
C PHE D 334 37.94 -15.73 7.50
N VAL D 335 38.49 -15.50 6.29
CA VAL D 335 37.68 -15.36 5.10
C VAL D 335 37.00 -16.71 4.75
N ASP D 336 37.73 -17.85 4.88
CA ASP D 336 37.18 -19.19 4.68
C ASP D 336 36.16 -19.49 5.74
N LEU D 337 36.41 -19.05 7.00
CA LEU D 337 35.45 -19.24 8.11
C LEU D 337 34.14 -18.52 7.83
N LEU D 338 34.20 -17.39 7.09
CA LEU D 338 33.03 -16.58 6.77
C LEU D 338 32.25 -17.10 5.61
N ARG D 339 32.96 -17.65 4.60
CA ARG D 339 32.37 -18.05 3.32
C ARG D 339 32.02 -19.50 3.11
N ASP D 340 32.85 -20.40 3.63
CA ASP D 340 32.77 -21.84 3.38
C ASP D 340 31.83 -22.60 4.31
N ASP D 341 31.47 -23.83 3.89
CA ASP D 341 30.61 -24.72 4.67
C ASP D 341 31.41 -25.54 5.67
N TYR D 342 32.65 -25.87 5.31
CA TYR D 342 33.56 -26.69 6.11
C TYR D 342 34.97 -26.11 6.03
N ILE D 343 35.57 -25.87 7.20
CA ILE D 343 36.93 -25.30 7.28
C ILE D 343 37.72 -26.20 8.24
N LYS D 344 38.71 -26.90 7.70
CA LYS D 344 39.56 -27.79 8.50
C LYS D 344 40.53 -27.01 9.36
N LYS D 345 40.83 -27.54 10.56
CA LYS D 345 41.86 -27.01 11.46
C LYS D 345 43.13 -26.68 10.63
N ASP D 346 43.74 -25.52 10.89
CA ASP D 346 44.93 -25.03 10.16
C ASP D 346 45.61 -23.92 10.97
N ARG D 347 46.56 -24.32 11.82
CA ARG D 347 47.28 -23.39 12.70
C ARG D 347 48.16 -22.38 11.99
N SER D 348 48.59 -22.70 10.76
CA SER D 348 49.37 -21.77 9.96
C SER D 348 48.51 -20.56 9.53
N ARG D 349 47.16 -20.72 9.54
CA ARG D 349 46.18 -19.66 9.22
C ARG D 349 45.33 -19.28 10.45
N GLY D 350 45.81 -19.64 11.64
CA GLY D 350 45.14 -19.35 12.91
C GLY D 350 43.81 -20.06 13.16
N ILE D 351 43.56 -21.14 12.44
CA ILE D 351 42.33 -21.91 12.62
C ILE D 351 42.62 -23.02 13.59
N TYR D 352 42.21 -22.84 14.85
CA TYR D 352 42.47 -23.78 15.94
C TYR D 352 41.58 -25.00 15.88
N PHE D 353 40.39 -24.84 15.27
CA PHE D 353 39.42 -25.93 15.23
C PHE D 353 38.80 -26.09 13.88
N THR D 354 38.41 -27.32 13.57
CA THR D 354 37.64 -27.61 12.37
C THR D 354 36.24 -27.02 12.63
N GLN D 355 35.73 -26.28 11.66
CA GLN D 355 34.42 -25.65 11.75
C GLN D 355 33.51 -26.14 10.65
N ASP D 356 32.38 -26.71 11.06
CA ASP D 356 31.32 -27.19 10.17
C ASP D 356 30.14 -26.23 10.31
N TRP D 357 29.65 -25.71 9.19
CA TRP D 357 28.56 -24.71 9.17
C TRP D 357 27.20 -25.27 8.78
N VAL D 358 27.13 -26.60 8.52
CA VAL D 358 25.87 -27.32 8.16
C VAL D 358 24.89 -26.52 7.29
N SER D 359 25.41 -25.98 6.18
CA SER D 359 24.65 -25.21 5.17
C SER D 359 24.16 -23.83 5.58
N LEU D 360 24.65 -23.30 6.73
CA LEU D 360 24.32 -21.91 7.08
C LEU D 360 24.92 -21.05 5.95
N PRO D 361 24.21 -20.04 5.41
CA PRO D 361 24.79 -19.25 4.31
C PRO D 361 26.13 -18.58 4.63
N GLY D 362 26.93 -18.38 3.57
CA GLY D 362 28.21 -17.71 3.73
C GLY D 362 28.04 -16.20 3.73
N VAL D 363 29.02 -15.49 4.30
CA VAL D 363 29.05 -14.02 4.38
C VAL D 363 30.06 -13.52 3.34
N ILE D 364 29.71 -12.49 2.60
CA ILE D 364 30.64 -11.89 1.63
C ILE D 364 31.63 -10.98 2.42
N PRO D 365 32.95 -11.24 2.34
CA PRO D 365 33.90 -10.36 3.06
C PRO D 365 34.08 -9.04 2.28
N VAL D 366 34.28 -7.94 3.01
CA VAL D 366 34.45 -6.62 2.43
C VAL D 366 35.85 -6.06 2.69
N ALA D 367 36.61 -5.75 1.63
CA ALA D 367 37.93 -5.12 1.78
C ALA D 367 37.70 -3.61 1.64
N SER D 368 38.02 -2.84 2.69
CA SER D 368 37.81 -1.39 2.74
C SER D 368 38.78 -0.74 3.72
N GLY D 369 39.33 0.41 3.33
CA GLY D 369 40.22 1.20 4.20
C GLY D 369 41.59 1.53 3.63
N GLY D 370 41.69 2.69 2.98
CA GLY D 370 42.91 3.19 2.40
C GLY D 370 43.41 2.46 1.16
N ILE D 371 42.49 1.91 0.36
CA ILE D 371 42.86 1.21 -0.88
C ILE D 371 42.60 2.06 -2.10
N HIS D 372 43.36 1.82 -3.16
CA HIS D 372 43.23 2.54 -4.41
C HIS D 372 43.50 1.61 -5.57
N VAL D 373 43.40 2.16 -6.76
CA VAL D 373 43.55 1.49 -8.04
C VAL D 373 44.79 0.56 -8.21
N TRP D 374 45.97 0.92 -7.61
CA TRP D 374 47.17 0.07 -7.67
C TRP D 374 47.06 -1.19 -6.79
N HIS D 375 46.12 -1.20 -5.83
CA HIS D 375 45.89 -2.35 -4.93
C HIS D 375 44.97 -3.40 -5.58
N MET D 376 44.26 -3.04 -6.66
CA MET D 376 43.33 -3.94 -7.34
C MET D 376 43.84 -5.35 -7.62
N PRO D 377 45.02 -5.56 -8.27
CA PRO D 377 45.48 -6.94 -8.51
C PRO D 377 45.67 -7.76 -7.24
N ALA D 378 46.31 -7.16 -6.20
CA ALA D 378 46.53 -7.81 -4.91
C ALA D 378 45.19 -8.17 -4.25
N LEU D 379 44.21 -7.22 -4.26
CA LEU D 379 42.87 -7.45 -3.69
C LEU D 379 42.13 -8.60 -4.39
N THR D 380 42.14 -8.63 -5.73
CA THR D 380 41.50 -9.69 -6.53
C THR D 380 42.15 -11.06 -6.24
N GLU D 381 43.47 -11.08 -6.02
CA GLU D 381 44.20 -12.31 -5.77
C GLU D 381 43.93 -12.84 -4.36
N ILE D 382 43.94 -11.97 -3.33
CA ILE D 382 43.73 -12.36 -1.93
C ILE D 382 42.29 -12.85 -1.73
N PHE D 383 41.29 -12.05 -2.16
CA PHE D 383 39.89 -12.37 -1.94
C PHE D 383 39.20 -13.20 -2.99
N GLY D 384 39.63 -13.16 -4.24
CA GLY D 384 38.89 -13.89 -5.29
C GLY D 384 37.60 -13.12 -5.61
N ASP D 385 36.66 -13.73 -6.39
CA ASP D 385 35.40 -13.12 -6.81
C ASP D 385 34.40 -12.85 -5.69
N ASP D 386 34.27 -13.74 -4.68
CA ASP D 386 33.28 -13.57 -3.62
C ASP D 386 33.72 -12.58 -2.54
N SER D 387 33.73 -11.32 -2.93
CA SER D 387 34.16 -10.21 -2.07
C SER D 387 33.57 -8.90 -2.55
N VAL D 388 33.62 -7.90 -1.67
CA VAL D 388 33.23 -6.52 -1.99
C VAL D 388 34.51 -5.70 -1.74
N LEU D 389 34.94 -4.92 -2.74
CA LEU D 389 36.11 -4.06 -2.61
C LEU D 389 35.58 -2.63 -2.56
N GLN D 390 35.81 -1.93 -1.45
CA GLN D 390 35.29 -0.57 -1.25
C GLN D 390 36.36 0.50 -1.27
N PHE D 391 36.08 1.58 -2.01
CA PHE D 391 36.98 2.71 -2.20
C PHE D 391 36.28 4.01 -1.90
N GLY D 392 36.48 4.53 -0.67
CA GLY D 392 35.89 5.82 -0.27
C GLY D 392 36.73 6.93 -0.85
N GLY D 393 37.89 7.17 -0.22
CA GLY D 393 38.90 8.12 -0.66
C GLY D 393 39.40 7.84 -2.06
N GLY D 394 39.49 6.55 -2.41
CA GLY D 394 39.91 6.09 -3.74
C GLY D 394 38.94 6.39 -4.87
N THR D 395 37.70 6.90 -4.54
CA THR D 395 36.68 7.31 -5.55
C THR D 395 36.46 8.82 -5.47
N LEU D 396 36.11 9.34 -4.27
CA LEU D 396 35.83 10.76 -4.05
C LEU D 396 37.10 11.63 -4.05
N GLY D 397 38.27 10.97 -4.09
CA GLY D 397 39.57 11.61 -4.13
C GLY D 397 40.15 11.68 -5.53
N HIS D 398 39.43 11.17 -6.53
CA HIS D 398 39.85 11.22 -7.93
C HIS D 398 39.87 12.68 -8.42
N PRO D 399 40.90 13.09 -9.22
CA PRO D 399 40.94 14.50 -9.68
C PRO D 399 39.77 14.97 -10.53
N TRP D 400 39.07 14.06 -11.22
CA TRP D 400 37.95 14.40 -12.11
C TRP D 400 36.55 14.24 -11.46
N GLY D 401 36.51 13.83 -10.21
CA GLY D 401 35.24 13.65 -9.52
C GLY D 401 34.82 12.21 -9.39
N ASN D 402 33.61 11.99 -8.85
CA ASN D 402 33.05 10.67 -8.54
C ASN D 402 32.84 9.72 -9.69
N ALA D 403 32.13 10.14 -10.76
CA ALA D 403 31.87 9.22 -11.88
C ALA D 403 33.19 8.76 -12.53
N PRO D 404 34.18 9.66 -12.84
CA PRO D 404 35.48 9.18 -13.35
C PRO D 404 36.24 8.33 -12.31
N GLY D 405 36.09 8.67 -11.04
CA GLY D 405 36.66 7.88 -9.93
C GLY D 405 36.13 6.47 -9.92
N ALA D 406 34.81 6.31 -10.15
CA ALA D 406 34.13 5.01 -10.21
C ALA D 406 34.53 4.24 -11.46
N VAL D 407 34.67 4.91 -12.63
CA VAL D 407 35.12 4.29 -13.88
C VAL D 407 36.56 3.72 -13.69
N ALA D 408 37.46 4.50 -13.06
CA ALA D 408 38.85 4.10 -12.79
C ALA D 408 38.87 2.79 -12.00
N ASN D 409 38.09 2.72 -10.90
CA ASN D 409 38.00 1.52 -10.06
C ASN D 409 37.38 0.35 -10.79
N ARG D 410 36.31 0.60 -11.57
CA ARG D 410 35.65 -0.46 -12.35
C ARG D 410 36.54 -1.01 -13.47
N VAL D 411 37.24 -0.12 -14.21
CA VAL D 411 38.19 -0.50 -15.28
C VAL D 411 39.33 -1.32 -14.66
N ALA D 412 39.96 -0.82 -13.56
CA ALA D 412 41.05 -1.52 -12.89
C ALA D 412 40.64 -2.95 -12.46
N LEU D 413 39.41 -3.10 -11.91
CA LEU D 413 38.89 -4.41 -11.49
C LEU D 413 38.65 -5.33 -12.65
N GLU D 414 37.96 -4.83 -13.69
CA GLU D 414 37.67 -5.63 -14.87
C GLU D 414 38.97 -6.01 -15.63
N ALA D 415 40.01 -5.13 -15.62
CA ALA D 415 41.30 -5.43 -16.25
C ALA D 415 41.96 -6.60 -15.50
N CYS D 416 41.88 -6.65 -14.14
CA CYS D 416 42.40 -7.76 -13.33
C CYS D 416 41.65 -9.06 -13.57
N VAL D 417 40.32 -8.97 -13.73
CA VAL D 417 39.46 -10.13 -13.99
C VAL D 417 39.79 -10.75 -15.34
N GLN D 418 39.81 -9.95 -16.40
CA GLN D 418 40.15 -10.42 -17.75
C GLN D 418 41.57 -11.02 -17.78
N ALA D 419 42.56 -10.34 -17.17
CA ALA D 419 43.95 -10.81 -17.08
C ALA D 419 44.06 -12.17 -16.42
N ARG D 420 43.43 -12.34 -15.24
CA ARG D 420 43.39 -13.60 -14.48
C ARG D 420 42.76 -14.71 -15.30
N ASN D 421 41.59 -14.42 -15.91
CA ASN D 421 40.87 -15.39 -16.74
C ASN D 421 41.69 -15.81 -17.96
N GLU D 422 42.61 -14.95 -18.41
CA GLU D 422 43.50 -15.22 -19.56
C GLU D 422 44.78 -15.99 -19.19
N GLY D 423 44.95 -16.33 -17.91
CA GLY D 423 46.08 -17.10 -17.41
C GLY D 423 47.22 -16.31 -16.79
N ARG D 424 47.04 -15.00 -16.61
CA ARG D 424 48.10 -14.15 -16.05
C ARG D 424 48.14 -14.23 -14.53
N ASP D 425 49.32 -14.03 -13.92
CA ASP D 425 49.50 -14.06 -12.47
C ASP D 425 49.32 -12.65 -11.91
N LEU D 426 48.23 -12.43 -11.15
CA LEU D 426 47.92 -11.15 -10.52
C LEU D 426 48.96 -10.74 -9.48
N ALA D 427 49.55 -11.72 -8.77
CA ALA D 427 50.58 -11.49 -7.75
C ALA D 427 51.93 -11.05 -8.32
N ARG D 428 52.18 -11.32 -9.61
CA ARG D 428 53.45 -10.98 -10.25
C ARG D 428 53.33 -9.93 -11.35
N GLU D 429 52.26 -10.01 -12.16
CA GLU D 429 52.01 -9.10 -13.29
C GLU D 429 51.09 -7.90 -12.95
N GLY D 430 50.81 -7.70 -11.66
CA GLY D 430 49.95 -6.65 -11.11
C GLY D 430 50.08 -5.27 -11.70
N ASN D 431 51.22 -4.60 -11.45
CA ASN D 431 51.49 -3.25 -11.94
C ASN D 431 51.43 -3.12 -13.47
N ALA D 432 51.85 -4.17 -14.18
CA ALA D 432 51.84 -4.22 -15.64
C ALA D 432 50.41 -4.22 -16.19
N ILE D 433 49.50 -5.00 -15.55
CA ILE D 433 48.07 -5.11 -15.93
C ILE D 433 47.40 -3.73 -15.87
N ILE D 434 47.67 -2.97 -14.81
CA ILE D 434 47.12 -1.63 -14.57
C ILE D 434 47.66 -0.61 -15.55
N ARG D 435 49.01 -0.63 -15.82
CA ARG D 435 49.66 0.27 -16.79
C ARG D 435 49.09 0.01 -18.18
N GLU D 436 48.84 -1.27 -18.49
CA GLU D 436 48.24 -1.61 -19.78
C GLU D 436 46.83 -1.00 -19.89
N ALA D 437 46.02 -1.06 -18.79
CA ALA D 437 44.67 -0.53 -18.77
C ALA D 437 44.65 1.02 -18.88
N CYS D 438 45.68 1.68 -18.29
CA CYS D 438 45.91 3.12 -18.34
C CYS D 438 46.02 3.69 -19.76
N LYS D 439 46.48 2.88 -20.73
CA LYS D 439 46.64 3.30 -22.13
C LYS D 439 45.32 3.57 -22.87
N TRP D 440 44.25 2.85 -22.51
CA TRP D 440 42.96 3.07 -23.15
C TRP D 440 41.90 3.75 -22.23
N SER D 441 42.15 3.83 -20.90
CA SER D 441 41.27 4.51 -19.95
C SER D 441 41.90 5.79 -19.36
N PRO D 442 41.42 6.95 -19.83
CA PRO D 442 41.91 8.23 -19.29
C PRO D 442 41.57 8.41 -17.80
N GLU D 443 40.39 7.86 -17.38
CA GLU D 443 39.93 7.92 -15.99
C GLU D 443 40.92 7.15 -15.10
N LEU D 444 41.27 5.93 -15.51
CA LEU D 444 42.24 5.12 -14.77
C LEU D 444 43.64 5.76 -14.73
N ALA D 445 44.11 6.28 -15.89
CA ALA D 445 45.41 6.97 -16.02
C ALA D 445 45.52 8.13 -15.00
N ALA D 446 44.45 8.95 -14.89
CA ALA D 446 44.38 10.07 -13.96
C ALA D 446 44.46 9.63 -12.50
N ALA D 447 43.84 8.47 -12.15
CA ALA D 447 43.86 7.93 -10.80
C ALA D 447 45.26 7.38 -10.45
N CYS D 448 45.88 6.67 -11.41
CA CYS D 448 47.21 6.08 -11.28
C CYS D 448 48.32 7.09 -10.95
N GLU D 449 48.28 8.28 -11.60
CA GLU D 449 49.19 9.39 -11.41
C GLU D 449 49.08 9.97 -9.99
N VAL D 450 47.85 10.07 -9.46
CA VAL D 450 47.60 10.61 -8.12
C VAL D 450 48.08 9.69 -6.97
N TRP D 451 47.86 8.36 -7.09
N TRP D 451 47.88 8.37 -7.09
CA TRP D 451 48.18 7.40 -6.03
CA TRP D 451 48.22 7.44 -6.00
C TRP D 451 49.53 6.67 -6.12
C TRP D 451 49.46 6.55 -6.18
N LYS D 452 50.20 6.70 -7.29
CA LYS D 452 51.47 5.97 -7.61
C LYS D 452 52.40 5.56 -6.44
N GLU D 453 52.72 6.51 -5.52
CA GLU D 453 53.62 6.33 -4.38
C GLU D 453 52.97 5.82 -3.09
N ILE D 454 51.63 5.92 -3.00
CA ILE D 454 50.82 5.63 -1.79
C ILE D 454 50.78 4.16 -1.37
N LYS D 455 51.47 3.86 -0.26
CA LYS D 455 51.61 2.53 0.34
C LYS D 455 51.39 2.57 1.85
N PHE D 456 51.04 1.43 2.46
CA PHE D 456 50.85 1.32 3.91
C PHE D 456 51.63 0.10 4.43
N GLU D 457 52.91 0.34 4.81
CA GLU D 457 53.86 -0.68 5.29
C GLU D 457 54.47 -0.31 6.66
N PHE D 458 54.11 -1.07 7.72
CA PHE D 458 54.56 -0.89 9.10
C PHE D 458 54.94 -2.22 9.74
N MET E 1 17.95 -30.52 -31.49
CA MET E 1 17.39 -29.69 -30.42
C MET E 1 16.91 -28.38 -31.03
N GLN E 2 15.61 -28.10 -30.90
CA GLN E 2 15.04 -26.87 -31.43
C GLN E 2 14.66 -25.91 -30.28
N VAL E 3 14.91 -24.61 -30.48
CA VAL E 3 14.65 -23.56 -29.49
C VAL E 3 13.27 -22.94 -29.71
N TRP E 4 12.42 -22.92 -28.65
CA TRP E 4 11.08 -22.32 -28.75
C TRP E 4 11.21 -20.81 -28.78
N PRO E 5 10.74 -20.10 -29.84
CA PRO E 5 10.94 -18.64 -29.89
C PRO E 5 10.33 -17.85 -28.74
N PRO E 6 11.05 -16.85 -28.19
CA PRO E 6 10.47 -16.04 -27.10
C PRO E 6 9.70 -14.82 -27.63
N ILE E 7 9.52 -14.73 -28.96
CA ILE E 7 8.81 -13.64 -29.64
C ILE E 7 7.98 -14.24 -30.79
N GLY E 8 6.91 -13.55 -31.19
CA GLY E 8 6.04 -13.97 -32.28
C GLY E 8 5.29 -15.27 -32.06
N LYS E 9 5.08 -15.64 -30.78
CA LYS E 9 4.36 -16.87 -30.41
C LYS E 9 3.21 -16.59 -29.43
N LYS E 10 2.55 -15.44 -29.57
CA LYS E 10 1.42 -15.05 -28.72
C LYS E 10 0.30 -16.04 -28.91
N LYS E 11 -0.31 -16.47 -27.80
CA LYS E 11 -1.33 -17.51 -27.83
C LYS E 11 -2.74 -17.03 -27.47
N PHE E 12 -3.75 -17.85 -27.81
CA PHE E 12 -5.16 -17.50 -27.63
C PHE E 12 -5.93 -18.64 -26.98
N GLU E 13 -5.30 -19.28 -25.97
CA GLU E 13 -5.91 -20.38 -25.21
C GLU E 13 -6.21 -21.59 -26.08
N THR E 14 -7.26 -22.34 -25.76
CA THR E 14 -7.64 -23.60 -26.43
C THR E 14 -7.56 -23.61 -27.94
N LEU E 15 -6.79 -24.59 -28.46
CA LEU E 15 -6.51 -24.91 -29.87
C LEU E 15 -5.39 -24.09 -30.50
N SER E 16 -4.89 -23.02 -29.84
CA SER E 16 -3.87 -22.12 -30.39
C SER E 16 -2.45 -22.69 -30.55
N TYR E 17 -2.20 -23.92 -30.09
CA TYR E 17 -0.89 -24.60 -30.26
C TYR E 17 -0.97 -25.60 -31.42
N LEU E 18 -2.18 -25.78 -31.96
CA LEU E 18 -2.42 -26.66 -33.12
C LEU E 18 -2.28 -25.82 -34.40
N PRO E 19 -2.13 -26.45 -35.60
CA PRO E 19 -2.11 -25.65 -36.84
C PRO E 19 -3.43 -24.88 -37.00
N PRO E 20 -3.49 -23.77 -37.76
CA PRO E 20 -4.76 -23.04 -37.90
C PRO E 20 -5.94 -23.93 -38.32
N LEU E 21 -7.10 -23.69 -37.72
CA LEU E 21 -8.31 -24.44 -38.02
C LEU E 21 -8.84 -24.08 -39.41
N THR E 22 -9.28 -25.10 -40.17
CA THR E 22 -9.92 -24.87 -41.47
C THR E 22 -11.37 -24.50 -41.19
N ARG E 23 -12.07 -23.99 -42.20
CA ARG E 23 -13.47 -23.59 -42.08
C ARG E 23 -14.31 -24.79 -41.67
N ASP E 24 -13.97 -25.99 -42.16
CA ASP E 24 -14.64 -27.24 -41.79
C ASP E 24 -14.35 -27.61 -40.34
N GLN E 25 -13.08 -27.42 -39.86
CA GLN E 25 -12.69 -27.72 -38.46
C GLN E 25 -13.38 -26.73 -37.50
N LEU E 26 -13.58 -25.48 -37.94
CA LEU E 26 -14.27 -24.42 -37.19
C LEU E 26 -15.75 -24.80 -37.03
N LEU E 27 -16.38 -25.21 -38.14
CA LEU E 27 -17.77 -25.67 -38.18
C LEU E 27 -17.97 -26.86 -37.22
N LYS E 28 -17.03 -27.82 -37.21
CA LYS E 28 -17.07 -29.00 -36.35
C LYS E 28 -17.00 -28.66 -34.85
N GLU E 29 -16.27 -27.59 -34.49
CA GLU E 29 -16.17 -27.07 -33.11
C GLU E 29 -17.56 -26.52 -32.70
N VAL E 30 -18.21 -25.76 -33.60
CA VAL E 30 -19.55 -25.21 -33.38
C VAL E 30 -20.59 -26.35 -33.29
N GLU E 31 -20.40 -27.41 -34.09
CA GLU E 31 -21.30 -28.57 -34.09
C GLU E 31 -21.21 -29.31 -32.78
N TYR E 32 -20.00 -29.48 -32.24
CA TYR E 32 -19.77 -30.11 -30.94
C TYR E 32 -20.46 -29.30 -29.82
N LEU E 33 -20.28 -27.95 -29.85
CA LEU E 33 -20.87 -26.99 -28.91
C LEU E 33 -22.41 -27.21 -28.87
N LEU E 34 -23.07 -27.20 -30.02
CA LEU E 34 -24.52 -27.40 -30.17
C LEU E 34 -24.99 -28.79 -29.79
N ARG E 35 -24.20 -29.81 -30.13
CA ARG E 35 -24.50 -31.20 -29.82
C ARG E 35 -24.45 -31.42 -28.28
N LYS E 36 -23.62 -30.63 -27.59
CA LYS E 36 -23.47 -30.69 -26.13
C LYS E 36 -24.58 -29.90 -25.41
N GLY E 37 -25.40 -29.17 -26.18
CA GLY E 37 -26.51 -28.37 -25.68
C GLY E 37 -26.11 -27.01 -25.19
N TRP E 38 -24.90 -26.53 -25.56
CA TRP E 38 -24.40 -25.24 -25.12
C TRP E 38 -24.87 -24.10 -25.98
N VAL E 39 -24.88 -22.87 -25.44
CA VAL E 39 -25.35 -21.69 -26.17
C VAL E 39 -24.18 -20.97 -26.80
N PRO E 40 -24.15 -20.85 -28.14
CA PRO E 40 -23.04 -20.12 -28.77
C PRO E 40 -23.17 -18.62 -28.62
N CYS E 41 -22.02 -17.95 -28.56
CA CYS E 41 -21.93 -16.51 -28.48
C CYS E 41 -20.61 -16.08 -29.09
N LEU E 42 -20.58 -14.86 -29.63
CA LEU E 42 -19.37 -14.30 -30.22
C LEU E 42 -18.98 -13.11 -29.44
N GLU E 43 -17.69 -12.93 -29.30
CA GLU E 43 -17.11 -11.81 -28.58
C GLU E 43 -15.99 -11.27 -29.42
N PHE E 44 -15.76 -9.96 -29.36
CA PHE E 44 -14.69 -9.35 -30.16
C PHE E 44 -13.96 -8.25 -29.41
N GLU E 45 -12.74 -7.96 -29.83
CA GLU E 45 -11.89 -6.97 -29.21
C GLU E 45 -11.05 -6.32 -30.30
N LEU E 46 -10.84 -5.00 -30.19
CA LEU E 46 -10.07 -4.22 -31.17
C LEU E 46 -8.76 -3.66 -30.62
N LYS E 47 -8.76 -3.23 -29.36
CA LYS E 47 -7.60 -2.58 -28.74
C LYS E 47 -6.62 -3.48 -27.97
N LYS E 48 -7.12 -4.28 -27.02
CA LYS E 48 -6.23 -5.12 -26.20
C LYS E 48 -6.57 -6.61 -26.26
N GLY E 49 -5.94 -7.31 -27.19
CA GLY E 49 -6.17 -8.73 -27.44
C GLY E 49 -5.60 -9.69 -26.42
N PHE E 50 -4.78 -9.18 -25.47
CA PHE E 50 -4.13 -10.00 -24.42
C PHE E 50 -4.37 -9.41 -23.03
N VAL E 51 -4.32 -10.25 -22.01
CA VAL E 51 -4.54 -9.83 -20.62
C VAL E 51 -3.41 -8.90 -20.21
N TYR E 52 -3.70 -7.97 -19.30
CA TYR E 52 -2.77 -6.96 -18.76
C TYR E 52 -3.28 -6.59 -17.38
N ARG E 53 -2.53 -5.78 -16.62
CA ARG E 53 -2.92 -5.41 -15.26
C ARG E 53 -2.64 -3.96 -15.08
N GLU E 54 -3.59 -3.12 -15.46
CA GLU E 54 -3.41 -1.69 -15.36
C GLU E 54 -4.10 -1.10 -14.13
N HIS E 55 -5.37 -1.46 -13.91
CA HIS E 55 -6.17 -0.86 -12.88
C HIS E 55 -6.01 -1.40 -11.47
N ASN E 56 -5.56 -2.63 -11.34
CA ASN E 56 -5.35 -3.31 -10.05
C ASN E 56 -4.41 -4.51 -10.28
N LYS E 57 -3.69 -4.92 -9.24
CA LYS E 57 -2.74 -6.02 -9.29
C LYS E 57 -2.96 -7.06 -8.18
N SER E 58 -4.15 -7.06 -7.52
CA SER E 58 -4.40 -8.02 -6.45
C SER E 58 -4.66 -9.44 -6.99
N PRO E 59 -4.50 -10.55 -6.18
CA PRO E 59 -4.71 -11.91 -6.73
C PRO E 59 -6.03 -12.09 -7.46
N GLY E 60 -5.95 -12.74 -8.62
CA GLY E 60 -7.11 -13.00 -9.46
C GLY E 60 -7.63 -11.81 -10.22
N TYR E 61 -7.00 -10.60 -10.09
CA TYR E 61 -7.50 -9.45 -10.85
C TYR E 61 -6.67 -9.32 -12.12
N TYR E 62 -7.32 -9.25 -13.28
CA TYR E 62 -6.66 -9.02 -14.56
C TYR E 62 -7.56 -8.18 -15.43
N ASP E 63 -6.98 -7.27 -16.22
CA ASP E 63 -7.76 -6.50 -17.20
C ASP E 63 -7.64 -7.28 -18.52
N GLY E 64 -8.57 -7.06 -19.44
CA GLY E 64 -8.51 -7.72 -20.74
C GLY E 64 -9.14 -9.09 -20.87
N ARG E 65 -9.76 -9.62 -19.80
CA ARG E 65 -10.47 -10.91 -19.93
C ARG E 65 -11.83 -10.68 -20.60
N TYR E 66 -12.54 -9.57 -20.26
CA TYR E 66 -13.82 -9.27 -20.89
C TYR E 66 -13.55 -8.68 -22.27
N TRP E 67 -14.23 -9.21 -23.29
CA TRP E 67 -14.21 -8.67 -24.64
C TRP E 67 -15.64 -8.11 -24.84
N THR E 68 -15.94 -7.53 -26.01
CA THR E 68 -17.26 -6.97 -26.29
C THR E 68 -18.17 -8.06 -26.86
N MET E 69 -19.41 -8.11 -26.38
CA MET E 69 -20.38 -9.09 -26.88
C MET E 69 -20.85 -8.69 -28.29
N TRP E 70 -20.89 -9.66 -29.21
CA TRP E 70 -21.44 -9.41 -30.54
C TRP E 70 -22.90 -9.81 -30.43
N LYS E 71 -23.81 -8.81 -30.44
CA LYS E 71 -25.25 -9.02 -30.32
C LYS E 71 -25.53 -9.70 -28.98
N LEU E 72 -26.18 -10.86 -28.99
CA LEU E 72 -26.52 -11.61 -27.80
C LEU E 72 -26.19 -13.10 -27.93
N PRO E 73 -26.14 -13.89 -26.83
CA PRO E 73 -25.92 -15.34 -27.00
C PRO E 73 -27.06 -15.89 -27.87
N MET E 74 -26.74 -16.83 -28.73
CA MET E 74 -27.72 -17.36 -29.70
C MET E 74 -28.62 -18.45 -29.11
N PHE E 75 -29.52 -18.06 -28.20
CA PHE E 75 -30.44 -19.04 -27.60
C PHE E 75 -31.37 -19.56 -28.70
N GLY E 76 -31.69 -20.85 -28.67
CA GLY E 76 -32.54 -21.43 -29.70
C GLY E 76 -31.89 -21.88 -31.01
N THR E 77 -30.66 -21.43 -31.31
CA THR E 77 -29.92 -21.85 -32.52
C THR E 77 -29.65 -23.35 -32.47
N THR E 78 -29.98 -24.06 -33.55
CA THR E 78 -29.76 -25.51 -33.65
C THR E 78 -28.80 -25.79 -34.80
N ASP E 79 -28.59 -24.79 -35.67
CA ASP E 79 -27.74 -24.89 -36.85
C ASP E 79 -26.40 -24.15 -36.74
N ALA E 80 -25.31 -24.91 -36.83
CA ALA E 80 -23.94 -24.39 -36.77
C ALA E 80 -23.60 -23.32 -37.82
N SER E 81 -24.22 -23.41 -39.02
CA SER E 81 -24.00 -22.45 -40.10
C SER E 81 -24.42 -21.03 -39.73
N GLN E 82 -25.44 -20.90 -38.84
CA GLN E 82 -25.96 -19.61 -38.38
C GLN E 82 -24.91 -18.86 -37.54
N VAL E 83 -24.10 -19.62 -36.76
CA VAL E 83 -23.01 -19.10 -35.92
C VAL E 83 -21.90 -18.60 -36.83
N LEU E 84 -21.58 -19.37 -37.90
CA LEU E 84 -20.55 -18.96 -38.87
C LEU E 84 -20.98 -17.79 -39.72
N LYS E 85 -22.31 -17.63 -39.92
CA LYS E 85 -22.93 -16.48 -40.62
C LYS E 85 -22.67 -15.22 -39.77
N GLU E 86 -22.82 -15.35 -38.42
CA GLU E 86 -22.55 -14.25 -37.48
C GLU E 86 -21.07 -13.90 -37.42
N LEU E 87 -20.19 -14.91 -37.51
CA LEU E 87 -18.73 -14.71 -37.54
C LEU E 87 -18.35 -13.85 -38.75
N ASP E 88 -18.84 -14.24 -39.96
CA ASP E 88 -18.57 -13.51 -41.20
C ASP E 88 -19.06 -12.09 -41.10
N GLU E 89 -20.20 -11.88 -40.42
CA GLU E 89 -20.75 -10.53 -40.19
C GLU E 89 -19.81 -9.66 -39.29
N VAL E 90 -19.24 -10.25 -38.17
CA VAL E 90 -18.28 -9.46 -37.33
C VAL E 90 -17.05 -9.17 -38.15
N LYS E 91 -16.47 -10.20 -38.81
CA LYS E 91 -15.27 -10.07 -39.65
C LYS E 91 -15.43 -8.91 -40.65
N LYS E 92 -16.58 -8.81 -41.32
CA LYS E 92 -16.92 -7.74 -42.27
C LYS E 92 -16.97 -6.36 -41.61
N ALA E 93 -17.67 -6.24 -40.46
CA ALA E 93 -17.82 -4.98 -39.73
C ALA E 93 -16.51 -4.53 -39.06
N TYR E 94 -15.72 -5.47 -38.55
CA TYR E 94 -14.46 -5.20 -37.86
C TYR E 94 -13.36 -6.13 -38.36
N PRO E 95 -12.76 -5.84 -39.54
CA PRO E 95 -11.70 -6.71 -40.07
C PRO E 95 -10.45 -6.78 -39.18
N ARG E 96 -10.20 -5.74 -38.37
CA ARG E 96 -9.03 -5.71 -37.48
C ARG E 96 -9.32 -6.21 -36.02
N ALA E 97 -10.44 -6.91 -35.83
CA ALA E 97 -10.81 -7.42 -34.50
C ALA E 97 -10.32 -8.80 -34.21
N PHE E 98 -10.09 -9.11 -32.91
CA PHE E 98 -9.84 -10.47 -32.44
C PHE E 98 -11.27 -10.94 -32.20
N VAL E 99 -11.61 -12.15 -32.62
CA VAL E 99 -12.97 -12.71 -32.46
C VAL E 99 -12.86 -14.13 -31.90
N ARG E 100 -13.69 -14.44 -30.90
CA ARG E 100 -13.78 -15.72 -30.17
C ARG E 100 -15.19 -16.21 -30.36
N ILE E 101 -15.36 -17.52 -30.40
CA ILE E 101 -16.66 -18.17 -30.35
C ILE E 101 -16.64 -18.87 -28.97
N ILE E 102 -17.69 -18.65 -28.20
CA ILE E 102 -17.85 -19.20 -26.85
C ILE E 102 -19.13 -19.99 -26.77
N GLY E 103 -19.19 -20.93 -25.85
CA GLY E 103 -20.37 -21.76 -25.61
C GLY E 103 -20.69 -21.82 -24.13
N PHE E 104 -21.92 -21.43 -23.76
CA PHE E 104 -22.35 -21.41 -22.35
C PHE E 104 -23.15 -22.63 -21.94
N ASP E 105 -22.89 -23.15 -20.73
CA ASP E 105 -23.66 -24.20 -20.09
C ASP E 105 -24.43 -23.54 -18.95
N ASN E 106 -25.74 -23.38 -19.12
CA ASN E 106 -26.59 -22.73 -18.13
C ASN E 106 -26.78 -23.46 -16.79
N VAL E 107 -26.57 -24.78 -16.74
CA VAL E 107 -26.71 -25.60 -15.53
C VAL E 107 -25.57 -25.31 -14.54
N ARG E 108 -24.33 -25.45 -15.02
CA ARG E 108 -23.11 -25.20 -14.26
C ARG E 108 -22.79 -23.70 -14.26
N GLN E 109 -23.39 -22.95 -15.20
CA GLN E 109 -23.16 -21.53 -15.41
C GLN E 109 -21.66 -21.22 -15.59
N VAL E 110 -21.07 -21.85 -16.60
CA VAL E 110 -19.67 -21.63 -16.98
C VAL E 110 -19.56 -21.75 -18.51
N GLN E 111 -18.56 -21.08 -19.08
CA GLN E 111 -18.25 -21.24 -20.50
C GLN E 111 -17.54 -22.62 -20.59
N CYS E 112 -18.08 -23.52 -21.41
CA CYS E 112 -17.53 -24.87 -21.55
C CYS E 112 -16.61 -24.99 -22.77
N ILE E 113 -16.60 -23.96 -23.62
CA ILE E 113 -15.79 -23.95 -24.84
C ILE E 113 -15.50 -22.51 -25.23
N SER E 114 -14.31 -22.27 -25.78
CA SER E 114 -13.83 -20.94 -26.19
C SER E 114 -12.63 -21.13 -27.13
N PHE E 115 -12.70 -20.54 -28.33
CA PHE E 115 -11.65 -20.63 -29.34
C PHE E 115 -11.64 -19.40 -30.22
N ILE E 116 -10.44 -18.89 -30.54
CA ILE E 116 -10.25 -17.73 -31.40
C ILE E 116 -10.73 -18.12 -32.83
N ALA E 117 -11.57 -17.27 -33.44
CA ALA E 117 -12.16 -17.53 -34.76
C ALA E 117 -11.63 -16.57 -35.83
N HIS E 118 -11.00 -15.46 -35.39
CA HIS E 118 -10.41 -14.42 -36.24
C HIS E 118 -9.46 -13.57 -35.44
N THR E 119 -8.40 -13.03 -36.11
CA THR E 119 -7.41 -12.11 -35.51
C THR E 119 -7.06 -11.00 -36.51
N PRO E 120 -6.56 -9.82 -36.09
CA PRO E 120 -6.05 -8.87 -37.10
C PRO E 120 -4.77 -9.44 -37.73
N ALA E 121 -4.29 -8.82 -38.82
CA ALA E 121 -3.07 -9.27 -39.52
C ALA E 121 -1.83 -9.26 -38.60
N GLY E 122 -1.57 -8.12 -37.96
CA GLY E 122 -0.44 -7.94 -37.06
C GLY E 122 -0.81 -7.68 -35.61
N TYR E 123 -0.12 -8.40 -34.70
CA TYR E 123 -0.28 -8.28 -33.23
C TYR E 123 1.01 -8.77 -32.52
N MET F 1 -30.95 -6.39 -35.30
CA MET F 1 -30.05 -6.29 -34.15
C MET F 1 -28.76 -5.61 -34.54
N GLN F 2 -28.52 -4.43 -34.00
CA GLN F 2 -27.31 -3.66 -34.24
C GLN F 2 -26.36 -3.73 -33.02
N VAL F 3 -25.05 -3.76 -33.29
CA VAL F 3 -23.99 -3.82 -32.26
C VAL F 3 -23.43 -2.41 -32.01
N TRP F 4 -23.41 -1.98 -30.73
CA TRP F 4 -22.89 -0.66 -30.36
C TRP F 4 -21.38 -0.69 -30.49
N PRO F 5 -20.75 0.18 -31.31
CA PRO F 5 -19.28 0.12 -31.48
C PRO F 5 -18.48 0.29 -30.18
N PRO F 6 -17.42 -0.53 -29.96
CA PRO F 6 -16.60 -0.34 -28.74
C PRO F 6 -15.44 0.63 -28.96
N ILE F 7 -15.40 1.28 -30.13
CA ILE F 7 -14.38 2.27 -30.53
C ILE F 7 -15.06 3.42 -31.28
N GLY F 8 -14.44 4.59 -31.28
CA GLY F 8 -14.93 5.78 -31.97
C GLY F 8 -16.21 6.36 -31.40
N LYS F 9 -16.55 6.00 -30.12
CA LYS F 9 -17.77 6.49 -29.47
C LYS F 9 -17.47 7.16 -28.14
N LYS F 10 -16.33 7.90 -28.05
CA LYS F 10 -15.97 8.60 -26.82
C LYS F 10 -16.99 9.66 -26.54
N LYS F 11 -17.40 9.78 -25.26
CA LYS F 11 -18.46 10.71 -24.90
C LYS F 11 -18.02 11.89 -24.03
N PHE F 12 -18.88 12.90 -23.92
CA PHE F 12 -18.58 14.17 -23.24
C PHE F 12 -19.72 14.59 -22.32
N GLU F 13 -20.29 13.61 -21.61
CA GLU F 13 -21.37 13.82 -20.67
C GLU F 13 -22.64 14.36 -21.32
N THR F 14 -23.40 15.21 -20.61
CA THR F 14 -24.69 15.74 -21.02
C THR F 14 -24.75 16.27 -22.45
N LEU F 15 -25.70 15.71 -23.24
CA LEU F 15 -26.03 16.02 -24.64
C LEU F 15 -25.19 15.31 -25.70
N SER F 16 -24.09 14.61 -25.27
CA SER F 16 -23.20 13.91 -26.19
C SER F 16 -23.71 12.67 -26.88
N TYR F 17 -24.92 12.20 -26.52
CA TYR F 17 -25.53 11.03 -27.19
C TYR F 17 -26.55 11.52 -28.25
N LEU F 18 -26.78 12.85 -28.31
CA LEU F 18 -27.67 13.48 -29.28
C LEU F 18 -26.84 13.86 -30.50
N PRO F 19 -27.45 14.14 -31.70
CA PRO F 19 -26.65 14.62 -32.84
C PRO F 19 -25.89 15.91 -32.46
N PRO F 20 -24.75 16.26 -33.10
CA PRO F 20 -24.01 17.48 -32.67
C PRO F 20 -24.89 18.71 -32.55
N LEU F 21 -24.64 19.57 -31.55
CA LEU F 21 -25.48 20.76 -31.35
C LEU F 21 -25.24 21.80 -32.45
N THR F 22 -26.33 22.34 -33.01
CA THR F 22 -26.28 23.41 -33.99
C THR F 22 -26.05 24.71 -33.20
N ARG F 23 -25.59 25.78 -33.87
CA ARG F 23 -25.36 27.10 -33.28
C ARG F 23 -26.64 27.61 -32.60
N ASP F 24 -27.83 27.25 -33.16
CA ASP F 24 -29.13 27.60 -32.58
C ASP F 24 -29.41 26.80 -31.30
N GLN F 25 -29.08 25.46 -31.30
CA GLN F 25 -29.25 24.56 -30.16
C GLN F 25 -28.30 24.97 -29.02
N LEU F 26 -27.05 25.36 -29.34
CA LEU F 26 -26.04 25.86 -28.40
C LEU F 26 -26.53 27.16 -27.77
N LEU F 27 -27.05 28.09 -28.60
CA LEU F 27 -27.57 29.38 -28.13
C LEU F 27 -28.71 29.15 -27.13
N LYS F 28 -29.63 28.21 -27.45
CA LYS F 28 -30.77 27.86 -26.61
C LYS F 28 -30.37 27.30 -25.25
N GLU F 29 -29.26 26.53 -25.22
CA GLU F 29 -28.67 25.99 -23.97
C GLU F 29 -28.14 27.16 -23.09
N VAL F 30 -27.47 28.13 -23.72
CA VAL F 30 -26.95 29.31 -23.03
C VAL F 30 -28.12 30.18 -22.53
N GLU F 31 -29.21 30.27 -23.34
CA GLU F 31 -30.40 31.04 -22.97
C GLU F 31 -31.10 30.44 -21.74
N TYR F 32 -31.19 29.10 -21.69
CA TYR F 32 -31.75 28.37 -20.55
C TYR F 32 -30.93 28.67 -19.28
N LEU F 33 -29.59 28.58 -19.40
CA LEU F 33 -28.62 28.82 -18.35
C LEU F 33 -28.87 30.22 -17.72
N LEU F 34 -28.93 31.26 -18.55
CA LEU F 34 -29.16 32.65 -18.15
C LEU F 34 -30.53 32.88 -17.58
N ARG F 35 -31.56 32.26 -18.17
CA ARG F 35 -32.96 32.37 -17.70
C ARG F 35 -33.09 31.76 -16.29
N LYS F 36 -32.27 30.72 -16.00
CA LYS F 36 -32.25 30.05 -14.69
C LYS F 36 -31.47 30.85 -13.63
N GLY F 37 -30.79 31.91 -14.07
CA GLY F 37 -30.02 32.79 -13.18
C GLY F 37 -28.61 32.29 -12.93
N TRP F 38 -28.13 31.34 -13.75
CA TRP F 38 -26.80 30.77 -13.58
C TRP F 38 -25.71 31.58 -14.25
N VAL F 39 -24.47 31.43 -13.80
CA VAL F 39 -23.33 32.19 -14.33
C VAL F 39 -22.59 31.35 -15.33
N PRO F 40 -22.51 31.82 -16.60
CA PRO F 40 -21.79 31.04 -17.61
C PRO F 40 -20.29 31.16 -17.45
N CYS F 41 -19.59 30.08 -17.82
CA CYS F 41 -18.15 30.03 -17.82
C CYS F 41 -17.70 29.06 -18.89
N LEU F 42 -16.55 29.35 -19.50
CA LEU F 42 -15.93 28.48 -20.50
C LEU F 42 -14.66 27.85 -19.93
N GLU F 43 -14.45 26.59 -20.27
CA GLU F 43 -13.30 25.82 -19.84
C GLU F 43 -12.77 25.11 -21.07
N PHE F 44 -11.46 24.91 -21.14
CA PHE F 44 -10.85 24.25 -22.29
C PHE F 44 -9.69 23.36 -21.90
N GLU F 45 -9.39 22.38 -22.74
CA GLU F 45 -8.33 21.40 -22.51
C GLU F 45 -7.73 21.06 -23.85
N LEU F 46 -6.41 20.86 -23.88
CA LEU F 46 -5.68 20.55 -25.10
C LEU F 46 -5.04 19.18 -25.11
N LYS F 47 -4.54 18.72 -23.94
CA LYS F 47 -3.80 17.47 -23.82
C LYS F 47 -4.61 16.23 -23.45
N LYS F 48 -5.41 16.31 -22.37
CA LYS F 48 -6.17 15.15 -21.90
C LYS F 48 -7.66 15.42 -21.78
N GLY F 49 -8.38 15.15 -22.86
CA GLY F 49 -9.82 15.41 -22.96
C GLY F 49 -10.71 14.44 -22.20
N PHE F 50 -10.14 13.37 -21.65
CA PHE F 50 -10.89 12.36 -20.90
C PHE F 50 -10.24 12.05 -19.54
N VAL F 51 -11.08 11.57 -18.57
CA VAL F 51 -10.65 11.21 -17.22
CA VAL F 51 -10.63 11.18 -17.22
C VAL F 51 -9.61 10.07 -17.34
N TYR F 52 -8.68 10.02 -16.38
CA TYR F 52 -7.60 9.01 -16.28
C TYR F 52 -7.21 9.00 -14.79
N ARG F 53 -6.38 8.04 -14.37
CA ARG F 53 -5.96 7.93 -12.97
C ARG F 53 -4.50 7.65 -12.96
N GLU F 54 -3.70 8.71 -12.99
CA GLU F 54 -2.26 8.57 -12.99
C GLU F 54 -1.66 8.79 -11.62
N HIS F 55 -2.06 9.88 -10.92
CA HIS F 55 -1.43 10.29 -9.67
C HIS F 55 -1.90 9.62 -8.42
N ASN F 56 -3.11 9.05 -8.45
CA ASN F 56 -3.75 8.38 -7.30
C ASN F 56 -4.93 7.56 -7.81
N LYS F 57 -5.31 6.51 -7.10
CA LYS F 57 -6.39 5.59 -7.48
C LYS F 57 -7.38 5.35 -6.33
N SER F 58 -7.40 6.23 -5.30
CA SER F 58 -8.31 6.03 -4.18
C SER F 58 -9.77 6.39 -4.55
N PRO F 59 -10.83 5.92 -3.83
CA PRO F 59 -12.21 6.23 -4.27
C PRO F 59 -12.47 7.72 -4.47
N GLY F 60 -13.14 8.05 -5.55
CA GLY F 60 -13.45 9.44 -5.88
C GLY F 60 -12.28 10.27 -6.39
N TYR F 61 -11.08 9.67 -6.57
CA TYR F 61 -9.96 10.43 -7.12
C TYR F 61 -9.85 10.09 -8.60
N TYR F 62 -9.82 11.13 -9.44
CA TYR F 62 -9.63 10.98 -10.88
C TYR F 62 -8.85 12.18 -11.38
N ASP F 63 -7.96 11.98 -12.33
CA ASP F 63 -7.27 13.09 -12.98
C ASP F 63 -8.09 13.43 -14.22
N GLY F 64 -7.93 14.65 -14.74
CA GLY F 64 -8.60 15.08 -15.95
C GLY F 64 -9.97 15.67 -15.76
N ARG F 65 -10.44 15.87 -14.50
CA ARG F 65 -11.75 16.47 -14.28
C ARG F 65 -11.61 17.97 -14.43
N TYR F 66 -10.51 18.56 -13.91
CA TYR F 66 -10.28 19.99 -14.03
C TYR F 66 -9.76 20.30 -15.41
N TRP F 67 -10.37 21.28 -16.08
CA TRP F 67 -9.90 21.79 -17.36
C TRP F 67 -9.40 23.21 -17.03
N THR F 68 -8.91 23.96 -18.03
CA THR F 68 -8.38 25.30 -17.81
C THR F 68 -9.53 26.30 -17.96
N MET F 69 -9.58 27.27 -17.06
CA MET F 69 -10.61 28.30 -17.13
C MET F 69 -10.29 29.29 -18.25
N TRP F 70 -11.29 29.64 -19.07
CA TRP F 70 -11.14 30.65 -20.11
C TRP F 70 -11.56 31.94 -19.44
N LYS F 71 -10.58 32.82 -19.14
CA LYS F 71 -10.84 34.10 -18.48
C LYS F 71 -11.50 33.84 -17.13
N LEU F 72 -12.69 34.41 -16.88
CA LEU F 72 -13.39 34.24 -15.61
C LEU F 72 -14.85 33.90 -15.81
N PRO F 73 -15.60 33.42 -14.79
CA PRO F 73 -17.04 33.23 -14.99
C PRO F 73 -17.64 34.59 -15.36
N MET F 74 -18.60 34.58 -16.28
CA MET F 74 -19.18 35.83 -16.78
C MET F 74 -20.27 36.40 -15.90
N PHE F 75 -19.90 36.89 -14.72
CA PHE F 75 -20.86 37.49 -13.80
C PHE F 75 -21.43 38.76 -14.47
N GLY F 76 -22.72 38.98 -14.29
CA GLY F 76 -23.38 40.14 -14.91
C GLY F 76 -23.86 39.99 -16.35
N THR F 77 -23.39 38.96 -17.10
CA THR F 77 -23.84 38.71 -18.47
C THR F 77 -25.33 38.38 -18.48
N THR F 78 -26.10 39.08 -19.32
CA THR F 78 -27.54 38.87 -19.46
C THR F 78 -27.85 38.40 -20.87
N ASP F 79 -26.87 38.57 -21.80
CA ASP F 79 -27.00 38.22 -23.21
C ASP F 79 -26.22 36.97 -23.61
N ALA F 80 -26.95 35.95 -24.10
CA ALA F 80 -26.40 34.68 -24.58
C ALA F 80 -25.36 34.82 -25.68
N SER F 81 -25.52 35.82 -26.57
CA SER F 81 -24.59 36.08 -27.70
C SER F 81 -23.17 36.41 -27.24
N GLN F 82 -23.03 37.04 -26.04
CA GLN F 82 -21.73 37.39 -25.45
C GLN F 82 -20.93 36.13 -25.08
N VAL F 83 -21.63 35.05 -24.64
CA VAL F 83 -21.05 33.75 -24.28
C VAL F 83 -20.55 33.10 -25.58
N LEU F 84 -21.37 33.16 -26.66
CA LEU F 84 -20.99 32.58 -27.95
C LEU F 84 -19.85 33.34 -28.62
N LYS F 85 -19.74 34.65 -28.32
CA LYS F 85 -18.63 35.53 -28.76
C LYS F 85 -17.33 35.00 -28.10
N GLU F 86 -17.40 34.65 -26.78
CA GLU F 86 -16.26 34.08 -26.04
C GLU F 86 -15.87 32.69 -26.55
N LEU F 87 -16.87 31.86 -26.93
CA LEU F 87 -16.63 30.53 -27.51
C LEU F 87 -15.81 30.67 -28.80
N ASP F 88 -16.26 31.55 -29.72
CA ASP F 88 -15.56 31.79 -30.99
C ASP F 88 -14.11 32.26 -30.75
N GLU F 89 -13.91 33.09 -29.72
CA GLU F 89 -12.59 33.59 -29.34
C GLU F 89 -11.67 32.45 -28.87
N VAL F 90 -12.19 31.52 -28.01
CA VAL F 90 -11.40 30.38 -27.54
C VAL F 90 -11.09 29.41 -28.68
N LYS F 91 -12.09 29.12 -29.57
CA LYS F 91 -11.95 28.25 -30.76
C LYS F 91 -10.85 28.81 -31.68
N LYS F 92 -10.80 30.15 -31.86
CA LYS F 92 -9.80 30.82 -32.70
C LYS F 92 -8.39 30.73 -32.10
N ALA F 93 -8.26 30.97 -30.78
CA ALA F 93 -6.97 30.91 -30.09
C ALA F 93 -6.45 29.49 -29.96
N TYR F 94 -7.36 28.52 -29.73
CA TYR F 94 -7.01 27.10 -29.57
C TYR F 94 -7.92 26.22 -30.42
N PRO F 95 -7.65 26.11 -31.76
CA PRO F 95 -8.50 25.28 -32.62
C PRO F 95 -8.50 23.80 -32.26
N ARG F 96 -7.43 23.30 -31.60
CA ARG F 96 -7.33 21.88 -31.23
C ARG F 96 -7.78 21.57 -29.80
N ALA F 97 -8.49 22.50 -29.16
CA ALA F 97 -8.98 22.34 -27.80
C ALA F 97 -10.34 21.70 -27.69
N PHE F 98 -10.58 21.00 -26.56
CA PHE F 98 -11.92 20.54 -26.18
C PHE F 98 -12.41 21.75 -25.40
N VAL F 99 -13.65 22.18 -25.62
CA VAL F 99 -14.23 23.35 -24.96
C VAL F 99 -15.60 22.99 -24.42
N ARG F 100 -15.90 23.40 -23.17
CA ARG F 100 -17.16 23.17 -22.44
C ARG F 100 -17.70 24.52 -22.08
N ILE F 101 -19.01 24.62 -22.00
CA ILE F 101 -19.70 25.77 -21.47
C ILE F 101 -20.35 25.23 -20.19
N ILE F 102 -20.12 25.92 -19.08
CA ILE F 102 -20.64 25.53 -17.77
C ILE F 102 -21.48 26.67 -17.20
N GLY F 103 -22.39 26.36 -16.27
CA GLY F 103 -23.23 27.35 -15.62
C GLY F 103 -23.26 27.11 -14.12
N PHE F 104 -22.89 28.13 -13.32
CA PHE F 104 -22.82 28.00 -11.86
C PHE F 104 -24.05 28.56 -11.15
N ASP F 105 -24.51 27.86 -10.11
CA ASP F 105 -25.55 28.32 -9.18
C ASP F 105 -24.83 28.62 -7.84
N ASN F 106 -24.69 29.89 -7.51
CA ASN F 106 -23.97 30.29 -6.30
C ASN F 106 -24.65 29.97 -4.93
N VAL F 107 -25.97 29.71 -4.92
CA VAL F 107 -26.73 29.39 -3.71
C VAL F 107 -26.41 27.96 -3.26
N ARG F 108 -26.55 26.99 -4.17
CA ARG F 108 -26.26 25.59 -3.93
C ARG F 108 -24.77 25.31 -4.13
N GLN F 109 -24.07 26.24 -4.78
CA GLN F 109 -22.64 26.15 -5.12
C GLN F 109 -22.32 24.86 -5.87
N VAL F 110 -22.98 24.70 -7.01
CA VAL F 110 -22.77 23.56 -7.89
C VAL F 110 -22.97 24.00 -9.32
N GLN F 111 -22.29 23.33 -10.25
CA GLN F 111 -22.47 23.53 -11.66
C GLN F 111 -23.81 22.87 -11.99
N CYS F 112 -24.68 23.65 -12.57
CA CYS F 112 -26.01 23.19 -12.85
C CYS F 112 -26.21 22.77 -14.27
N ILE F 113 -25.17 22.98 -15.08
CA ILE F 113 -25.21 22.69 -16.52
C ILE F 113 -23.78 22.64 -17.02
N SER F 114 -23.52 21.73 -17.96
CA SER F 114 -22.21 21.52 -18.59
C SER F 114 -22.44 20.76 -19.86
N PHE F 115 -21.82 21.24 -20.95
CA PHE F 115 -21.90 20.60 -22.27
C PHE F 115 -20.73 21.00 -23.16
N ILE F 116 -20.23 20.04 -23.92
CA ILE F 116 -19.12 20.26 -24.86
C ILE F 116 -19.58 21.23 -25.96
N ALA F 117 -18.77 22.26 -26.24
CA ALA F 117 -19.10 23.29 -27.24
C ALA F 117 -18.17 23.25 -28.46
N HIS F 118 -17.04 22.52 -28.33
CA HIS F 118 -16.00 22.36 -29.34
C HIS F 118 -15.07 21.19 -29.01
N THR F 119 -14.62 20.46 -30.03
CA THR F 119 -13.64 19.37 -29.88
C THR F 119 -12.58 19.48 -30.99
N PRO F 120 -11.36 18.90 -30.84
CA PRO F 120 -10.46 18.86 -32.01
C PRO F 120 -11.03 17.88 -33.05
N ALA F 121 -10.49 17.88 -34.29
CA ALA F 121 -10.97 16.98 -35.35
C ALA F 121 -10.84 15.50 -34.98
N GLY F 122 -9.64 15.10 -34.52
CA GLY F 122 -9.37 13.71 -34.13
C GLY F 122 -9.05 13.52 -32.66
N TYR F 123 -9.70 12.52 -32.03
CA TYR F 123 -9.51 12.12 -30.62
C TYR F 123 -9.92 10.64 -30.41
N MET G 1 -8.57 41.38 -21.06
CA MET G 1 -8.36 40.12 -20.32
C MET G 1 -7.63 39.13 -21.21
N GLN G 2 -6.41 38.75 -20.82
CA GLN G 2 -5.65 37.76 -21.57
C GLN G 2 -5.59 36.44 -20.78
N VAL G 3 -5.67 35.32 -21.52
CA VAL G 3 -5.63 33.96 -20.98
C VAL G 3 -4.20 33.41 -20.98
N TRP G 4 -3.71 32.94 -19.79
CA TRP G 4 -2.37 32.37 -19.68
C TRP G 4 -2.37 31.00 -20.37
N PRO G 5 -1.53 30.74 -21.40
CA PRO G 5 -1.60 29.45 -22.09
C PRO G 5 -1.37 28.23 -21.18
N PRO G 6 -2.19 27.16 -21.30
CA PRO G 6 -1.94 25.94 -20.50
C PRO G 6 -0.94 24.98 -21.16
N ILE G 7 -0.33 25.39 -22.29
CA ILE G 7 0.62 24.59 -23.08
C ILE G 7 1.76 25.53 -23.57
N GLY G 8 2.94 24.97 -23.85
CA GLY G 8 4.09 25.75 -24.33
C GLY G 8 4.65 26.75 -23.33
N LYS G 9 4.39 26.55 -22.01
CA LYS G 9 4.87 27.46 -20.99
C LYS G 9 5.62 26.73 -19.87
N LYS G 10 6.37 25.67 -20.21
CA LYS G 10 7.17 24.92 -19.24
C LYS G 10 8.21 25.82 -18.65
N LYS G 11 8.39 25.75 -17.34
CA LYS G 11 9.30 26.64 -16.61
C LYS G 11 10.50 25.95 -16.00
N PHE G 12 11.52 26.73 -15.61
CA PHE G 12 12.81 26.24 -15.12
C PHE G 12 13.24 26.96 -13.85
N GLU G 13 12.29 27.19 -12.95
CA GLU G 13 12.56 27.86 -11.69
C GLU G 13 12.98 29.32 -11.84
N THR G 14 13.81 29.82 -10.90
CA THR G 14 14.27 31.21 -10.84
CA THR G 14 14.28 31.21 -10.84
C THR G 14 14.73 31.81 -12.18
N LEU G 15 14.12 32.96 -12.54
CA LEU G 15 14.32 33.81 -13.72
C LEU G 15 13.57 33.37 -14.98
N SER G 16 12.95 32.17 -14.97
CA SER G 16 12.25 31.63 -16.14
C SER G 16 10.94 32.32 -16.54
N TYR G 17 10.45 33.30 -15.76
CA TYR G 17 9.26 34.09 -16.07
C TYR G 17 9.66 35.44 -16.70
N LEU G 18 10.96 35.73 -16.70
CA LEU G 18 11.53 36.94 -17.30
C LEU G 18 11.85 36.65 -18.76
N PRO G 19 12.07 37.68 -19.65
CA PRO G 19 12.50 37.40 -21.03
C PRO G 19 13.82 36.62 -21.03
N PRO G 20 14.17 35.81 -22.06
CA PRO G 20 15.43 35.04 -21.97
C PRO G 20 16.65 35.90 -21.64
N LEU G 21 17.55 35.38 -20.79
CA LEU G 21 18.75 36.11 -20.37
C LEU G 21 19.72 36.31 -21.54
N THR G 22 20.27 37.53 -21.64
CA THR G 22 21.31 37.83 -22.63
C THR G 22 22.64 37.34 -22.05
N ARG G 23 23.69 37.21 -22.90
CA ARG G 23 25.06 36.80 -22.50
C ARG G 23 25.59 37.69 -21.37
N ASP G 24 25.23 38.99 -21.43
CA ASP G 24 25.62 39.96 -20.42
C ASP G 24 24.84 39.76 -19.12
N GLN G 25 23.52 39.43 -19.20
CA GLN G 25 22.67 39.19 -18.03
C GLN G 25 23.10 37.91 -17.33
N LEU G 26 23.53 36.90 -18.11
CA LEU G 26 24.05 35.62 -17.64
C LEU G 26 25.36 35.86 -16.87
N LEU G 27 26.28 36.64 -17.46
CA LEU G 27 27.57 37.01 -16.87
C LEU G 27 27.34 37.71 -15.51
N LYS G 28 26.37 38.64 -15.46
CA LYS G 28 26.02 39.39 -14.26
C LYS G 28 25.49 38.50 -13.13
N GLU G 29 24.78 37.42 -13.48
CA GLU G 29 24.28 36.41 -12.51
C GLU G 29 25.48 35.66 -11.89
N VAL G 30 26.45 35.28 -12.74
CA VAL G 30 27.69 34.61 -12.32
C VAL G 30 28.53 35.55 -11.46
N GLU G 31 28.55 36.85 -11.81
CA GLU G 31 29.31 37.86 -11.05
C GLU G 31 28.72 38.05 -9.66
N TYR G 32 27.37 38.06 -9.55
CA TYR G 32 26.69 38.13 -8.25
C TYR G 32 27.04 36.91 -7.38
N LEU G 33 26.99 35.71 -7.97
CA LEU G 33 27.31 34.42 -7.34
C LEU G 33 28.72 34.50 -6.70
N LEU G 34 29.73 34.92 -7.48
CA LEU G 34 31.13 35.06 -7.05
C LEU G 34 31.34 36.16 -6.04
N ARG G 35 30.65 37.32 -6.22
CA ARG G 35 30.71 38.45 -5.28
CA ARG G 35 30.73 38.44 -5.28
C ARG G 35 30.17 38.02 -3.91
N LYS G 36 29.17 37.10 -3.89
CA LYS G 36 28.56 36.59 -2.67
C LYS G 36 29.41 35.53 -1.97
N GLY G 37 30.49 35.10 -2.64
CA GLY G 37 31.43 34.11 -2.12
C GLY G 37 31.00 32.68 -2.34
N TRP G 38 30.05 32.46 -3.26
CA TRP G 38 29.52 31.13 -3.55
C TRP G 38 30.36 30.40 -4.59
N VAL G 39 30.28 29.05 -4.60
CA VAL G 39 31.05 28.21 -5.52
C VAL G 39 30.19 27.86 -6.72
N PRO G 40 30.62 28.27 -7.94
CA PRO G 40 29.82 27.92 -9.13
C PRO G 40 29.99 26.46 -9.51
N CYS G 41 28.94 25.90 -10.11
CA CYS G 41 28.93 24.56 -10.63
C CYS G 41 27.92 24.47 -11.76
N LEU G 42 28.21 23.65 -12.75
CA LEU G 42 27.32 23.39 -13.87
C LEU G 42 26.75 22.00 -13.78
N GLU G 43 25.49 21.87 -14.16
CA GLU G 43 24.76 20.60 -14.16
C GLU G 43 24.03 20.51 -15.49
N PHE G 44 23.87 19.30 -16.01
CA PHE G 44 23.19 19.13 -17.29
C PHE G 44 22.32 17.87 -17.31
N GLU G 45 21.33 17.86 -18.21
CA GLU G 45 20.39 16.75 -18.34
C GLU G 45 20.01 16.64 -19.80
N LEU G 46 19.86 15.42 -20.28
CA LEU G 46 19.53 15.16 -21.68
C LEU G 46 18.16 14.51 -21.88
N LYS G 47 17.75 13.63 -20.97
CA LYS G 47 16.50 12.87 -21.12
C LYS G 47 15.28 13.45 -20.43
N LYS G 48 15.37 13.78 -19.13
CA LYS G 48 14.21 14.28 -18.38
C LYS G 48 14.46 15.64 -17.73
N GLY G 49 14.12 16.70 -18.47
CA GLY G 49 14.32 18.07 -18.05
C GLY G 49 13.36 18.59 -17.00
N PHE G 50 12.32 17.80 -16.65
CA PHE G 50 11.32 18.18 -15.65
C PHE G 50 11.12 17.09 -14.61
N VAL G 51 10.67 17.48 -13.41
CA VAL G 51 10.41 16.55 -12.31
C VAL G 51 9.28 15.59 -12.69
N TYR G 52 9.32 14.35 -12.19
CA TYR G 52 8.35 13.28 -12.44
C TYR G 52 8.39 12.36 -11.23
N ARG G 53 7.49 11.37 -11.15
CA ARG G 53 7.41 10.47 -10.01
C ARG G 53 7.20 9.08 -10.50
N GLU G 54 8.28 8.40 -10.85
CA GLU G 54 8.20 7.06 -11.38
C GLU G 54 8.48 5.99 -10.34
N HIS G 55 9.56 6.15 -9.57
CA HIS G 55 10.00 5.13 -8.64
C HIS G 55 9.36 5.09 -7.28
N ASN G 56 8.77 6.21 -6.85
CA ASN G 56 8.11 6.33 -5.56
C ASN G 56 7.22 7.59 -5.58
N LYS G 57 6.18 7.61 -4.76
CA LYS G 57 5.22 8.72 -4.70
C LYS G 57 4.98 9.21 -3.27
N SER G 58 5.87 8.89 -2.31
CA SER G 58 5.66 9.33 -0.92
C SER G 58 5.99 10.82 -0.74
N PRO G 59 5.51 11.53 0.33
CA PRO G 59 5.79 12.99 0.45
C PRO G 59 7.28 13.33 0.32
N GLY G 60 7.53 14.38 -0.45
CA GLY G 60 8.89 14.88 -0.69
C GLY G 60 9.73 14.02 -1.60
N TYR G 61 9.17 12.93 -2.18
CA TYR G 61 9.95 12.13 -3.14
C TYR G 61 9.58 12.55 -4.54
N TYR G 62 10.58 12.91 -5.35
CA TYR G 62 10.41 13.25 -6.75
C TYR G 62 11.64 12.76 -7.51
N ASP G 63 11.45 12.26 -8.72
CA ASP G 63 12.55 11.91 -9.60
C ASP G 63 12.81 13.15 -10.46
N GLY G 64 14.00 13.25 -11.05
CA GLY G 64 14.36 14.36 -11.92
C GLY G 64 14.88 15.61 -11.26
N ARG G 65 15.13 15.59 -9.93
CA ARG G 65 15.70 16.77 -9.30
C ARG G 65 17.21 16.79 -9.51
N TYR G 66 17.84 15.60 -9.45
CA TYR G 66 19.27 15.47 -9.68
C TYR G 66 19.52 15.52 -11.17
N TRP G 67 20.46 16.37 -11.58
CA TRP G 67 20.95 16.41 -12.96
C TRP G 67 22.40 15.87 -12.89
N THR G 68 23.10 15.78 -14.02
CA THR G 68 24.47 15.27 -14.03
C THR G 68 25.43 16.42 -13.79
N MET G 69 26.45 16.19 -12.94
CA MET G 69 27.43 17.22 -12.65
C MET G 69 28.40 17.36 -13.82
N TRP G 70 28.67 18.60 -14.22
CA TRP G 70 29.64 18.86 -15.29
C TRP G 70 30.95 19.08 -14.55
N LYS G 71 31.88 18.10 -14.64
CA LYS G 71 33.19 18.15 -13.97
C LYS G 71 32.95 18.25 -12.45
N LEU G 72 33.49 19.27 -11.80
CA LEU G 72 33.34 19.47 -10.35
C LEU G 72 32.96 20.92 -10.02
N PRO G 73 32.49 21.24 -8.78
CA PRO G 73 32.25 22.64 -8.44
C PRO G 73 33.58 23.38 -8.59
N MET G 74 33.53 24.60 -9.10
CA MET G 74 34.75 25.37 -9.39
C MET G 74 35.30 26.09 -8.18
N PHE G 75 35.84 25.33 -7.22
CA PHE G 75 36.43 25.92 -6.02
C PHE G 75 37.63 26.79 -6.42
N GLY G 76 37.74 27.95 -5.79
CA GLY G 76 38.82 28.89 -6.07
C GLY G 76 38.62 29.85 -7.23
N THR G 77 37.68 29.57 -8.18
CA THR G 77 37.41 30.48 -9.31
C THR G 77 36.97 31.86 -8.83
N THR G 78 37.61 32.92 -9.34
CA THR G 78 37.32 34.30 -8.96
C THR G 78 36.80 35.07 -10.16
N ASP G 79 36.99 34.50 -11.37
CA ASP G 79 36.58 35.11 -12.64
C ASP G 79 35.36 34.47 -13.29
N ALA G 80 34.29 35.27 -13.45
CA ALA G 80 33.01 34.88 -14.07
C ALA G 80 33.15 34.31 -15.48
N SER G 81 34.14 34.79 -16.26
CA SER G 81 34.38 34.34 -17.64
C SER G 81 34.77 32.85 -17.71
N GLN G 82 35.43 32.34 -16.66
CA GLN G 82 35.85 30.94 -16.56
C GLN G 82 34.64 29.99 -16.48
N VAL G 83 33.55 30.44 -15.81
CA VAL G 83 32.27 29.71 -15.66
C VAL G 83 31.57 29.69 -17.02
N LEU G 84 31.58 30.84 -17.74
CA LEU G 84 30.96 30.92 -19.07
C LEU G 84 31.73 30.14 -20.11
N LYS G 85 33.06 29.96 -19.90
CA LYS G 85 33.94 29.14 -20.74
C LYS G 85 33.48 27.67 -20.59
N GLU G 86 33.18 27.26 -19.33
CA GLU G 86 32.67 25.91 -19.04
C GLU G 86 31.29 25.68 -19.63
N LEU G 87 30.41 26.70 -19.60
CA LEU G 87 29.06 26.64 -20.20
C LEU G 87 29.18 26.36 -21.70
N ASP G 88 30.01 27.14 -22.41
CA ASP G 88 30.23 26.97 -23.85
C ASP G 88 30.73 25.58 -24.17
N GLU G 89 31.62 25.06 -23.32
CA GLU G 89 32.15 23.68 -23.44
C GLU G 89 31.04 22.61 -23.32
N VAL G 90 30.09 22.72 -22.35
CA VAL G 90 28.97 21.75 -22.18
C VAL G 90 28.07 21.85 -23.38
N LYS G 91 27.68 23.12 -23.76
CA LYS G 91 26.80 23.41 -24.91
C LYS G 91 27.33 22.73 -26.17
N LYS G 92 28.66 22.81 -26.41
CA LYS G 92 29.34 22.20 -27.55
C LYS G 92 29.31 20.67 -27.51
N ALA G 93 29.60 20.07 -26.32
CA ALA G 93 29.61 18.62 -26.13
C ALA G 93 28.20 18.03 -26.18
N TYR G 94 27.21 18.76 -25.60
CA TYR G 94 25.82 18.31 -25.54
C TYR G 94 24.87 19.44 -25.99
N PRO G 95 24.72 19.63 -27.33
CA PRO G 95 23.83 20.72 -27.81
C PRO G 95 22.36 20.55 -27.43
N ARG G 96 21.91 19.30 -27.19
CA ARG G 96 20.53 19.01 -26.83
C ARG G 96 20.28 18.89 -25.33
N ALA G 97 21.22 19.39 -24.51
CA ALA G 97 21.10 19.31 -23.05
C ALA G 97 20.43 20.52 -22.43
N PHE G 98 19.77 20.29 -21.27
CA PHE G 98 19.29 21.38 -20.44
C PHE G 98 20.51 21.62 -19.55
N VAL G 99 20.91 22.87 -19.35
CA VAL G 99 22.09 23.21 -18.54
C VAL G 99 21.71 24.30 -17.53
N ARG G 100 22.14 24.13 -16.27
CA ARG G 100 21.90 25.02 -15.13
C ARG G 100 23.26 25.47 -14.64
N ILE G 101 23.31 26.65 -14.07
CA ILE G 101 24.46 27.14 -13.35
C ILE G 101 23.95 27.24 -11.91
N ILE G 102 24.62 26.57 -10.96
CA ILE G 102 24.26 26.62 -9.54
C ILE G 102 25.45 27.18 -8.73
N GLY G 103 25.17 27.75 -7.57
CA GLY G 103 26.16 28.32 -6.67
C GLY G 103 25.98 27.80 -5.26
N PHE G 104 27.05 27.21 -4.69
CA PHE G 104 26.99 26.63 -3.33
C PHE G 104 27.52 27.55 -2.24
N ASP G 105 26.84 27.55 -1.09
CA ASP G 105 27.28 28.22 0.13
C ASP G 105 27.67 27.09 1.12
N ASN G 106 28.97 26.93 1.37
CA ASN G 106 29.47 25.87 2.26
C ASN G 106 29.13 26.01 3.76
N VAL G 107 28.82 27.25 4.22
CA VAL G 107 28.50 27.53 5.63
C VAL G 107 27.11 26.98 5.97
N ARG G 108 26.11 27.38 5.20
CA ARG G 108 24.73 26.96 5.36
C ARG G 108 24.50 25.59 4.68
N GLN G 109 25.43 25.20 3.79
CA GLN G 109 25.37 23.99 2.97
C GLN G 109 24.02 23.90 2.21
N VAL G 110 23.82 24.89 1.36
CA VAL G 110 22.65 24.97 0.50
C VAL G 110 23.06 25.63 -0.81
N GLN G 111 22.35 25.32 -1.91
CA GLN G 111 22.52 26.01 -3.15
C GLN G 111 21.81 27.36 -2.94
N CYS G 112 22.53 28.46 -3.15
CA CYS G 112 21.97 29.79 -2.93
C CYS G 112 21.51 30.43 -4.22
N ILE G 113 21.82 29.80 -5.35
CA ILE G 113 21.44 30.33 -6.67
C ILE G 113 21.38 29.17 -7.67
N SER G 114 20.45 29.25 -8.62
CA SER G 114 20.22 28.24 -9.66
C SER G 114 19.41 28.87 -10.78
N PHE G 115 19.92 28.78 -12.01
CA PHE G 115 19.27 29.34 -13.21
C PHE G 115 19.63 28.54 -14.44
N ILE G 116 18.64 28.28 -15.29
CA ILE G 116 18.83 27.59 -16.56
C ILE G 116 19.75 28.46 -17.47
N ALA G 117 20.79 27.86 -18.07
CA ALA G 117 21.77 28.57 -18.90
C ALA G 117 21.71 28.14 -20.37
N HIS G 118 21.01 27.02 -20.64
CA HIS G 118 20.82 26.44 -21.96
C HIS G 118 19.69 25.41 -21.90
N THR G 119 18.96 25.25 -23.03
CA THR G 119 17.90 24.25 -23.21
C THR G 119 17.97 23.68 -24.62
N PRO G 120 17.44 22.46 -24.92
CA PRO G 120 17.36 22.05 -26.33
C PRO G 120 16.32 22.93 -27.05
N ALA G 121 16.28 22.88 -28.40
CA ALA G 121 15.33 23.69 -29.16
C ALA G 121 13.87 23.35 -28.83
N GLY G 122 13.52 22.07 -28.86
CA GLY G 122 12.16 21.60 -28.56
C GLY G 122 12.04 20.75 -27.31
N TYR G 123 11.05 21.09 -26.44
CA TYR G 123 10.72 20.39 -25.18
C TYR G 123 9.24 20.63 -24.79
N MET H 1 40.44 17.32 -17.24
CA MET H 1 39.22 16.80 -16.60
C MET H 1 38.22 16.40 -17.68
N GLN H 2 37.90 15.10 -17.76
CA GLN H 2 36.92 14.62 -18.73
C GLN H 2 35.61 14.24 -18.02
N VAL H 3 34.48 14.48 -18.70
CA VAL H 3 33.14 14.23 -18.18
C VAL H 3 32.62 12.88 -18.68
N TRP H 4 32.20 11.99 -17.73
CA TRP H 4 31.66 10.68 -18.09
C TRP H 4 30.25 10.88 -18.66
N PRO H 5 29.97 10.44 -19.91
CA PRO H 5 28.64 10.70 -20.49
C PRO H 5 27.47 10.08 -19.72
N PRO H 6 26.35 10.83 -19.51
CA PRO H 6 25.20 10.24 -18.81
C PRO H 6 24.22 9.52 -19.77
N ILE H 7 24.61 9.37 -21.06
CA ILE H 7 23.83 8.71 -22.11
C ILE H 7 24.79 7.93 -23.01
N GLY H 8 24.27 6.91 -23.70
CA GLY H 8 25.02 6.06 -24.60
C GLY H 8 26.10 5.22 -23.95
N LYS H 9 26.00 4.98 -22.63
CA LYS H 9 26.98 4.19 -21.87
C LYS H 9 26.29 3.07 -21.06
N LYS H 10 25.24 2.46 -21.66
CA LYS H 10 24.52 1.35 -21.02
C LYS H 10 25.47 0.19 -20.87
N LYS H 11 25.44 -0.46 -19.71
CA LYS H 11 26.38 -1.54 -19.38
C LYS H 11 25.75 -2.92 -19.25
N PHE H 12 26.60 -3.96 -19.30
CA PHE H 12 26.19 -5.37 -19.32
C PHE H 12 26.97 -6.20 -18.30
N GLU H 13 27.21 -5.62 -17.12
CA GLU H 13 27.96 -6.23 -16.02
C GLU H 13 29.40 -6.53 -16.38
N THR H 14 29.96 -7.63 -15.84
CA THR H 14 31.34 -8.08 -15.98
C THR H 14 31.91 -7.99 -17.39
N LEU H 15 33.01 -7.22 -17.52
CA LEU H 15 33.82 -6.97 -18.73
C LEU H 15 33.33 -5.83 -19.61
N SER H 16 32.11 -5.30 -19.38
CA SER H 16 31.51 -4.23 -20.19
C SER H 16 32.15 -2.84 -20.08
N TYR H 17 33.12 -2.64 -19.16
CA TYR H 17 33.85 -1.37 -19.04
C TYR H 17 35.20 -1.45 -19.77
N LEU H 18 35.55 -2.64 -20.26
CA LEU H 18 36.76 -2.90 -21.04
C LEU H 18 36.44 -2.69 -22.52
N PRO H 19 37.43 -2.50 -23.43
CA PRO H 19 37.11 -2.42 -24.87
C PRO H 19 36.35 -3.66 -25.34
N PRO H 20 35.52 -3.61 -26.42
CA PRO H 20 34.76 -4.81 -26.83
C PRO H 20 35.64 -6.05 -26.97
N LEU H 21 35.14 -7.21 -26.53
CA LEU H 21 35.92 -8.46 -26.59
C LEU H 21 36.08 -8.93 -28.02
N THR H 22 37.31 -9.34 -28.38
CA THR H 22 37.58 -9.92 -29.69
C THR H 22 37.13 -11.38 -29.63
N ARG H 23 36.95 -12.05 -30.80
CA ARG H 23 36.55 -13.45 -30.86
C ARG H 23 37.56 -14.35 -30.11
N ASP H 24 38.85 -13.93 -30.09
CA ASP H 24 39.91 -14.63 -29.36
C ASP H 24 39.75 -14.41 -27.84
N GLN H 25 39.41 -13.17 -27.41
CA GLN H 25 39.20 -12.83 -25.99
C GLN H 25 37.97 -13.54 -25.45
N LEU H 26 36.96 -13.70 -26.30
CA LEU H 26 35.70 -14.40 -26.04
C LEU H 26 35.96 -15.89 -25.84
N LEU H 27 36.77 -16.50 -26.73
CA LEU H 27 37.20 -17.90 -26.67
C LEU H 27 37.96 -18.17 -25.35
N LYS H 28 38.86 -17.23 -24.97
CA LYS H 28 39.66 -17.33 -23.75
C LYS H 28 38.81 -17.34 -22.46
N GLU H 29 37.70 -16.57 -22.47
CA GLU H 29 36.73 -16.52 -21.37
C GLU H 29 36.04 -17.90 -21.23
N VAL H 30 35.63 -18.50 -22.36
CA VAL H 30 35.00 -19.82 -22.41
C VAL H 30 36.01 -20.90 -21.96
N GLU H 31 37.31 -20.73 -22.34
CA GLU H 31 38.36 -21.66 -21.95
C GLU H 31 38.59 -21.65 -20.44
N TYR H 32 38.56 -20.45 -19.83
CA TYR H 32 38.68 -20.30 -18.38
C TYR H 32 37.50 -21.00 -17.67
N LEU H 33 36.27 -20.77 -18.18
CA LEU H 33 35.01 -21.35 -17.68
C LEU H 33 35.16 -22.88 -17.60
N LEU H 34 35.57 -23.51 -18.71
CA LEU H 34 35.75 -24.96 -18.83
C LEU H 34 36.90 -25.50 -17.99
N ARG H 35 38.01 -24.76 -17.91
CA ARG H 35 39.18 -25.14 -17.07
C ARG H 35 38.78 -25.13 -15.59
N LYS H 36 37.83 -24.27 -15.21
CA LYS H 36 37.35 -24.17 -13.83
C LYS H 36 36.33 -25.26 -13.50
N GLY H 37 35.93 -26.04 -14.50
CA GLY H 37 34.98 -27.13 -14.37
C GLY H 37 33.53 -26.69 -14.39
N TRP H 38 33.25 -25.45 -14.87
CA TRP H 38 31.89 -24.91 -14.92
C TRP H 38 31.15 -25.34 -16.17
N VAL H 39 29.82 -25.30 -16.13
CA VAL H 39 28.95 -25.71 -17.23
C VAL H 39 28.53 -24.50 -18.03
N PRO H 40 28.90 -24.42 -19.33
CA PRO H 40 28.49 -23.27 -20.13
C PRO H 40 27.03 -23.34 -20.53
N CYS H 41 26.41 -22.17 -20.67
CA CYS H 41 25.05 -22.03 -21.12
C CYS H 41 24.91 -20.69 -21.81
N LEU H 42 24.06 -20.64 -22.82
CA LEU H 42 23.76 -19.39 -23.51
C LEU H 42 22.35 -18.93 -23.17
N GLU H 43 22.19 -17.62 -23.05
CA GLU H 43 20.91 -16.99 -22.77
C GLU H 43 20.77 -15.84 -23.73
N PHE H 44 19.54 -15.54 -24.16
CA PHE H 44 19.31 -14.45 -25.09
C PHE H 44 18.02 -13.68 -24.77
N GLU H 45 17.95 -12.43 -25.21
CA GLU H 45 16.83 -11.55 -24.96
C GLU H 45 16.66 -10.65 -26.16
N LEU H 46 15.42 -10.38 -26.54
CA LEU H 46 15.10 -9.56 -27.71
C LEU H 46 14.39 -8.26 -27.37
N LYS H 47 13.51 -8.28 -26.36
CA LYS H 47 12.69 -7.13 -25.99
C LYS H 47 13.26 -6.20 -24.92
N LYS H 48 13.67 -6.75 -23.76
CA LYS H 48 14.17 -5.91 -22.65
C LYS H 48 15.54 -6.32 -22.16
N GLY H 49 16.57 -5.71 -22.76
CA GLY H 49 17.96 -6.00 -22.46
C GLY H 49 18.48 -5.48 -21.13
N PHE H 50 17.69 -4.65 -20.43
CA PHE H 50 18.07 -4.06 -19.14
C PHE H 50 17.00 -4.31 -18.07
N VAL H 51 17.41 -4.32 -16.79
CA VAL H 51 16.53 -4.51 -15.64
C VAL H 51 15.55 -3.33 -15.57
N TYR H 52 14.33 -3.60 -15.08
CA TYR H 52 13.23 -2.64 -14.93
C TYR H 52 12.35 -3.19 -13.80
N ARG H 53 11.35 -2.41 -13.36
CA ARG H 53 10.48 -2.82 -12.25
C ARG H 53 9.07 -2.50 -12.63
N GLU H 54 8.43 -3.41 -13.33
CA GLU H 54 7.07 -3.18 -13.78
C GLU H 54 6.04 -3.88 -12.88
N HIS H 55 6.25 -5.17 -12.60
CA HIS H 55 5.27 -5.97 -11.88
C HIS H 55 5.24 -5.88 -10.38
N ASN H 56 6.34 -5.43 -9.78
CA ASN H 56 6.48 -5.30 -8.33
C ASN H 56 7.72 -4.42 -8.05
N LYS H 57 7.73 -3.76 -6.91
CA LYS H 57 8.82 -2.84 -6.50
C LYS H 57 9.32 -3.13 -5.08
N SER H 58 9.05 -4.33 -4.52
CA SER H 58 9.50 -4.64 -3.16
C SER H 58 11.03 -4.95 -3.14
N PRO H 59 11.74 -4.86 -1.98
CA PRO H 59 13.21 -5.08 -1.99
C PRO H 59 13.63 -6.39 -2.63
N GLY H 60 14.64 -6.30 -3.50
CA GLY H 60 15.17 -7.45 -4.21
C GLY H 60 14.32 -7.93 -5.37
N TYR H 61 13.20 -7.25 -5.68
CA TYR H 61 12.42 -7.66 -6.84
C TYR H 61 12.79 -6.77 -8.03
N TYR H 62 13.14 -7.40 -9.15
CA TYR H 62 13.43 -6.71 -10.40
C TYR H 62 12.96 -7.56 -11.55
N ASP H 63 12.43 -6.94 -12.61
CA ASP H 63 12.07 -7.67 -13.82
C ASP H 63 13.29 -7.54 -14.75
N GLY H 64 13.38 -8.42 -15.74
CA GLY H 64 14.46 -8.41 -16.72
C GLY H 64 15.75 -9.10 -16.32
N ARG H 65 15.76 -9.81 -15.18
CA ARG H 65 16.98 -10.55 -14.82
C ARG H 65 17.00 -11.87 -15.57
N TYR H 66 15.82 -12.51 -15.73
CA TYR H 66 15.73 -13.74 -16.49
C TYR H 66 15.74 -13.42 -17.98
N TRP H 67 16.59 -14.11 -18.72
CA TRP H 67 16.62 -14.07 -20.18
C TRP H 67 16.14 -15.44 -20.63
N THR H 68 16.06 -15.70 -21.94
CA THR H 68 15.58 -16.98 -22.46
C THR H 68 16.78 -17.90 -22.62
N MET H 69 16.65 -19.15 -22.20
CA MET H 69 17.73 -20.08 -22.32
C MET H 69 17.82 -20.64 -23.76
N TRP H 70 19.04 -20.66 -24.30
CA TRP H 70 19.28 -21.20 -25.62
C TRP H 70 19.54 -22.68 -25.42
N LYS H 71 18.58 -23.55 -25.84
CA LYS H 71 18.70 -25.00 -25.68
C LYS H 71 18.84 -25.34 -24.19
N LEU H 72 19.89 -26.07 -23.82
CA LEU H 72 20.14 -26.48 -22.43
C LEU H 72 21.57 -26.17 -21.99
N PRO H 73 21.90 -26.17 -20.67
CA PRO H 73 23.32 -26.00 -20.28
C PRO H 73 24.10 -27.15 -20.91
N MET H 74 25.31 -26.85 -21.37
CA MET H 74 26.10 -27.82 -22.12
C MET H 74 26.88 -28.76 -21.21
N PHE H 75 26.16 -29.66 -20.53
CA PHE H 75 26.82 -30.62 -19.64
C PHE H 75 27.73 -31.53 -20.47
N GLY H 76 28.91 -31.82 -19.97
CA GLY H 76 29.84 -32.68 -20.69
C GLY H 76 30.73 -32.04 -21.74
N THR H 77 30.42 -30.79 -22.21
CA THR H 77 31.26 -30.11 -23.19
C THR H 77 32.65 -29.83 -22.59
N THR H 78 33.71 -30.21 -23.33
CA THR H 78 35.09 -30.02 -22.89
C THR H 78 35.81 -29.05 -23.81
N ASP H 79 35.22 -28.78 -24.99
CA ASP H 79 35.78 -27.92 -26.03
C ASP H 79 35.08 -26.57 -26.16
N ALA H 80 35.85 -25.48 -25.93
CA ALA H 80 35.37 -24.10 -26.04
C ALA H 80 34.77 -23.74 -27.39
N SER H 81 35.27 -24.33 -28.49
CA SER H 81 34.78 -24.06 -29.85
C SER H 81 33.32 -24.46 -30.03
N GLN H 82 32.86 -25.48 -29.29
CA GLN H 82 31.47 -25.97 -29.32
C GLN H 82 30.48 -24.91 -28.78
N VAL H 83 30.91 -24.14 -27.76
CA VAL H 83 30.15 -23.05 -27.14
C VAL H 83 30.06 -21.90 -28.15
N LEU H 84 31.19 -21.60 -28.84
CA LEU H 84 31.20 -20.52 -29.87
C LEU H 84 30.41 -20.90 -31.11
N LYS H 85 30.29 -22.21 -31.40
CA LYS H 85 29.46 -22.78 -32.46
C LYS H 85 27.99 -22.46 -32.12
N GLU H 86 27.60 -22.65 -30.83
CA GLU H 86 26.25 -22.33 -30.35
C GLU H 86 25.97 -20.85 -30.38
N LEU H 87 26.96 -20.00 -30.05
CA LEU H 87 26.85 -18.53 -30.11
C LEU H 87 26.52 -18.11 -31.55
N ASP H 88 27.28 -18.60 -32.53
CA ASP H 88 27.07 -18.27 -33.95
C ASP H 88 25.68 -18.69 -34.38
N GLU H 89 25.19 -19.83 -33.88
CA GLU H 89 23.85 -20.33 -34.17
C GLU H 89 22.74 -19.38 -33.62
N VAL H 90 22.88 -18.85 -32.38
CA VAL H 90 21.92 -17.90 -31.79
C VAL H 90 22.00 -16.51 -32.46
N LYS H 91 23.22 -16.07 -32.83
CA LYS H 91 23.44 -14.81 -33.55
C LYS H 91 22.72 -14.89 -34.93
N LYS H 92 22.82 -16.04 -35.62
CA LYS H 92 22.19 -16.27 -36.93
C LYS H 92 20.67 -16.30 -36.84
N ALA H 93 20.11 -17.02 -35.86
CA ALA H 93 18.67 -17.14 -35.67
C ALA H 93 18.05 -15.83 -35.18
N TYR H 94 18.77 -15.10 -34.30
CA TYR H 94 18.29 -13.83 -33.71
C TYR H 94 19.40 -12.79 -33.78
N PRO H 95 19.57 -12.13 -34.97
CA PRO H 95 20.65 -11.13 -35.10
C PRO H 95 20.50 -9.92 -34.21
N ARG H 96 19.26 -9.56 -33.84
CA ARG H 96 19.03 -8.40 -32.98
C ARG H 96 18.87 -8.73 -31.48
N ALA H 97 19.31 -9.93 -31.07
CA ALA H 97 19.24 -10.36 -29.67
C ALA H 97 20.44 -9.93 -28.87
N PHE H 98 20.25 -9.76 -27.55
CA PHE H 98 21.35 -9.58 -26.58
C PHE H 98 21.64 -11.03 -26.23
N VAL H 99 22.92 -11.41 -26.21
CA VAL H 99 23.33 -12.80 -25.92
C VAL H 99 24.43 -12.79 -24.85
N ARG H 100 24.31 -13.66 -23.84
CA ARG H 100 25.21 -13.82 -22.71
C ARG H 100 25.70 -15.24 -22.75
N ILE H 101 26.92 -15.45 -22.29
CA ILE H 101 27.46 -16.79 -22.06
C ILE H 101 27.59 -16.82 -20.54
N ILE H 102 27.10 -17.89 -19.93
CA ILE H 102 27.09 -18.09 -18.49
C ILE H 102 27.76 -19.41 -18.17
N GLY H 103 28.28 -19.52 -16.97
CA GLY H 103 28.93 -20.75 -16.50
C GLY H 103 28.44 -21.10 -15.12
N PHE H 104 27.91 -22.32 -14.96
CA PHE H 104 27.36 -22.79 -13.67
C PHE H 104 28.33 -23.64 -12.87
N ASP H 105 28.35 -23.43 -11.56
CA ASP H 105 29.07 -24.23 -10.59
C ASP H 105 28.01 -25.01 -9.77
N ASN H 106 27.93 -26.29 -10.01
CA ASN H 106 27.12 -27.34 -9.39
C ASN H 106 27.11 -27.38 -7.85
N VAL H 107 28.32 -27.20 -7.28
CA VAL H 107 28.61 -27.37 -5.86
C VAL H 107 28.01 -26.25 -5.05
N ARG H 108 28.35 -25.02 -5.42
CA ARG H 108 27.85 -23.81 -4.77
C ARG H 108 26.46 -23.43 -5.31
N GLN H 109 26.09 -24.01 -6.47
CA GLN H 109 24.86 -23.73 -7.20
C GLN H 109 24.66 -22.22 -7.46
N VAL H 110 25.63 -21.64 -8.13
CA VAL H 110 25.64 -20.23 -8.52
C VAL H 110 26.30 -20.10 -9.88
N GLN H 111 25.95 -19.04 -10.62
CA GLN H 111 26.63 -18.72 -11.86
C GLN H 111 27.96 -18.08 -11.40
N CYS H 112 29.07 -18.62 -11.88
CA CYS H 112 30.40 -18.14 -11.51
C CYS H 112 30.99 -17.21 -12.54
N ILE H 113 30.35 -17.12 -13.70
CA ILE H 113 30.82 -16.27 -14.80
C ILE H 113 29.61 -15.90 -15.68
N SER H 114 29.61 -14.71 -16.23
CA SER H 114 28.55 -14.16 -17.09
C SER H 114 29.12 -12.95 -17.82
N PHE H 115 29.04 -12.96 -19.16
CA PHE H 115 29.52 -11.89 -20.02
C PHE H 115 28.72 -11.82 -21.30
N ILE H 116 28.43 -10.61 -21.73
CA ILE H 116 27.69 -10.34 -22.96
C ILE H 116 28.54 -10.82 -24.16
N ALA H 117 27.94 -11.61 -25.07
CA ALA H 117 28.64 -12.18 -26.22
C ALA H 117 28.16 -11.58 -27.58
N HIS H 118 27.03 -10.87 -27.55
CA HIS H 118 26.41 -10.22 -28.72
C HIS H 118 25.38 -9.23 -28.21
N THR H 119 25.14 -8.16 -28.98
CA THR H 119 24.12 -7.15 -28.70
C THR H 119 23.51 -6.74 -30.04
N PRO H 120 22.26 -6.21 -30.10
CA PRO H 120 21.77 -5.69 -31.38
C PRO H 120 22.55 -4.43 -31.74
N ALA H 121 22.42 -3.94 -32.99
CA ALA H 121 23.09 -2.72 -33.44
C ALA H 121 22.80 -1.51 -32.53
N GLY H 122 21.51 -1.19 -32.34
CA GLY H 122 21.07 -0.06 -31.52
C GLY H 122 20.27 -0.44 -30.29
N TYR H 123 20.61 0.20 -29.15
CA TYR H 123 19.95 0.04 -27.85
C TYR H 123 20.14 1.29 -26.94
C1 RUB I . 5.21 -36.65 -9.16
C2 RUB I . 4.90 -35.97 -7.89
C3 RUB I . 3.56 -36.05 -7.21
C4 RUB I . 2.76 -37.27 -7.52
C5 RUB I . 2.16 -38.01 -6.38
O1 RUB I . 5.79 -35.80 -10.22
O2 RUB I . 5.98 -35.17 -7.32
O3 RUB I . 3.64 -35.77 -5.78
O4 RUB I . 1.75 -36.90 -8.44
O5 RUB I . 0.90 -37.48 -5.95
P1 RUB I . 6.02 -36.42 -11.73
P2 RUB I . -0.62 -38.13 -6.13
O1P RUB I . 7.46 -36.12 -12.09
O2P RUB I . 5.06 -35.60 -12.57
O3P RUB I . 5.67 -37.90 -11.67
O4P RUB I . -0.70 -39.59 -6.14
O5P RUB I . -1.08 -37.48 -7.40
O6P RUB I . -1.31 -37.62 -4.90
P PO4 J . -28.43 -43.26 1.05
O1 PO4 J . -29.54 -42.27 1.32
O2 PO4 J . -28.51 -43.81 -0.35
O3 PO4 J . -27.12 -42.55 1.22
O4 PO4 J . -28.54 -44.38 2.06
C1 RUB K . -36.66 -3.07 -9.72
C2 RUB K . -35.92 -3.27 -8.47
C3 RUB K . -35.75 -2.16 -7.50
C4 RUB K . -37.04 -1.63 -7.01
C5 RUB K . -37.09 -1.29 -5.57
O1 RUB K . -35.92 -3.35 -10.95
O2 RUB K . -35.34 -4.56 -8.17
O3 RUB K . -34.83 -2.54 -6.44
O4 RUB K . -37.25 -0.43 -7.78
O5 RUB K . -38.37 -0.58 -5.25
P1 RUB K . -36.52 -2.96 -12.42
P2 RUB K . -38.33 0.92 -4.64
O1P RUB K . -36.21 -4.14 -13.30
O2P RUB K . -35.80 -1.69 -12.75
O3P RUB K . -38.00 -2.71 -12.24
O4P RUB K . -39.74 1.39 -4.69
O5P RUB K . -37.34 1.69 -5.51
O6P RUB K . -37.80 0.74 -3.24
C1 A8S L . -43.55 24.13 13.70
C2 A8S L . -43.92 24.64 12.37
C3 A8S L . -45.06 24.39 11.71
C4 A8S L . -46.16 23.49 12.17
C5 A8S L . -47.44 23.94 12.42
C6 A8S L . -45.22 25.06 10.41
C7 A8S L . -48.69 23.14 12.96
O7 A8S L . -49.66 23.01 11.97
C8 A8S L . -48.23 21.77 13.43
C9 A8S L . -47.67 21.61 14.64
C10 A8S L . -47.63 22.70 15.63
O10 A8S L . -46.86 22.63 16.57
C11 A8S L . -48.44 23.97 15.40
O11 A8S L . -44.30 23.69 14.57
C12 A8S L . -49.44 23.89 14.18
O12 A8S L . -42.25 24.23 14.03
C13 A8S L . -48.46 20.63 12.52
C14 A8S L . -50.73 23.17 14.60
C15 A8S L . -49.86 25.33 13.80
C1 RUB M . -4.29 37.31 4.71
C2 RUB M . -4.45 36.11 5.55
C3 RUB M . -3.51 35.75 6.68
C4 RUB M . -2.78 36.93 7.24
C5 RUB M . -2.80 37.17 8.69
O1 RUB M . -4.60 37.07 3.30
O2 RUB M . -5.57 35.24 5.29
O3 RUB M . -4.26 35.03 7.69
O4 RUB M . -1.45 36.97 6.77
O5 RUB M . -1.75 36.52 9.41
P1 RUB M . -4.32 38.23 2.16
P2 RUB M . -0.27 37.10 9.92
O1P RUB M . -5.53 38.15 1.27
O2P RUB M . -3.07 37.78 1.44
O3P RUB M . -4.20 39.54 2.89
O4P RUB M . -0.26 38.57 10.15
O5P RUB M . 0.64 36.67 8.82
O6P RUB M . -0.09 36.32 11.18
P PO4 N . 23.27 37.48 27.26
O1 PO4 N . 22.53 38.50 26.44
O2 PO4 N . 22.99 36.09 26.71
O3 PO4 N . 24.73 37.82 27.15
O4 PO4 N . 22.80 37.52 28.70
C1 RUB O . 36.56 3.60 4.51
C2 RUB O . 36.43 3.50 5.98
C3 RUB O . 36.04 2.23 6.64
C4 RUB O . 37.19 1.30 6.84
C5 RUB O . 37.66 0.95 8.21
O1 RUB O . 37.13 4.88 4.02
O2 RUB O . 36.63 4.69 6.80
O3 RUB O . 35.25 2.48 7.82
O4 RUB O . 37.05 0.14 6.03
O5 RUB O . 37.12 -0.25 8.89
P1 RUB O . 38.19 4.94 2.75
P2 RUB O . 37.49 -1.86 8.72
O1P RUB O . 38.29 6.40 2.41
O2P RUB O . 37.56 4.08 1.66
O3P RUB O . 39.50 4.36 3.27
O4P RUB O . 38.93 -2.18 9.08
O5P RUB O . 37.13 -2.11 7.27
O6P RUB O . 36.53 -2.48 9.68
P PO4 P . 38.93 -30.21 16.06
O1 PO4 P . 37.90 -29.21 15.59
O2 PO4 P . 39.21 -31.24 14.97
O3 PO4 P . 40.22 -29.52 16.40
O4 PO4 P . 38.39 -30.90 17.30
#